data_2MZD
#
_entry.id   2MZD
#
loop_
_entity.id
_entity.type
_entity.pdbx_description
1 polymer 'Histone acetyltransferase p300'
2 polymer 'Cellular tumor antigen p53'
#
loop_
_entity_poly.entity_id
_entity_poly.type
_entity_poly.pdbx_seq_one_letter_code
_entity_poly.pdbx_strand_id
1 'polypeptide(L)'
;ATQSPGDSRRLSIQRAIQSLVHAAQCRNANCSLPSCQKMKRVVQHTKGCKRKTNGGCPICKQLIALAAYHAKHCQENKCP
VPFCLNIKQK
;
A
2 'polypeptide(L)' LPSQAMDDLMLSPDDIEQWFTEDPG B
#
# COMPACT_ATOMS: atom_id res chain seq x y z
N ALA A 1 15.02 19.89 -9.09
CA ALA A 1 14.20 19.30 -8.04
C ALA A 1 13.94 17.87 -8.41
N THR A 2 13.65 17.04 -7.44
CA THR A 2 13.39 15.65 -7.71
C THR A 2 11.97 15.47 -8.16
N GLN A 3 11.07 15.69 -7.25
CA GLN A 3 9.70 15.47 -7.43
C GLN A 3 9.08 16.56 -6.59
N SER A 4 8.36 17.48 -7.12
CA SER A 4 7.90 18.54 -6.24
C SER A 4 6.43 18.55 -5.75
N PRO A 5 5.51 17.83 -6.40
CA PRO A 5 4.24 17.48 -5.82
C PRO A 5 4.47 16.42 -4.83
N GLY A 6 5.63 16.13 -4.69
CA GLY A 6 5.81 15.10 -4.05
C GLY A 6 6.77 14.16 -4.35
N ASP A 7 7.92 14.60 -4.22
CA ASP A 7 8.88 13.72 -3.70
C ASP A 7 8.28 13.39 -2.36
N SER A 8 7.72 14.37 -1.75
CA SER A 8 7.08 14.09 -0.60
C SER A 8 5.72 13.31 -0.80
N ARG A 9 4.88 13.58 -1.90
CA ARG A 9 3.72 12.77 -2.15
C ARG A 9 4.18 11.32 -2.43
N ARG A 10 5.06 11.20 -3.44
CA ARG A 10 5.55 9.94 -3.94
C ARG A 10 6.21 9.17 -2.90
N LEU A 11 7.18 9.78 -2.23
CA LEU A 11 7.96 9.10 -1.25
C LEU A 11 7.19 8.72 -0.13
N SER A 12 6.19 9.43 0.10
CA SER A 12 5.33 9.08 1.13
C SER A 12 4.46 7.82 0.71
N ILE A 13 3.97 7.77 -0.56
CA ILE A 13 3.24 6.53 -1.07
C ILE A 13 4.17 5.42 -1.33
N GLN A 14 5.29 5.73 -1.86
CA GLN A 14 6.39 4.79 -1.99
C GLN A 14 6.58 4.03 -0.67
N ARG A 15 6.55 4.75 0.40
CA ARG A 15 6.63 4.18 1.75
C ARG A 15 5.40 3.49 2.16
N ALA A 16 4.35 3.95 1.64
CA ALA A 16 3.05 3.45 1.85
C ALA A 16 2.99 2.12 1.21
N ILE A 17 3.45 2.06 -0.01
CA ILE A 17 3.63 0.84 -0.71
C ILE A 17 4.70 -0.01 -0.09
N GLN A 18 5.89 0.51 0.15
CA GLN A 18 6.96 -0.30 0.72
C GLN A 18 6.53 -0.85 2.03
N SER A 19 5.76 -0.11 2.77
CA SER A 19 5.23 -0.64 3.96
C SER A 19 4.21 -1.63 3.64
N LEU A 20 3.37 -1.30 2.73
CA LEU A 20 2.36 -2.13 2.31
C LEU A 20 2.86 -3.46 1.74
N VAL A 21 3.83 -3.36 0.89
CA VAL A 21 4.47 -4.44 0.25
C VAL A 21 5.09 -5.32 1.29
N HIS A 22 5.76 -4.70 2.18
CA HIS A 22 6.41 -5.36 3.27
C HIS A 22 5.38 -5.99 4.09
N ALA A 23 4.37 -5.29 4.35
CA ALA A 23 3.31 -5.74 5.15
C ALA A 23 2.57 -6.91 4.47
N ALA A 24 2.58 -6.91 3.18
CA ALA A 24 2.03 -7.95 2.40
C ALA A 24 2.89 -9.19 2.48
N GLN A 25 4.16 -8.94 2.31
CA GLN A 25 5.17 -9.94 2.19
C GLN A 25 5.62 -10.46 3.54
N CYS A 26 5.51 -9.63 4.51
CA CYS A 26 5.96 -9.91 5.81
C CYS A 26 4.86 -10.67 6.47
N ARG A 27 5.07 -11.88 6.86
CA ARG A 27 3.99 -12.54 7.47
C ARG A 27 4.41 -13.03 8.80
N ASN A 28 4.30 -12.10 9.62
CA ASN A 28 4.63 -12.17 10.96
C ASN A 28 3.66 -11.26 11.65
N ALA A 29 2.60 -11.72 12.21
CA ALA A 29 1.65 -10.75 12.77
C ALA A 29 2.22 -10.04 13.99
N ASN A 30 3.28 -10.58 14.54
CA ASN A 30 3.97 -9.99 15.66
C ASN A 30 5.33 -9.56 15.26
N CYS A 31 5.47 -9.15 14.00
CA CYS A 31 6.62 -8.36 13.61
C CYS A 31 6.46 -7.22 14.43
N SER A 32 7.43 -6.76 15.15
CA SER A 32 6.99 -5.70 15.77
C SER A 32 7.73 -4.57 15.24
N LEU A 33 7.20 -4.16 14.16
CA LEU A 33 6.98 -2.98 13.73
C LEU A 33 5.46 -2.96 13.70
N PRO A 34 4.79 -2.60 14.74
CA PRO A 34 3.33 -2.43 14.73
C PRO A 34 2.85 -1.51 13.70
N SER A 35 3.70 -0.66 13.25
CA SER A 35 3.39 0.06 12.10
C SER A 35 3.49 -0.86 10.80
N CYS A 36 4.33 -1.96 10.87
CA CYS A 36 4.32 -2.95 9.84
C CYS A 36 3.04 -3.73 9.97
N GLN A 37 2.68 -4.03 11.25
CA GLN A 37 1.44 -4.71 11.66
C GLN A 37 0.32 -4.06 11.11
N LYS A 38 0.34 -2.87 11.26
CA LYS A 38 -0.65 -2.05 10.87
C LYS A 38 -0.94 -2.07 9.37
N MET A 39 0.08 -1.86 8.58
CA MET A 39 -0.06 -1.78 7.13
C MET A 39 -0.59 -3.07 6.59
N LYS A 40 -0.05 -4.04 7.16
CA LYS A 40 -0.30 -5.43 6.98
C LYS A 40 -1.76 -5.65 7.29
N ARG A 41 -2.15 -5.13 8.44
CA ARG A 41 -3.52 -5.08 9.00
C ARG A 41 -4.36 -4.20 8.22
N VAL A 42 -3.75 -3.45 7.39
CA VAL A 42 -4.42 -2.64 6.53
C VAL A 42 -4.75 -3.34 5.30
N VAL A 43 -3.81 -4.07 4.76
CA VAL A 43 -4.05 -5.04 3.78
C VAL A 43 -5.08 -5.97 4.31
N GLN A 44 -4.83 -6.43 5.45
CA GLN A 44 -5.63 -7.36 6.08
C GLN A 44 -6.97 -6.76 6.56
N HIS A 45 -7.02 -5.42 6.77
CA HIS A 45 -8.30 -4.75 7.16
C HIS A 45 -9.12 -4.75 5.97
N THR A 46 -8.52 -4.23 4.97
CA THR A 46 -9.00 -4.22 3.66
C THR A 46 -9.61 -5.56 3.27
N LYS A 47 -8.90 -6.65 3.30
CA LYS A 47 -9.39 -7.87 2.67
C LYS A 47 -10.41 -8.56 3.55
N GLY A 48 -10.31 -8.39 4.87
CA GLY A 48 -11.32 -8.95 5.72
C GLY A 48 -12.54 -8.07 5.69
N CYS A 49 -12.37 -6.92 5.11
CA CYS A 49 -13.46 -6.04 4.85
C CYS A 49 -13.91 -6.30 3.38
N LYS A 50 -15.16 -6.15 3.03
CA LYS A 50 -15.50 -6.05 1.60
C LYS A 50 -16.15 -4.72 1.29
N ARG A 51 -16.44 -4.00 2.35
CA ARG A 51 -16.90 -2.68 2.25
C ARG A 51 -15.76 -1.78 1.81
N LYS A 52 -14.55 -2.42 1.69
CA LYS A 52 -13.30 -1.80 1.35
C LYS A 52 -13.52 -0.82 0.27
N THR A 53 -13.82 -1.32 -0.89
CA THR A 53 -14.25 -0.51 -1.89
C THR A 53 -15.78 -0.37 -1.97
N ASN A 54 -16.51 -1.52 -1.69
CA ASN A 54 -17.97 -1.61 -1.96
C ASN A 54 -18.77 -0.60 -1.18
N GLY A 55 -18.27 -0.28 -0.07
CA GLY A 55 -18.98 0.61 0.79
C GLY A 55 -18.39 1.93 0.65
N GLY A 56 -17.19 1.94 0.97
CA GLY A 56 -16.38 3.08 0.88
C GLY A 56 -15.60 3.21 2.07
N CYS A 57 -14.77 2.23 2.33
CA CYS A 57 -13.97 2.38 3.51
C CYS A 57 -12.59 2.61 3.00
N PRO A 58 -12.17 3.87 2.55
CA PRO A 58 -10.96 3.73 1.82
C PRO A 58 -9.66 3.76 2.63
N ILE A 59 -9.35 2.64 3.11
CA ILE A 59 -8.14 2.29 3.51
C ILE A 59 -7.57 1.52 2.42
N CYS A 60 -8.40 0.50 2.07
CA CYS A 60 -8.42 -0.45 0.96
C CYS A 60 -8.54 0.20 -0.33
N LYS A 61 -9.16 1.28 -0.31
CA LYS A 61 -9.37 1.99 -1.48
C LYS A 61 -8.22 2.74 -1.75
N GLN A 62 -7.73 3.45 -0.75
CA GLN A 62 -6.52 4.10 -1.02
C GLN A 62 -5.37 3.11 -1.01
N LEU A 63 -5.59 1.96 -0.40
CA LEU A 63 -4.75 0.82 -0.47
C LEU A 63 -4.82 0.14 -1.81
N ILE A 64 -5.99 -0.18 -2.35
CA ILE A 64 -6.12 -0.63 -3.75
C ILE A 64 -5.45 0.34 -4.61
N ALA A 65 -5.68 1.57 -4.35
CA ALA A 65 -5.01 2.61 -5.01
C ALA A 65 -3.52 2.41 -4.89
N LEU A 66 -3.10 2.39 -3.68
CA LEU A 66 -1.77 2.18 -3.30
C LEU A 66 -1.16 0.88 -3.93
N ALA A 67 -1.78 -0.24 -3.64
CA ALA A 67 -1.44 -1.54 -4.08
C ALA A 67 -1.52 -1.68 -5.60
N ALA A 68 -2.63 -1.28 -6.19
CA ALA A 68 -2.86 -1.40 -7.66
C ALA A 68 -2.03 -0.50 -8.48
N TYR A 69 -1.96 0.74 -8.12
CA TYR A 69 -1.15 1.65 -8.81
C TYR A 69 0.32 1.29 -8.57
N HIS A 70 0.54 0.58 -7.49
CA HIS A 70 1.85 -0.08 -7.23
C HIS A 70 2.05 -1.19 -8.22
N ALA A 71 1.11 -2.08 -8.18
CA ALA A 71 1.01 -3.28 -8.97
C ALA A 71 1.31 -3.00 -10.35
N LYS A 72 0.65 -1.98 -10.77
CA LYS A 72 0.70 -1.45 -12.09
C LYS A 72 2.18 -1.31 -12.55
N HIS A 73 3.05 -0.98 -11.58
CA HIS A 73 4.49 -0.92 -11.81
C HIS A 73 5.33 -2.14 -11.26
N CYS A 74 4.97 -2.81 -10.12
CA CYS A 74 5.76 -3.97 -9.70
C CYS A 74 5.35 -5.12 -10.64
N GLN A 75 6.17 -5.56 -11.61
CA GLN A 75 5.72 -6.68 -12.41
C GLN A 75 6.00 -7.95 -11.63
N GLU A 76 5.03 -8.39 -10.84
CA GLU A 76 5.15 -9.61 -10.11
C GLU A 76 3.78 -10.20 -9.89
N ASN A 77 3.74 -11.48 -9.94
CA ASN A 77 2.53 -12.23 -9.97
C ASN A 77 2.39 -13.18 -8.77
N LYS A 78 3.31 -13.10 -7.81
CA LYS A 78 3.45 -14.24 -6.94
C LYS A 78 3.50 -14.03 -5.41
N CYS A 79 4.17 -13.02 -4.88
CA CYS A 79 4.32 -13.04 -3.43
C CYS A 79 3.45 -12.14 -2.53
N PRO A 80 3.70 -10.83 -2.37
CA PRO A 80 3.12 -10.08 -1.32
C PRO A 80 1.72 -9.49 -1.52
N VAL A 81 1.63 -8.48 -2.34
CA VAL A 81 0.59 -7.49 -2.20
C VAL A 81 -0.76 -7.74 -2.88
N PRO A 82 -1.88 -7.31 -2.12
CA PRO A 82 -3.22 -7.11 -2.59
C PRO A 82 -3.10 -6.19 -3.74
N PHE A 83 -4.12 -5.94 -4.37
CA PHE A 83 -4.09 -5.84 -5.78
C PHE A 83 -2.86 -5.15 -6.40
N CYS A 84 -2.01 -6.05 -6.45
CA CYS A 84 -0.73 -6.35 -6.87
C CYS A 84 -1.14 -7.68 -7.33
N LEU A 85 -0.37 -8.73 -7.20
CA LEU A 85 -0.55 -10.11 -7.90
C LEU A 85 -2.05 -10.73 -8.11
N ASN A 86 -3.07 -9.91 -7.98
CA ASN A 86 -4.47 -10.17 -8.28
C ASN A 86 -4.93 -9.18 -9.40
N ILE A 87 -4.38 -7.92 -9.39
CA ILE A 87 -4.59 -6.96 -10.53
C ILE A 87 -3.62 -7.40 -11.58
N LYS A 88 -2.56 -7.98 -11.09
CA LYS A 88 -1.51 -8.48 -11.90
C LYS A 88 -1.81 -9.90 -12.16
N GLN A 89 -2.78 -10.09 -12.95
CA GLN A 89 -3.09 -11.36 -13.45
C GLN A 89 -3.34 -11.16 -14.90
N LYS A 90 -2.35 -11.37 -15.71
CA LYS A 90 -2.49 -11.15 -17.10
C LYS A 90 -1.94 -12.36 -17.82
N LEU B 1 12.65 -5.20 -6.76
CA LEU B 1 11.29 -5.07 -7.25
C LEU B 1 10.94 -3.59 -7.34
N PRO B 2 10.18 -3.17 -8.36
CA PRO B 2 9.74 -1.79 -8.46
C PRO B 2 8.58 -1.51 -7.50
N SER B 3 8.89 -1.09 -6.32
CA SER B 3 7.89 -0.74 -5.37
C SER B 3 7.65 0.75 -5.42
N GLN B 4 8.67 1.49 -5.72
CA GLN B 4 8.60 2.92 -5.77
C GLN B 4 8.26 3.39 -7.16
N ALA B 5 7.44 4.42 -7.27
CA ALA B 5 7.17 5.06 -8.55
C ALA B 5 6.49 6.36 -8.32
N MET B 6 6.44 7.16 -9.37
CA MET B 6 5.82 8.47 -9.35
C MET B 6 4.36 8.40 -8.89
N ASP B 7 3.93 9.44 -8.19
CA ASP B 7 2.59 9.55 -7.57
C ASP B 7 1.51 9.86 -8.61
N ASP B 8 1.87 9.69 -9.85
CA ASP B 8 0.96 9.86 -10.97
C ASP B 8 0.08 8.64 -11.10
N LEU B 9 0.65 7.55 -10.71
CA LEU B 9 0.02 6.25 -10.69
C LEU B 9 -1.01 6.22 -9.64
N MET B 10 -0.52 6.28 -8.50
CA MET B 10 -1.26 6.16 -7.27
C MET B 10 -2.18 7.33 -7.00
N LEU B 11 -3.41 7.05 -6.48
CA LEU B 11 -4.28 8.18 -6.08
C LEU B 11 -3.84 8.66 -4.69
N SER B 12 -4.65 9.53 -4.03
CA SER B 12 -4.35 10.11 -2.72
C SER B 12 -3.71 9.09 -1.77
N PRO B 13 -2.45 9.28 -1.47
CA PRO B 13 -1.64 8.39 -0.61
C PRO B 13 -2.07 8.42 0.83
N ASP B 14 -2.85 9.42 1.14
CA ASP B 14 -3.17 9.94 2.49
C ASP B 14 -3.39 8.88 3.57
N ASP B 15 -4.02 7.80 3.22
CA ASP B 15 -4.31 6.77 4.20
C ASP B 15 -3.17 5.91 4.66
N ILE B 16 -2.58 5.18 3.76
CA ILE B 16 -1.77 4.05 4.06
C ILE B 16 -0.46 4.43 4.63
N GLU B 17 -0.12 5.57 4.30
CA GLU B 17 1.03 6.33 4.87
C GLU B 17 0.87 6.43 6.39
N GLN B 18 -0.32 6.63 6.85
CA GLN B 18 -0.53 6.72 8.27
C GLN B 18 -0.42 5.33 8.85
N TRP B 19 -0.65 4.36 7.99
CA TRP B 19 -0.68 3.04 8.43
C TRP B 19 0.75 2.49 8.36
N PHE B 20 1.49 3.02 7.43
CA PHE B 20 2.90 2.79 7.31
C PHE B 20 3.58 3.28 8.57
N THR B 21 3.44 4.54 8.86
CA THR B 21 3.98 5.10 10.02
C THR B 21 3.17 6.31 10.49
N GLU B 22 2.29 6.09 11.40
CA GLU B 22 1.81 7.18 12.20
C GLU B 22 2.68 7.13 13.46
N ASP B 23 2.45 7.95 14.43
CA ASP B 23 3.23 7.83 15.63
C ASP B 23 2.36 7.26 16.74
N PRO B 24 2.53 5.96 17.06
CA PRO B 24 1.80 5.33 18.13
C PRO B 24 2.69 5.14 19.36
N GLY B 25 3.80 5.80 19.33
CA GLY B 25 4.80 5.64 20.33
C GLY B 25 5.60 4.41 20.02
N ALA A 1 10.70 18.86 -13.97
CA ALA A 1 9.63 18.57 -13.03
C ALA A 1 9.45 17.07 -12.92
N THR A 2 9.78 16.51 -11.78
CA THR A 2 9.71 15.08 -11.60
C THR A 2 9.52 14.69 -10.12
N GLN A 3 10.01 15.49 -9.19
CA GLN A 3 10.13 15.05 -7.86
C GLN A 3 9.90 16.23 -6.94
N SER A 4 8.95 17.10 -7.27
CA SER A 4 8.82 18.28 -6.44
C SER A 4 7.59 18.40 -5.54
N PRO A 5 6.32 18.40 -6.00
CA PRO A 5 5.23 18.33 -5.04
C PRO A 5 5.22 16.88 -4.68
N GLY A 6 5.69 16.15 -5.69
CA GLY A 6 5.85 14.75 -5.83
C GLY A 6 6.99 13.96 -5.34
N ASP A 7 8.23 14.32 -4.87
CA ASP A 7 9.10 13.27 -4.50
C ASP A 7 8.54 12.96 -3.15
N SER A 8 8.36 13.97 -2.38
CA SER A 8 7.92 13.72 -1.13
C SER A 8 6.42 13.20 -1.07
N ARG A 9 5.49 13.62 -2.03
CA ARG A 9 4.18 13.03 -2.12
C ARG A 9 4.36 11.54 -2.50
N ARG A 10 5.08 11.30 -3.62
CA ARG A 10 5.25 9.95 -4.18
C ARG A 10 5.97 9.04 -3.29
N LEU A 11 7.08 9.49 -2.78
CA LEU A 11 7.91 8.73 -1.91
C LEU A 11 7.25 8.45 -0.68
N SER A 12 6.38 9.32 -0.29
CA SER A 12 5.64 9.08 0.93
C SER A 12 4.67 7.88 0.69
N ILE A 13 4.13 7.78 -0.52
CA ILE A 13 3.29 6.61 -0.87
C ILE A 13 4.08 5.43 -1.29
N GLN A 14 5.19 5.66 -1.89
CA GLN A 14 6.15 4.64 -2.14
C GLN A 14 6.45 3.93 -0.82
N ARG A 15 6.51 4.72 0.24
CA ARG A 15 6.66 4.23 1.65
C ARG A 15 5.43 3.59 2.18
N ALA A 16 4.36 4.03 1.68
CA ALA A 16 3.05 3.54 1.97
C ALA A 16 2.95 2.19 1.38
N ILE A 17 3.38 2.08 0.17
CA ILE A 17 3.59 0.85 -0.48
C ILE A 17 4.64 0.04 0.20
N GLN A 18 5.83 0.58 0.44
CA GLN A 18 6.91 -0.15 1.10
C GLN A 18 6.45 -0.69 2.38
N SER A 19 5.62 0.06 3.08
CA SER A 19 5.06 -0.46 4.25
C SER A 19 4.09 -1.48 3.96
N LEU A 20 3.27 -1.20 3.00
CA LEU A 20 2.28 -2.08 2.59
C LEU A 20 2.84 -3.41 2.06
N VAL A 21 3.84 -3.31 1.25
CA VAL A 21 4.58 -4.36 0.68
C VAL A 21 5.21 -5.17 1.75
N HIS A 22 5.81 -4.47 2.65
CA HIS A 22 6.48 -5.06 3.78
C HIS A 22 5.48 -5.72 4.58
N ALA A 23 4.42 -5.11 4.76
CA ALA A 23 3.36 -5.60 5.55
C ALA A 23 2.76 -6.89 4.89
N ALA A 24 2.84 -6.95 3.58
CA ALA A 24 2.46 -8.11 2.82
C ALA A 24 3.50 -9.19 2.97
N GLN A 25 4.71 -8.78 2.78
CA GLN A 25 5.83 -9.63 2.68
C GLN A 25 6.34 -10.06 4.05
N CYS A 26 6.11 -9.24 5.02
CA CYS A 26 6.51 -9.48 6.34
C CYS A 26 5.43 -10.36 6.88
N ARG A 27 5.72 -11.53 7.33
CA ARG A 27 4.62 -12.32 7.74
C ARG A 27 4.86 -12.88 9.07
N ASN A 28 4.56 -12.00 9.92
CA ASN A 28 4.57 -12.13 11.29
C ASN A 28 3.43 -11.24 11.74
N ALA A 29 2.38 -11.72 12.33
CA ALA A 29 1.31 -10.79 12.70
C ALA A 29 1.64 -10.00 13.95
N ASN A 30 2.68 -10.43 14.63
CA ASN A 30 3.21 -9.78 15.83
C ASN A 30 4.64 -9.44 15.62
N CYS A 31 4.96 -9.01 14.41
CA CYS A 31 6.22 -8.35 14.20
C CYS A 31 6.09 -7.19 15.04
N SER A 32 7.04 -6.82 15.87
CA SER A 32 6.59 -5.70 16.45
C SER A 32 7.34 -4.62 15.78
N LEU A 33 6.83 -4.30 14.66
CA LEU A 33 6.67 -3.18 14.08
C LEU A 33 5.16 -3.03 13.98
N PRO A 34 4.49 -2.55 14.96
CA PRO A 34 3.03 -2.27 14.86
C PRO A 34 2.64 -1.36 13.76
N SER A 35 3.54 -0.57 13.28
CA SER A 35 3.23 0.08 12.10
C SER A 35 3.34 -0.88 10.87
N CYS A 36 4.17 -2.02 10.99
CA CYS A 36 4.11 -3.02 9.99
C CYS A 36 2.75 -3.60 10.11
N GLN A 37 2.44 -3.98 11.39
CA GLN A 37 1.18 -4.58 11.83
C GLN A 37 0.06 -3.92 11.30
N LYS A 38 0.06 -2.71 11.44
CA LYS A 38 -0.96 -1.96 11.01
C LYS A 38 -1.21 -2.01 9.50
N MET A 39 -0.16 -1.75 8.74
CA MET A 39 -0.25 -1.70 7.29
C MET A 39 -0.71 -3.02 6.76
N LYS A 40 -0.14 -3.94 7.37
CA LYS A 40 -0.33 -5.33 7.22
C LYS A 40 -1.76 -5.64 7.45
N ARG A 41 -2.26 -5.07 8.51
CA ARG A 41 -3.64 -5.15 9.02
C ARG A 41 -4.50 -4.38 8.21
N VAL A 42 -3.92 -3.58 7.41
CA VAL A 42 -4.54 -2.82 6.50
C VAL A 42 -4.72 -3.60 5.19
N VAL A 43 -3.66 -4.29 4.75
CA VAL A 43 -3.72 -5.30 3.77
C VAL A 43 -4.75 -6.28 4.21
N GLN A 44 -4.60 -6.68 5.37
CA GLN A 44 -5.43 -7.61 5.95
C GLN A 44 -6.81 -7.02 6.27
N HIS A 45 -6.87 -5.65 6.43
CA HIS A 45 -8.17 -4.99 6.70
C HIS A 45 -8.96 -5.08 5.55
N THR A 46 -8.37 -4.67 4.48
CA THR A 46 -9.01 -4.70 3.22
C THR A 46 -9.59 -6.05 2.96
N LYS A 47 -8.81 -7.05 3.07
CA LYS A 47 -9.21 -8.33 2.56
C LYS A 47 -10.33 -8.94 3.35
N GLY A 48 -10.33 -8.72 4.63
CA GLY A 48 -11.44 -9.20 5.38
C GLY A 48 -12.61 -8.27 5.22
N CYS A 49 -12.30 -7.06 4.86
CA CYS A 49 -13.31 -6.04 4.69
C CYS A 49 -13.69 -5.91 3.25
N LYS A 50 -14.51 -6.79 2.61
CA LYS A 50 -14.82 -6.63 1.12
C LYS A 50 -15.68 -5.38 0.89
N ARG A 51 -15.97 -4.79 1.98
CA ARG A 51 -16.47 -3.49 2.03
C ARG A 51 -15.42 -2.49 1.53
N LYS A 52 -14.24 -3.05 1.20
CA LYS A 52 -13.07 -2.39 0.79
C LYS A 52 -13.38 -1.28 -0.11
N THR A 53 -13.77 -1.58 -1.28
CA THR A 53 -14.31 -0.67 -2.05
C THR A 53 -15.84 -0.60 -1.94
N ASN A 54 -16.51 -1.79 -1.56
CA ASN A 54 -17.99 -1.86 -1.63
C ASN A 54 -18.68 -0.80 -0.77
N GLY A 55 -18.20 -0.62 0.43
CA GLY A 55 -18.86 0.26 1.35
C GLY A 55 -18.14 1.56 1.52
N GLY A 56 -17.10 1.77 0.73
CA GLY A 56 -16.33 2.95 0.85
C GLY A 56 -15.64 3.01 2.13
N CYS A 57 -14.89 2.01 2.41
CA CYS A 57 -14.11 2.07 3.60
C CYS A 57 -12.74 2.33 3.11
N PRO A 58 -12.32 3.62 2.81
CA PRO A 58 -11.15 3.56 2.02
C PRO A 58 -9.79 3.50 2.76
N ILE A 59 -9.52 2.39 3.15
CA ILE A 59 -8.30 1.93 3.42
C ILE A 59 -7.85 1.20 2.36
N CYS A 60 -8.67 0.23 2.08
CA CYS A 60 -8.68 -0.71 1.00
C CYS A 60 -8.71 -0.02 -0.26
N LYS A 61 -9.39 1.03 -0.27
CA LYS A 61 -9.56 1.77 -1.41
C LYS A 61 -8.37 2.52 -1.64
N GLN A 62 -7.87 3.17 -0.61
CA GLN A 62 -6.68 3.88 -0.87
C GLN A 62 -5.45 3.00 -0.87
N LEU A 63 -5.56 1.90 -0.22
CA LEU A 63 -4.67 0.76 -0.28
C LEU A 63 -4.74 0.10 -1.63
N ILE A 64 -5.91 -0.18 -2.16
CA ILE A 64 -6.02 -0.64 -3.56
C ILE A 64 -5.38 0.35 -4.43
N ALA A 65 -5.75 1.56 -4.24
CA ALA A 65 -5.15 2.67 -4.92
C ALA A 65 -3.63 2.59 -4.82
N LEU A 66 -3.22 2.42 -3.60
CA LEU A 66 -1.88 2.29 -3.23
C LEU A 66 -1.17 1.05 -3.87
N ALA A 67 -1.67 -0.11 -3.51
CA ALA A 67 -1.24 -1.36 -3.96
C ALA A 67 -1.31 -1.46 -5.47
N ALA A 68 -2.42 -1.01 -6.03
CA ALA A 68 -2.64 -1.04 -7.44
C ALA A 68 -1.79 -0.14 -8.19
N TYR A 69 -1.47 1.08 -7.73
CA TYR A 69 -0.60 1.89 -8.55
C TYR A 69 0.75 1.27 -8.57
N HIS A 70 1.03 0.58 -7.49
CA HIS A 70 2.30 -0.12 -7.36
C HIS A 70 2.34 -1.21 -8.37
N ALA A 71 1.32 -2.00 -8.29
CA ALA A 71 1.04 -3.12 -9.16
C ALA A 71 1.11 -2.70 -10.59
N LYS A 72 0.41 -1.66 -10.83
CA LYS A 72 0.29 -1.03 -12.09
C LYS A 72 1.69 -0.77 -12.73
N HIS A 73 2.61 -0.25 -11.90
CA HIS A 73 4.02 0.01 -12.35
C HIS A 73 4.95 -1.24 -12.19
N CYS A 74 4.72 -2.07 -11.18
CA CYS A 74 5.54 -3.22 -10.92
C CYS A 74 5.09 -4.45 -11.75
N GLN A 75 5.86 -4.87 -12.77
CA GLN A 75 5.46 -6.05 -13.46
C GLN A 75 6.07 -7.27 -12.77
N GLU A 76 5.33 -7.82 -11.82
CA GLU A 76 5.66 -9.00 -11.11
C GLU A 76 4.38 -9.49 -10.58
N ASN A 77 4.27 -10.75 -10.41
CA ASN A 77 3.01 -11.31 -10.04
C ASN A 77 3.11 -11.97 -8.70
N LYS A 78 4.25 -11.81 -8.13
CA LYS A 78 4.53 -12.28 -6.83
C LYS A 78 4.88 -11.16 -5.88
N CYS A 79 4.53 -9.93 -6.21
CA CYS A 79 4.65 -8.92 -5.21
C CYS A 79 3.58 -9.28 -4.20
N PRO A 80 3.96 -9.47 -2.93
CA PRO A 80 3.09 -10.06 -1.83
C PRO A 80 1.86 -9.30 -1.48
N VAL A 81 1.46 -8.47 -2.34
CA VAL A 81 0.59 -7.45 -2.00
C VAL A 81 -0.75 -7.51 -2.73
N PRO A 82 -1.82 -7.01 -1.94
CA PRO A 82 -3.10 -6.63 -2.41
C PRO A 82 -2.92 -5.71 -3.54
N PHE A 83 -3.95 -5.31 -4.11
CA PHE A 83 -3.97 -5.32 -5.47
C PHE A 83 -2.79 -4.82 -6.33
N CYS A 84 -2.06 -5.83 -6.39
CA CYS A 84 -0.97 -6.37 -7.03
C CYS A 84 -1.65 -7.71 -7.17
N LEU A 85 -0.98 -8.84 -7.13
CA LEU A 85 -1.33 -10.20 -7.84
C LEU A 85 -2.87 -10.68 -8.06
N ASN A 86 -3.80 -9.81 -7.94
CA ASN A 86 -5.18 -9.95 -8.33
C ASN A 86 -5.51 -8.83 -9.35
N ILE A 87 -4.82 -7.63 -9.22
CA ILE A 87 -4.91 -6.58 -10.28
C ILE A 87 -4.05 -7.04 -11.44
N LYS A 88 -3.17 -7.96 -11.13
CA LYS A 88 -2.28 -8.49 -12.09
C LYS A 88 -2.60 -9.95 -12.30
N GLN A 89 -3.67 -10.24 -12.99
CA GLN A 89 -3.92 -11.61 -13.30
C GLN A 89 -4.25 -11.74 -14.77
N LYS A 90 -3.24 -12.04 -15.57
CA LYS A 90 -3.40 -12.33 -16.97
C LYS A 90 -2.01 -12.42 -17.56
N LEU B 1 -2.43 19.55 -12.65
CA LEU B 1 -1.17 19.17 -13.28
C LEU B 1 -0.93 17.68 -13.08
N PRO B 2 -0.59 16.92 -14.15
CA PRO B 2 -0.29 15.46 -14.09
C PRO B 2 1.03 15.13 -13.35
N SER B 3 1.34 15.89 -12.34
CA SER B 3 2.49 15.72 -11.52
C SER B 3 2.18 14.65 -10.46
N GLN B 4 3.20 14.22 -9.69
CA GLN B 4 3.04 13.19 -8.66
C GLN B 4 2.66 11.88 -9.36
N ALA B 5 1.95 11.01 -8.71
CA ALA B 5 1.50 9.84 -9.39
C ALA B 5 0.18 10.17 -10.03
N MET B 6 -0.09 9.62 -11.18
CA MET B 6 -1.34 9.88 -11.85
C MET B 6 -2.49 9.33 -11.02
N ASP B 7 -3.57 10.04 -10.98
CA ASP B 7 -4.66 9.74 -10.07
C ASP B 7 -5.56 8.57 -10.53
N ASP B 8 -5.15 7.91 -11.59
CA ASP B 8 -5.81 6.63 -11.99
C ASP B 8 -5.04 5.48 -11.38
N LEU B 9 -3.85 5.79 -10.98
CA LEU B 9 -2.93 4.89 -10.32
C LEU B 9 -3.17 5.04 -8.86
N MET B 10 -3.04 6.20 -8.46
CA MET B 10 -3.01 6.59 -7.08
C MET B 10 -4.23 7.47 -6.65
N LEU B 11 -4.91 7.07 -5.56
CA LEU B 11 -5.89 8.01 -4.89
C LEU B 11 -5.11 8.95 -3.95
N SER B 12 -5.77 9.68 -3.02
CA SER B 12 -5.03 10.45 -2.04
C SER B 12 -4.02 9.56 -1.27
N PRO B 13 -2.73 9.85 -1.42
CA PRO B 13 -1.63 9.03 -0.88
C PRO B 13 -1.63 8.95 0.62
N ASP B 14 -2.06 10.02 1.19
CA ASP B 14 -1.96 10.36 2.59
C ASP B 14 -2.51 9.30 3.55
N ASP B 15 -3.45 8.52 3.10
CA ASP B 15 -4.11 7.59 3.97
C ASP B 15 -3.32 6.36 4.35
N ILE B 16 -2.63 5.73 3.43
CA ILE B 16 -1.97 4.48 3.71
C ILE B 16 -0.74 4.74 4.48
N GLU B 17 -0.29 5.86 4.25
CA GLU B 17 0.73 6.55 5.01
C GLU B 17 0.36 6.62 6.51
N GLN B 18 -0.90 6.70 6.82
CA GLN B 18 -1.28 6.74 8.22
C GLN B 18 -1.14 5.34 8.79
N TRP B 19 -1.29 4.39 7.92
CA TRP B 19 -1.26 3.04 8.34
C TRP B 19 0.19 2.57 8.30
N PHE B 20 0.96 3.21 7.45
CA PHE B 20 2.39 3.06 7.38
C PHE B 20 3.02 3.59 8.66
N THR B 21 2.67 4.79 9.06
CA THR B 21 3.11 5.25 10.33
C THR B 21 2.19 6.27 10.98
N GLU B 22 1.35 5.78 11.77
CA GLU B 22 0.76 6.57 12.77
C GLU B 22 1.40 6.19 14.04
N ASP B 23 2.24 7.05 14.47
CA ASP B 23 3.12 6.87 15.63
C ASP B 23 2.31 6.71 16.90
N PRO B 24 2.36 5.53 17.50
CA PRO B 24 1.64 5.26 18.72
C PRO B 24 2.43 5.69 19.96
N GLY B 25 1.73 5.95 21.00
CA GLY B 25 2.33 6.34 22.23
C GLY B 25 1.96 5.36 23.29
N ALA A 1 8.37 16.66 -13.85
CA ALA A 1 9.28 16.59 -12.71
C ALA A 1 8.86 15.44 -11.82
N THR A 2 9.63 14.39 -11.87
CA THR A 2 9.36 13.09 -11.25
C THR A 2 9.19 13.12 -9.72
N GLN A 3 9.54 14.21 -9.07
CA GLN A 3 9.59 14.26 -7.70
C GLN A 3 9.28 15.67 -7.31
N SER A 4 8.03 16.08 -7.55
CA SER A 4 7.67 17.46 -7.28
C SER A 4 6.37 17.70 -6.51
N PRO A 5 5.12 17.49 -6.98
CA PRO A 5 3.98 17.44 -6.05
C PRO A 5 4.20 16.14 -5.36
N GLY A 6 4.84 15.34 -6.21
CA GLY A 6 5.30 14.03 -6.07
C GLY A 6 6.53 13.69 -5.33
N ASP A 7 7.64 14.36 -4.85
CA ASP A 7 8.66 13.62 -4.23
C ASP A 7 8.03 13.35 -2.91
N SER A 8 7.41 14.36 -2.38
CA SER A 8 6.84 14.18 -1.14
C SER A 8 5.54 13.28 -1.21
N ARG A 9 4.67 13.41 -2.29
CA ARG A 9 3.57 12.50 -2.46
C ARG A 9 4.13 11.12 -2.64
N ARG A 10 5.08 10.99 -3.57
CA ARG A 10 5.66 9.74 -3.93
C ARG A 10 6.26 9.07 -2.79
N LEU A 11 7.18 9.72 -2.09
CA LEU A 11 7.83 9.09 -1.01
C LEU A 11 6.91 8.70 0.02
N SER A 12 5.92 9.47 0.19
CA SER A 12 4.88 9.13 1.11
C SER A 12 4.18 7.78 0.65
N ILE A 13 3.86 7.67 -0.65
CA ILE A 13 3.21 6.40 -1.23
C ILE A 13 4.18 5.33 -1.38
N GLN A 14 5.32 5.64 -1.88
CA GLN A 14 6.40 4.72 -1.94
C GLN A 14 6.57 4.04 -0.58
N ARG A 15 6.50 4.78 0.49
CA ARG A 15 6.53 4.23 1.86
C ARG A 15 5.30 3.50 2.21
N ALA A 16 4.25 3.95 1.65
CA ALA A 16 2.95 3.43 1.84
C ALA A 16 2.94 2.08 1.25
N ILE A 17 3.42 2.01 0.06
CA ILE A 17 3.64 0.81 -0.65
C ILE A 17 4.73 -0.02 -0.01
N GLN A 18 5.90 0.53 0.24
CA GLN A 18 7.01 -0.23 0.85
C GLN A 18 6.55 -0.83 2.12
N SER A 19 5.75 -0.10 2.85
CA SER A 19 5.24 -0.65 4.04
C SER A 19 4.23 -1.62 3.74
N LEU A 20 3.36 -1.30 2.84
CA LEU A 20 2.35 -2.14 2.44
C LEU A 20 2.86 -3.46 1.87
N VAL A 21 3.83 -3.37 1.03
CA VAL A 21 4.51 -4.44 0.41
C VAL A 21 5.13 -5.30 1.46
N HIS A 22 5.77 -4.65 2.35
CA HIS A 22 6.44 -5.29 3.47
C HIS A 22 5.43 -5.93 4.28
N ALA A 23 4.39 -5.27 4.49
CA ALA A 23 3.34 -5.72 5.30
C ALA A 23 2.58 -6.88 4.60
N ALA A 24 2.66 -6.93 3.32
CA ALA A 24 2.14 -8.02 2.54
C ALA A 24 3.08 -9.21 2.66
N GLN A 25 4.32 -8.90 2.49
CA GLN A 25 5.39 -9.82 2.36
C GLN A 25 5.88 -10.32 3.71
N CYS A 26 5.67 -9.55 4.69
CA CYS A 26 6.03 -9.87 6.00
C CYS A 26 4.79 -10.46 6.59
N ARG A 27 4.79 -11.70 6.99
CA ARG A 27 3.57 -12.19 7.50
C ARG A 27 3.79 -12.79 8.79
N ASN A 28 3.75 -11.88 9.67
CA ASN A 28 3.91 -12.04 11.04
C ASN A 28 2.99 -11.02 11.65
N ALA A 29 1.81 -11.38 12.05
CA ALA A 29 0.89 -10.39 12.58
C ALA A 29 1.36 -9.80 13.90
N ASN A 30 2.31 -10.45 14.52
CA ASN A 30 2.84 -10.02 15.79
C ASN A 30 4.30 -9.70 15.69
N CYS A 31 4.75 -9.29 14.52
CA CYS A 31 6.05 -8.69 14.37
C CYS A 31 5.92 -7.50 15.18
N SER A 32 6.85 -7.11 15.98
CA SER A 32 6.43 -5.99 16.55
C SER A 32 7.29 -4.94 16.00
N LEU A 33 6.87 -4.55 14.85
CA LEU A 33 6.78 -3.39 14.32
C LEU A 33 5.27 -3.24 14.16
N PRO A 34 4.54 -2.79 15.12
CA PRO A 34 3.10 -2.50 14.98
C PRO A 34 2.78 -1.54 13.91
N SER A 35 3.73 -0.84 13.48
CA SER A 35 3.56 -0.14 12.29
C SER A 35 3.69 -1.09 11.03
N CYS A 36 4.49 -2.23 11.17
CA CYS A 36 4.46 -3.27 10.19
C CYS A 36 3.09 -3.85 10.26
N GLN A 37 2.68 -4.15 11.52
CA GLN A 37 1.38 -4.72 11.89
C GLN A 37 0.32 -4.04 11.30
N LYS A 38 0.35 -2.84 11.46
CA LYS A 38 -0.62 -2.01 11.04
C LYS A 38 -0.88 -2.04 9.52
N MET A 39 0.15 -1.85 8.74
CA MET A 39 0.02 -1.80 7.26
C MET A 39 -0.45 -3.13 6.76
N LYS A 40 0.07 -4.07 7.42
CA LYS A 40 -0.13 -5.47 7.25
C LYS A 40 -1.58 -5.71 7.53
N ARG A 41 -2.02 -5.18 8.65
CA ARG A 41 -3.40 -5.13 9.14
C ARG A 41 -4.21 -4.30 8.28
N VAL A 42 -3.58 -3.56 7.41
CA VAL A 42 -4.22 -2.81 6.48
C VAL A 42 -4.52 -3.56 5.20
N VAL A 43 -3.53 -4.31 4.76
CA VAL A 43 -3.71 -5.35 3.80
C VAL A 43 -4.74 -6.28 4.33
N GLN A 44 -4.57 -6.62 5.52
CA GLN A 44 -5.37 -7.52 6.17
C GLN A 44 -6.72 -6.87 6.57
N HIS A 45 -6.72 -5.50 6.72
CA HIS A 45 -7.96 -4.76 7.06
C HIS A 45 -8.81 -4.86 5.95
N THR A 46 -8.27 -4.50 4.84
CA THR A 46 -8.98 -4.51 3.64
C THR A 46 -9.61 -5.84 3.43
N LYS A 47 -8.84 -6.85 3.36
CA LYS A 47 -9.30 -8.13 2.95
C LYS A 47 -10.38 -8.73 3.78
N GLY A 48 -10.32 -8.56 5.07
CA GLY A 48 -11.41 -9.03 5.86
C GLY A 48 -12.55 -8.04 5.79
N CYS A 49 -12.24 -6.82 5.44
CA CYS A 49 -13.22 -5.76 5.36
C CYS A 49 -13.69 -5.53 3.94
N LYS A 50 -14.56 -6.37 3.34
CA LYS A 50 -14.90 -6.19 1.87
C LYS A 50 -15.64 -4.89 1.57
N ARG A 51 -15.97 -4.24 2.64
CA ARG A 51 -16.46 -2.91 2.59
C ARG A 51 -15.40 -1.94 2.02
N LYS A 52 -14.21 -2.53 1.77
CA LYS A 52 -13.03 -1.91 1.34
C LYS A 52 -13.31 -0.85 0.30
N THR A 53 -13.63 -1.26 -0.87
CA THR A 53 -14.12 -0.47 -1.80
C THR A 53 -15.67 -0.45 -1.80
N ASN A 54 -16.32 -1.57 -1.25
CA ASN A 54 -17.79 -1.76 -1.44
C ASN A 54 -18.60 -0.64 -0.85
N GLY A 55 -18.22 -0.25 0.30
CA GLY A 55 -18.94 0.81 0.97
C GLY A 55 -18.27 2.09 0.68
N GLY A 56 -17.09 2.10 1.10
CA GLY A 56 -16.21 3.18 0.95
C GLY A 56 -15.37 3.25 2.11
N CYS A 57 -14.61 2.23 2.32
CA CYS A 57 -13.77 2.24 3.46
C CYS A 57 -12.37 2.48 2.98
N PRO A 58 -11.96 3.76 2.61
CA PRO A 58 -10.74 3.68 1.87
C PRO A 58 -9.41 3.72 2.65
N ILE A 59 -9.10 2.65 3.12
CA ILE A 59 -7.88 2.29 3.53
C ILE A 59 -7.35 1.44 2.50
N CYS A 60 -8.19 0.41 2.26
CA CYS A 60 -8.32 -0.55 1.17
C CYS A 60 -8.37 0.08 -0.15
N LYS A 61 -9.00 1.16 -0.20
CA LYS A 61 -9.20 1.85 -1.38
C LYS A 61 -8.05 2.62 -1.66
N GLN A 62 -7.56 3.35 -0.66
CA GLN A 62 -6.38 4.02 -0.94
C GLN A 62 -5.20 3.04 -0.97
N LEU A 63 -5.41 1.87 -0.38
CA LEU A 63 -4.57 0.67 -0.45
C LEU A 63 -4.61 0.05 -1.82
N ILE A 64 -5.75 -0.23 -2.37
CA ILE A 64 -5.86 -0.67 -3.78
C ILE A 64 -5.20 0.37 -4.64
N ALA A 65 -5.50 1.58 -4.35
CA ALA A 65 -4.90 2.69 -4.99
C ALA A 65 -3.41 2.59 -4.80
N LEU A 66 -3.04 2.33 -3.64
CA LEU A 66 -1.72 2.19 -3.27
C LEU A 66 -1.02 0.95 -3.94
N ALA A 67 -1.53 -0.22 -3.64
CA ALA A 67 -1.07 -1.49 -4.07
C ALA A 67 -1.17 -1.67 -5.58
N ALA A 68 -2.34 -1.46 -6.13
CA ALA A 68 -2.55 -1.63 -7.55
C ALA A 68 -1.90 -0.60 -8.38
N TYR A 69 -1.85 0.61 -7.91
CA TYR A 69 -1.22 1.60 -8.68
C TYR A 69 0.26 1.40 -8.62
N HIS A 70 0.70 0.85 -7.51
CA HIS A 70 2.08 0.32 -7.41
C HIS A 70 2.29 -0.68 -8.52
N ALA A 71 1.44 -1.68 -8.48
CA ALA A 71 1.43 -2.82 -9.34
C ALA A 71 1.46 -2.46 -10.75
N LYS A 72 0.61 -1.56 -11.04
CA LYS A 72 0.29 -1.14 -12.35
C LYS A 72 1.56 -0.87 -13.18
N HIS A 73 2.53 -0.13 -12.63
CA HIS A 73 3.79 -0.02 -13.33
C HIS A 73 4.97 -0.61 -12.51
N CYS A 74 4.67 -1.46 -11.52
CA CYS A 74 5.74 -2.11 -10.81
C CYS A 74 5.83 -3.45 -11.45
N GLN A 75 6.82 -3.77 -12.24
CA GLN A 75 6.78 -5.07 -12.82
C GLN A 75 7.36 -6.11 -11.87
N GLU A 76 6.47 -6.75 -11.15
CA GLU A 76 6.75 -7.62 -10.09
C GLU A 76 5.57 -8.48 -9.96
N ASN A 77 5.75 -9.72 -10.07
CA ASN A 77 4.64 -10.59 -10.14
C ASN A 77 4.69 -11.51 -8.95
N LYS A 78 5.65 -11.17 -8.10
CA LYS A 78 6.07 -11.86 -6.89
C LYS A 78 5.00 -12.65 -6.16
N CYS A 79 4.42 -12.07 -5.15
CA CYS A 79 3.54 -12.84 -4.28
C CYS A 79 2.60 -12.00 -3.41
N PRO A 80 3.11 -10.97 -2.68
CA PRO A 80 2.46 -10.60 -1.48
C PRO A 80 1.40 -9.55 -1.49
N VAL A 81 1.42 -8.66 -2.39
CA VAL A 81 0.60 -7.53 -2.19
C VAL A 81 -0.76 -7.61 -2.80
N PRO A 82 -1.83 -7.33 -1.85
CA PRO A 82 -3.23 -7.26 -2.16
C PRO A 82 -3.29 -6.26 -3.19
N PHE A 83 -4.39 -6.10 -3.73
CA PHE A 83 -4.47 -5.82 -5.11
C PHE A 83 -3.46 -4.85 -5.65
N CYS A 84 -2.41 -5.55 -5.92
CA CYS A 84 -1.17 -5.42 -6.53
C CYS A 84 -1.21 -6.71 -7.26
N LEU A 85 -0.10 -7.34 -7.51
CA LEU A 85 0.13 -8.44 -8.56
C LEU A 85 -1.00 -9.53 -8.88
N ASN A 86 -2.12 -9.43 -8.27
CA ASN A 86 -3.32 -10.17 -8.65
C ASN A 86 -4.04 -9.33 -9.73
N ILE A 87 -3.86 -8.00 -9.63
CA ILE A 87 -4.38 -6.99 -10.59
C ILE A 87 -3.81 -7.25 -11.96
N LYS A 88 -2.56 -7.45 -11.97
CA LYS A 88 -1.79 -7.60 -13.14
C LYS A 88 -0.88 -8.77 -13.00
N GLN A 89 -0.79 -9.57 -13.98
CA GLN A 89 0.23 -10.55 -13.94
C GLN A 89 1.36 -10.05 -14.78
N LYS A 90 2.33 -9.40 -14.14
CA LYS A 90 3.50 -8.90 -14.81
C LYS A 90 4.23 -8.05 -13.79
N LEU B 1 13.10 -6.59 -1.10
CA LEU B 1 13.09 -5.59 -2.18
C LEU B 1 11.89 -4.69 -2.02
N PRO B 2 12.08 -3.48 -1.51
CA PRO B 2 11.03 -2.51 -1.42
C PRO B 2 10.81 -1.86 -2.77
N SER B 3 10.12 -2.56 -3.62
CA SER B 3 9.81 -2.13 -4.95
C SER B 3 8.96 -0.85 -4.87
N GLN B 4 9.46 0.21 -5.45
CA GLN B 4 8.79 1.50 -5.43
C GLN B 4 8.00 1.69 -6.72
N ALA B 5 7.35 2.81 -6.89
CA ALA B 5 6.61 3.06 -8.08
C ALA B 5 6.53 4.53 -8.31
N MET B 6 6.15 4.90 -9.50
CA MET B 6 6.07 6.29 -9.89
C MET B 6 4.81 6.93 -9.31
N ASP B 7 4.92 8.18 -8.91
CA ASP B 7 3.82 8.90 -8.20
C ASP B 7 2.69 9.30 -9.13
N ASP B 8 2.80 8.85 -10.34
CA ASP B 8 1.87 9.19 -11.40
C ASP B 8 0.81 8.14 -11.46
N LEU B 9 1.11 7.05 -10.83
CA LEU B 9 0.26 5.89 -10.86
C LEU B 9 -0.68 5.97 -9.74
N MET B 10 -0.09 5.98 -8.60
CA MET B 10 -0.76 5.98 -7.31
C MET B 10 -1.52 7.26 -7.03
N LEU B 11 -2.59 7.16 -6.25
CA LEU B 11 -3.28 8.37 -5.78
C LEU B 11 -2.72 8.76 -4.41
N SER B 12 -3.34 9.72 -3.73
CA SER B 12 -2.88 10.25 -2.45
C SER B 12 -2.47 9.15 -1.45
N PRO B 13 -1.19 9.13 -1.08
CA PRO B 13 -0.60 8.17 -0.11
C PRO B 13 -1.13 8.31 1.28
N ASP B 14 -1.76 9.43 1.48
CA ASP B 14 -2.18 9.96 2.79
C ASP B 14 -2.68 8.93 3.74
N ASP B 15 -3.50 8.05 3.27
CA ASP B 15 -4.12 7.11 4.17
C ASP B 15 -3.21 6.00 4.67
N ILE B 16 -2.60 5.27 3.76
CA ILE B 16 -1.93 4.05 4.04
C ILE B 16 -0.62 4.28 4.66
N GLU B 17 -0.14 5.39 4.41
CA GLU B 17 1.08 5.91 5.00
C GLU B 17 0.88 6.25 6.49
N GLN B 18 -0.33 6.46 6.91
CA GLN B 18 -0.58 6.59 8.31
C GLN B 18 -0.51 5.19 8.87
N TRP B 19 -0.71 4.22 7.99
CA TRP B 19 -0.70 2.91 8.42
C TRP B 19 0.72 2.36 8.34
N PHE B 20 1.51 2.92 7.44
CA PHE B 20 2.91 2.65 7.38
C PHE B 20 3.54 3.03 8.68
N THR B 21 3.39 4.26 9.04
CA THR B 21 3.84 4.72 10.22
C THR B 21 2.99 5.89 10.72
N GLU B 22 2.10 5.58 11.59
CA GLU B 22 1.52 6.58 12.44
C GLU B 22 2.50 6.69 13.63
N ASP B 23 2.18 7.45 14.63
CA ASP B 23 3.02 7.43 15.82
C ASP B 23 2.38 6.52 16.85
N PRO B 24 2.93 5.31 17.06
CA PRO B 24 2.37 4.34 17.97
C PRO B 24 2.42 4.76 19.41
N GLY B 25 1.65 4.09 20.17
CA GLY B 25 1.59 4.31 21.57
C GLY B 25 1.13 3.07 22.27
N ALA A 1 6.64 15.56 -14.24
CA ALA A 1 7.51 15.73 -13.08
C ALA A 1 7.52 14.45 -12.28
N THR A 2 8.68 14.04 -11.87
CA THR A 2 8.86 12.78 -11.21
C THR A 2 9.00 12.91 -9.70
N GLN A 3 9.60 13.98 -9.20
CA GLN A 3 9.89 14.02 -7.84
C GLN A 3 9.59 15.38 -7.34
N SER A 4 8.68 16.03 -8.00
CA SER A 4 8.37 17.39 -7.57
C SER A 4 6.96 17.61 -7.00
N PRO A 5 5.82 17.22 -7.57
CA PRO A 5 4.58 17.28 -6.78
C PRO A 5 4.71 16.03 -5.97
N GLY A 6 5.42 15.16 -6.68
CA GLY A 6 5.81 13.85 -6.38
C GLY A 6 6.95 13.44 -5.54
N ASP A 7 8.03 14.08 -4.97
CA ASP A 7 8.93 13.23 -4.31
C ASP A 7 8.21 13.00 -3.02
N SER A 8 7.70 14.03 -2.49
CA SER A 8 7.05 13.83 -1.34
C SER A 8 5.64 13.12 -1.51
N ARG A 9 4.86 13.36 -2.67
CA ARG A 9 3.66 12.60 -2.88
C ARG A 9 4.04 11.11 -3.03
N ARG A 10 5.04 10.86 -3.86
CA ARG A 10 5.42 9.53 -4.25
C ARG A 10 6.14 8.78 -3.23
N LEU A 11 7.05 9.42 -2.55
CA LEU A 11 7.76 8.77 -1.50
C LEU A 11 6.90 8.53 -0.37
N SER A 12 5.88 9.31 -0.27
CA SER A 12 4.93 9.06 0.77
C SER A 12 4.19 7.72 0.45
N ILE A 13 3.81 7.55 -0.82
CA ILE A 13 3.12 6.27 -1.25
C ILE A 13 4.07 5.18 -1.32
N GLN A 14 5.21 5.44 -1.83
CA GLN A 14 6.30 4.49 -1.85
C GLN A 14 6.43 3.83 -0.50
N ARG A 15 6.35 4.60 0.53
CA ARG A 15 6.39 4.12 1.91
C ARG A 15 5.15 3.43 2.32
N ALA A 16 4.10 3.87 1.76
CA ALA A 16 2.80 3.39 1.96
C ALA A 16 2.76 2.02 1.39
N ILE A 17 3.28 1.94 0.21
CA ILE A 17 3.47 0.76 -0.49
C ILE A 17 4.52 -0.12 0.13
N GLN A 18 5.72 0.39 0.38
CA GLN A 18 6.80 -0.41 0.96
C GLN A 18 6.33 -0.98 2.23
N SER A 19 5.55 -0.22 2.97
CA SER A 19 5.01 -0.77 4.13
C SER A 19 4.00 -1.75 3.82
N LEU A 20 3.16 -1.42 2.90
CA LEU A 20 2.14 -2.25 2.49
C LEU A 20 2.64 -3.58 1.92
N VAL A 21 3.57 -3.48 1.03
CA VAL A 21 4.21 -4.56 0.40
C VAL A 21 4.86 -5.43 1.43
N HIS A 22 5.52 -4.80 2.32
CA HIS A 22 6.19 -5.46 3.40
C HIS A 22 5.21 -6.07 4.27
N ALA A 23 4.22 -5.38 4.54
CA ALA A 23 3.17 -5.83 5.39
C ALA A 23 2.51 -7.08 4.80
N ALA A 24 2.43 -7.06 3.53
CA ALA A 24 1.89 -8.10 2.77
C ALA A 24 2.79 -9.30 2.80
N GLN A 25 4.03 -9.01 2.58
CA GLN A 25 5.04 -9.96 2.36
C GLN A 25 5.66 -10.45 3.66
N CYS A 26 5.61 -9.63 4.65
CA CYS A 26 6.16 -9.90 5.90
C CYS A 26 5.11 -10.72 6.58
N ARG A 27 5.45 -11.81 7.18
CA ARG A 27 4.39 -12.55 7.76
C ARG A 27 4.81 -13.03 9.06
N ASN A 28 4.65 -12.13 9.89
CA ASN A 28 4.79 -12.24 11.24
C ASN A 28 3.74 -11.27 11.74
N ALA A 29 2.68 -11.69 12.37
CA ALA A 29 1.71 -10.71 12.82
C ALA A 29 2.25 -9.95 14.01
N ASN A 30 3.18 -10.56 14.71
CA ASN A 30 3.81 -9.96 15.84
C ASN A 30 5.20 -9.56 15.51
N CYS A 31 5.42 -9.22 14.22
CA CYS A 31 6.60 -8.48 13.86
C CYS A 31 6.42 -7.33 14.65
N SER A 32 7.34 -6.92 15.46
CA SER A 32 6.91 -5.84 16.02
C SER A 32 7.65 -4.76 15.38
N LEU A 33 7.11 -4.43 14.27
CA LEU A 33 6.96 -3.31 13.70
C LEU A 33 5.44 -3.16 13.68
N PRO A 34 4.82 -2.68 14.70
CA PRO A 34 3.38 -2.39 14.69
C PRO A 34 2.96 -1.47 13.64
N SER A 35 3.84 -0.69 13.12
CA SER A 35 3.49 -0.03 11.97
C SER A 35 3.52 -0.99 10.71
N CYS A 36 4.32 -2.15 10.78
CA CYS A 36 4.19 -3.14 9.77
C CYS A 36 2.84 -3.73 9.95
N GLN A 37 2.58 -4.11 11.24
CA GLN A 37 1.33 -4.70 11.75
C GLN A 37 0.21 -4.03 11.25
N LYS A 38 0.25 -2.83 11.38
CA LYS A 38 -0.74 -2.02 10.99
C LYS A 38 -1.08 -2.07 9.51
N MET A 39 -0.07 -1.91 8.70
CA MET A 39 -0.24 -1.85 7.25
C MET A 39 -0.76 -3.14 6.74
N LYS A 40 -0.21 -4.09 7.31
CA LYS A 40 -0.46 -5.47 7.19
C LYS A 40 -1.91 -5.68 7.52
N ARG A 41 -2.29 -5.13 8.66
CA ARG A 41 -3.65 -5.08 9.23
C ARG A 41 -4.50 -4.24 8.44
N VAL A 42 -3.92 -3.50 7.59
CA VAL A 42 -4.61 -2.74 6.69
C VAL A 42 -4.93 -3.50 5.50
N VAL A 43 -3.97 -4.22 4.97
CA VAL A 43 -4.19 -5.20 4.02
C VAL A 43 -5.22 -6.14 4.55
N GLN A 44 -4.98 -6.56 5.71
CA GLN A 44 -5.76 -7.50 6.36
C GLN A 44 -7.09 -6.90 6.83
N HIS A 45 -7.14 -5.55 7.04
CA HIS A 45 -8.41 -4.88 7.46
C HIS A 45 -9.26 -4.98 6.30
N THR A 46 -8.70 -4.49 5.27
CA THR A 46 -9.20 -4.53 3.95
C THR A 46 -9.78 -5.89 3.60
N LYS A 47 -9.09 -6.96 3.78
CA LYS A 47 -9.58 -8.21 3.24
C LYS A 47 -10.76 -8.72 4.03
N GLY A 48 -10.73 -8.51 5.32
CA GLY A 48 -11.87 -8.91 6.08
C GLY A 48 -12.97 -7.87 5.97
N CYS A 49 -12.59 -6.68 5.54
CA CYS A 49 -13.52 -5.59 5.43
C CYS A 49 -14.04 -5.42 4.03
N LYS A 50 -14.97 -6.27 3.51
CA LYS A 50 -15.42 -6.21 2.03
C LYS A 50 -16.03 -4.90 1.64
N ARG A 51 -16.26 -4.16 2.66
CA ARG A 51 -16.67 -2.83 2.57
C ARG A 51 -15.56 -1.98 1.92
N LYS A 52 -14.42 -2.66 1.65
CA LYS A 52 -13.18 -2.15 1.19
C LYS A 52 -13.38 -1.10 0.17
N THR A 53 -13.75 -1.47 -1.00
CA THR A 53 -14.24 -0.60 -1.86
C THR A 53 -15.78 -0.53 -1.81
N ASN A 54 -16.46 -1.67 -1.37
CA ASN A 54 -17.92 -1.77 -1.54
C ASN A 54 -18.69 -0.68 -0.79
N GLY A 55 -18.21 -0.33 0.37
CA GLY A 55 -18.86 0.69 1.15
C GLY A 55 -18.08 1.99 1.18
N GLY A 56 -16.93 2.00 0.52
CA GLY A 56 -16.11 3.15 0.57
C GLY A 56 -15.43 3.27 1.86
N CYS A 57 -14.79 2.24 2.27
CA CYS A 57 -14.04 2.36 3.48
C CYS A 57 -12.64 2.57 3.02
N PRO A 58 -12.22 3.81 2.59
CA PRO A 58 -11.01 3.67 1.80
C PRO A 58 -9.68 3.69 2.55
N ILE A 59 -9.39 2.63 3.04
CA ILE A 59 -8.19 2.26 3.43
C ILE A 59 -7.70 1.35 2.42
N CYS A 60 -8.55 0.31 2.20
CA CYS A 60 -8.59 -0.72 1.12
C CYS A 60 -8.65 -0.10 -0.20
N LYS A 61 -9.31 0.98 -0.24
CA LYS A 61 -9.48 1.68 -1.45
C LYS A 61 -8.30 2.41 -1.68
N GLN A 62 -7.80 3.12 -0.68
CA GLN A 62 -6.61 3.76 -0.97
C GLN A 62 -5.42 2.83 -0.93
N LEU A 63 -5.62 1.70 -0.34
CA LEU A 63 -4.77 0.54 -0.38
C LEU A 63 -4.83 -0.14 -1.72
N ILE A 64 -5.98 -0.42 -2.27
CA ILE A 64 -6.10 -0.88 -3.68
C ILE A 64 -5.40 0.09 -4.51
N ALA A 65 -5.70 1.32 -4.29
CA ALA A 65 -5.06 2.39 -4.93
C ALA A 65 -3.56 2.22 -4.76
N LEU A 66 -3.17 2.19 -3.56
CA LEU A 66 -1.85 2.00 -3.15
C LEU A 66 -1.17 0.73 -3.77
N ALA A 67 -1.74 -0.40 -3.50
CA ALA A 67 -1.31 -1.64 -3.96
C ALA A 67 -1.29 -1.72 -5.49
N ALA A 68 -2.41 -1.42 -6.11
CA ALA A 68 -2.60 -1.47 -7.58
C ALA A 68 -1.83 -0.47 -8.32
N TYR A 69 -1.84 0.73 -7.85
CA TYR A 69 -1.16 1.74 -8.51
C TYR A 69 0.30 1.62 -8.24
N HIS A 70 0.62 0.78 -7.31
CA HIS A 70 1.99 0.38 -7.18
C HIS A 70 2.24 -0.67 -8.20
N ALA A 71 1.41 -1.68 -8.13
CA ALA A 71 1.40 -2.87 -8.96
C ALA A 71 1.63 -2.55 -10.36
N LYS A 72 0.92 -1.57 -10.75
CA LYS A 72 0.99 -1.02 -12.03
C LYS A 72 2.48 -0.74 -12.46
N HIS A 73 3.26 -0.23 -11.50
CA HIS A 73 4.72 0.00 -11.66
C HIS A 73 5.61 -1.15 -11.03
N CYS A 74 5.20 -1.82 -9.89
CA CYS A 74 5.97 -2.95 -9.38
C CYS A 74 5.82 -4.01 -10.48
N GLN A 75 6.82 -4.28 -11.30
CA GLN A 75 6.59 -5.28 -12.29
C GLN A 75 7.01 -6.58 -11.69
N GLU A 76 6.06 -7.23 -11.05
CA GLU A 76 6.32 -8.37 -10.30
C GLU A 76 5.11 -9.19 -10.28
N ASN A 77 5.29 -10.46 -10.24
CA ASN A 77 4.19 -11.30 -10.22
C ASN A 77 4.20 -12.12 -8.95
N LYS A 78 5.29 -12.01 -8.20
CA LYS A 78 5.38 -12.59 -6.87
C LYS A 78 4.31 -12.02 -6.01
N CYS A 79 3.74 -12.85 -5.19
CA CYS A 79 2.53 -12.47 -4.56
C CYS A 79 2.61 -12.15 -3.09
N PRO A 80 2.81 -10.86 -2.69
CA PRO A 80 2.51 -10.53 -1.38
C PRO A 80 1.28 -9.61 -1.21
N VAL A 81 1.04 -8.73 -2.15
CA VAL A 81 0.15 -7.66 -1.92
C VAL A 81 -1.19 -7.76 -2.64
N PRO A 82 -2.33 -7.46 -1.77
CA PRO A 82 -3.73 -7.35 -2.15
C PRO A 82 -3.73 -6.34 -3.19
N PHE A 83 -4.80 -6.10 -3.78
CA PHE A 83 -4.83 -5.73 -5.17
C PHE A 83 -3.72 -4.79 -5.62
N CYS A 84 -2.73 -5.52 -5.83
CA CYS A 84 -1.43 -5.46 -6.31
C CYS A 84 -1.49 -6.70 -7.06
N LEU A 85 -0.45 -7.44 -7.15
CA LEU A 85 -0.15 -8.45 -8.23
C LEU A 85 -1.34 -9.32 -8.82
N ASN A 86 -2.47 -9.38 -8.16
CA ASN A 86 -3.68 -9.97 -8.75
C ASN A 86 -4.31 -8.95 -9.76
N ILE A 87 -3.88 -7.67 -9.70
CA ILE A 87 -4.25 -6.63 -10.68
C ILE A 87 -3.47 -6.91 -11.94
N LYS A 88 -2.33 -7.52 -11.73
CA LYS A 88 -1.40 -7.82 -12.74
C LYS A 88 -1.73 -9.18 -13.30
N GLN A 89 -2.81 -9.23 -14.01
CA GLN A 89 -3.25 -10.41 -14.61
C GLN A 89 -3.54 -10.18 -16.06
N LYS A 90 -2.62 -10.51 -16.92
CA LYS A 90 -2.85 -10.41 -18.32
C LYS A 90 -2.11 -11.59 -18.90
N LEU B 1 13.39 -4.48 -5.04
CA LEU B 1 13.46 -3.57 -3.88
C LEU B 1 12.73 -2.22 -4.12
N PRO B 2 13.14 -1.36 -5.14
CA PRO B 2 12.49 -0.06 -5.38
C PRO B 2 10.98 -0.19 -5.56
N SER B 3 10.26 0.32 -4.60
CA SER B 3 8.82 0.27 -4.60
C SER B 3 8.24 1.61 -5.01
N GLN B 4 9.03 2.35 -5.77
CA GLN B 4 8.67 3.66 -6.28
C GLN B 4 7.45 3.55 -7.20
N ALA B 5 6.47 4.37 -6.99
CA ALA B 5 5.37 4.42 -7.89
C ALA B 5 5.22 5.83 -8.32
N MET B 6 4.77 6.00 -9.51
CA MET B 6 4.54 7.31 -9.98
C MET B 6 3.16 7.72 -9.53
N ASP B 7 3.06 8.90 -9.00
CA ASP B 7 1.82 9.40 -8.36
C ASP B 7 0.66 9.49 -9.33
N ASP B 8 0.99 9.46 -10.60
CA ASP B 8 0.02 9.50 -11.70
C ASP B 8 -0.85 8.26 -11.72
N LEU B 9 -0.30 7.21 -11.16
CA LEU B 9 -0.97 5.92 -11.01
C LEU B 9 -1.97 6.00 -9.93
N MET B 10 -1.47 6.47 -8.88
CA MET B 10 -2.05 6.43 -7.54
C MET B 10 -3.16 7.40 -7.19
N LEU B 11 -3.92 7.03 -6.11
CA LEU B 11 -4.75 8.03 -5.37
C LEU B 11 -3.80 8.80 -4.40
N SER B 12 -4.33 9.53 -3.41
CA SER B 12 -3.47 10.14 -2.41
C SER B 12 -2.92 9.06 -1.47
N PRO B 13 -1.59 9.07 -1.25
CA PRO B 13 -0.89 8.12 -0.34
C PRO B 13 -1.27 8.27 1.09
N ASP B 14 -1.86 9.40 1.35
CA ASP B 14 -2.08 9.97 2.68
C ASP B 14 -2.51 8.97 3.69
N ASP B 15 -3.48 8.18 3.36
CA ASP B 15 -4.04 7.30 4.36
C ASP B 15 -3.17 6.10 4.71
N ILE B 16 -2.65 5.37 3.73
CA ILE B 16 -2.01 4.10 3.98
C ILE B 16 -0.65 4.30 4.54
N GLU B 17 -0.17 5.40 4.23
CA GLU B 17 1.05 5.96 4.74
C GLU B 17 0.87 6.35 6.22
N GLN B 18 -0.32 6.62 6.65
CA GLN B 18 -0.54 6.80 8.06
C GLN B 18 -0.55 5.45 8.70
N TRP B 19 -0.84 4.44 7.88
CA TRP B 19 -0.87 3.15 8.41
C TRP B 19 0.57 2.63 8.44
N PHE B 20 1.31 3.01 7.42
CA PHE B 20 2.72 2.77 7.36
C PHE B 20 3.42 3.37 8.55
N THR B 21 3.20 4.64 8.77
CA THR B 21 3.75 5.28 9.81
C THR B 21 2.88 6.46 10.30
N GLU B 22 2.11 6.19 11.27
CA GLU B 22 1.66 7.20 12.14
C GLU B 22 2.36 6.82 13.44
N ASP B 23 2.26 7.58 14.47
CA ASP B 23 2.91 7.18 15.72
C ASP B 23 2.01 6.14 16.39
N PRO B 24 2.47 4.88 16.47
CA PRO B 24 1.65 3.75 16.96
C PRO B 24 1.52 3.63 18.47
N GLY B 25 1.68 4.70 19.16
CA GLY B 25 1.52 4.68 20.57
C GLY B 25 0.35 5.54 20.94
N ALA A 1 7.14 20.32 -12.61
CA ALA A 1 7.72 19.30 -11.76
C ALA A 1 6.73 18.18 -11.61
N THR A 2 7.17 17.00 -11.23
CA THR A 2 6.29 15.87 -11.07
C THR A 2 6.50 15.28 -9.68
N GLN A 3 7.40 15.88 -8.95
CA GLN A 3 7.88 15.35 -7.77
C GLN A 3 8.15 16.51 -6.88
N SER A 4 7.14 17.37 -6.79
CA SER A 4 7.22 18.52 -5.89
C SER A 4 6.19 18.54 -4.74
N PRO A 5 4.89 18.30 -4.91
CA PRO A 5 4.07 18.00 -3.71
C PRO A 5 4.31 16.55 -3.55
N GLY A 6 4.65 16.02 -4.72
CA GLY A 6 4.94 14.67 -5.03
C GLY A 6 6.28 14.06 -4.87
N ASP A 7 7.52 14.58 -4.55
CA ASP A 7 8.53 13.60 -4.56
C ASP A 7 8.31 13.05 -3.17
N SER A 8 8.16 13.94 -2.22
CA SER A 8 7.91 13.48 -0.95
C SER A 8 6.51 12.71 -0.83
N ARG A 9 5.41 13.13 -1.57
CA ARG A 9 4.20 12.28 -1.67
C ARG A 9 4.43 11.00 -2.42
N ARG A 10 5.06 11.04 -3.60
CA ARG A 10 5.27 9.80 -4.39
C ARG A 10 6.17 8.86 -3.68
N LEU A 11 7.18 9.39 -3.03
CA LEU A 11 8.07 8.59 -2.25
C LEU A 11 7.43 8.14 -1.06
N SER A 12 6.53 8.91 -0.57
CA SER A 12 5.77 8.49 0.56
C SER A 12 4.77 7.39 0.14
N ILE A 13 4.43 7.33 -1.18
CA ILE A 13 3.50 6.28 -1.68
C ILE A 13 4.32 5.12 -1.91
N GLN A 14 5.48 5.36 -2.44
CA GLN A 14 6.48 4.30 -2.59
C GLN A 14 6.67 3.62 -1.26
N ARG A 15 6.69 4.39 -0.23
CA ARG A 15 6.80 3.93 1.15
C ARG A 15 5.54 3.33 1.67
N ALA A 16 4.49 3.80 1.17
CA ALA A 16 3.18 3.35 1.49
C ALA A 16 3.03 2.01 0.94
N ILE A 17 3.42 1.89 -0.28
CA ILE A 17 3.53 0.66 -0.92
C ILE A 17 4.59 -0.20 -0.29
N GLN A 18 5.81 0.29 -0.09
CA GLN A 18 6.86 -0.52 0.52
C GLN A 18 6.42 -1.01 1.83
N SER A 19 5.73 -0.18 2.58
CA SER A 19 5.22 -0.62 3.81
C SER A 19 4.20 -1.60 3.60
N LEU A 20 3.34 -1.33 2.70
CA LEU A 20 2.32 -2.17 2.34
C LEU A 20 2.80 -3.53 1.82
N VAL A 21 3.73 -3.49 0.91
CA VAL A 21 4.36 -4.59 0.32
C VAL A 21 5.01 -5.40 1.40
N HIS A 22 5.70 -4.72 2.23
CA HIS A 22 6.39 -5.32 3.37
C HIS A 22 5.42 -5.88 4.26
N ALA A 23 4.41 -5.21 4.49
CA ALA A 23 3.35 -5.63 5.35
C ALA A 23 2.72 -6.89 4.80
N ALA A 24 2.67 -6.96 3.55
CA ALA A 24 2.17 -8.07 2.84
C ALA A 24 3.16 -9.21 2.88
N GLN A 25 4.38 -8.85 2.65
CA GLN A 25 5.47 -9.74 2.48
C GLN A 25 6.03 -10.20 3.80
N CYS A 26 5.83 -9.41 4.78
CA CYS A 26 6.27 -9.68 6.08
C CYS A 26 5.21 -10.56 6.66
N ARG A 27 5.55 -11.65 7.25
CA ARG A 27 4.49 -12.47 7.77
C ARG A 27 4.84 -12.93 9.09
N ASN A 28 4.57 -12.04 9.91
CA ASN A 28 4.63 -12.12 11.27
C ASN A 28 3.50 -11.23 11.69
N ALA A 29 2.47 -11.68 12.32
CA ALA A 29 1.39 -10.76 12.61
C ALA A 29 1.68 -9.92 13.83
N ASN A 30 2.76 -10.23 14.51
CA ASN A 30 3.19 -9.52 15.68
C ASN A 30 4.64 -9.17 15.54
N CYS A 31 5.05 -8.86 14.30
CA CYS A 31 6.37 -8.28 14.09
C CYS A 31 6.30 -7.10 14.85
N SER A 32 7.27 -6.71 15.65
CA SER A 32 6.89 -5.60 16.17
C SER A 32 7.67 -4.55 15.49
N LEU A 33 7.14 -4.25 14.36
CA LEU A 33 6.98 -3.15 13.74
C LEU A 33 5.46 -3.02 13.69
N PRO A 34 4.80 -2.51 14.68
CA PRO A 34 3.34 -2.25 14.65
C PRO A 34 2.95 -1.36 13.55
N SER A 35 3.88 -0.66 13.06
CA SER A 35 3.65 0.09 11.91
C SER A 35 3.66 -0.87 10.66
N CYS A 36 4.44 -2.04 10.71
CA CYS A 36 4.30 -3.02 9.70
C CYS A 36 2.92 -3.56 9.88
N GLN A 37 2.66 -3.94 11.15
CA GLN A 37 1.39 -4.49 11.66
C GLN A 37 0.30 -3.79 11.15
N LYS A 38 0.35 -2.59 11.30
CA LYS A 38 -0.63 -1.78 10.91
C LYS A 38 -0.95 -1.82 9.40
N MET A 39 0.06 -1.65 8.59
CA MET A 39 -0.10 -1.61 7.13
C MET A 39 -0.64 -2.90 6.65
N LYS A 40 -0.07 -3.84 7.22
CA LYS A 40 -0.32 -5.23 7.11
C LYS A 40 -1.75 -5.47 7.42
N ARG A 41 -2.17 -4.85 8.50
CA ARG A 41 -3.53 -4.88 9.08
C ARG A 41 -4.40 -4.09 8.31
N VAL A 42 -3.83 -3.35 7.46
CA VAL A 42 -4.50 -2.63 6.58
C VAL A 42 -4.78 -3.42 5.33
N VAL A 43 -3.78 -4.13 4.85
CA VAL A 43 -3.95 -5.15 3.90
C VAL A 43 -4.98 -6.08 4.40
N GLN A 44 -4.77 -6.49 5.57
CA GLN A 44 -5.57 -7.41 6.21
C GLN A 44 -6.95 -6.82 6.61
N HIS A 45 -6.99 -5.47 6.87
CA HIS A 45 -8.28 -4.80 7.24
C HIS A 45 -9.12 -4.86 6.07
N THR A 46 -8.52 -4.42 5.03
CA THR A 46 -9.00 -4.46 3.71
C THR A 46 -9.65 -5.80 3.39
N LYS A 47 -8.98 -6.87 3.58
CA LYS A 47 -9.48 -8.11 3.04
C LYS A 47 -10.67 -8.60 3.81
N GLY A 48 -10.66 -8.43 5.10
CA GLY A 48 -11.81 -8.84 5.83
C GLY A 48 -12.89 -7.80 5.70
N CYS A 49 -12.52 -6.61 5.32
CA CYS A 49 -13.46 -5.51 5.24
C CYS A 49 -13.99 -5.30 3.86
N LYS A 50 -14.92 -6.12 3.30
CA LYS A 50 -15.38 -5.90 1.84
C LYS A 50 -16.05 -4.59 1.58
N ARG A 51 -16.24 -3.90 2.64
CA ARG A 51 -16.61 -2.55 2.61
C ARG A 51 -15.50 -1.70 1.94
N LYS A 52 -14.37 -2.39 1.60
CA LYS A 52 -13.15 -1.86 1.06
C LYS A 52 -13.43 -0.78 0.03
N THR A 53 -13.87 -1.16 -1.11
CA THR A 53 -14.45 -0.30 -1.98
C THR A 53 -15.98 -0.23 -1.85
N ASN A 54 -16.62 -1.35 -1.37
CA ASN A 54 -18.09 -1.43 -1.43
C ASN A 54 -18.79 -0.48 -0.50
N GLY A 55 -18.15 -0.15 0.58
CA GLY A 55 -18.74 0.72 1.54
C GLY A 55 -18.02 2.02 1.67
N GLY A 56 -17.04 2.25 0.80
CA GLY A 56 -16.26 3.44 0.85
C GLY A 56 -15.46 3.49 2.08
N CYS A 57 -14.72 2.46 2.35
CA CYS A 57 -13.91 2.50 3.50
C CYS A 57 -12.55 2.67 2.95
N PRO A 58 -12.06 3.93 2.61
CA PRO A 58 -10.91 3.78 1.79
C PRO A 58 -9.57 3.64 2.53
N ILE A 59 -9.38 2.50 2.93
CA ILE A 59 -8.24 1.96 3.25
C ILE A 59 -7.77 1.14 2.22
N CYS A 60 -8.67 0.20 1.86
CA CYS A 60 -8.53 -0.71 0.72
C CYS A 60 -8.72 0.04 -0.51
N LYS A 61 -9.38 1.11 -0.45
CA LYS A 61 -9.53 1.88 -1.59
C LYS A 61 -8.30 2.59 -1.84
N GLN A 62 -7.76 3.22 -0.81
CA GLN A 62 -6.52 3.84 -1.07
C GLN A 62 -5.38 2.87 -1.07
N LEU A 63 -5.56 1.76 -0.44
CA LEU A 63 -4.72 0.63 -0.54
C LEU A 63 -4.84 -0.07 -1.88
N ILE A 64 -6.02 -0.37 -2.39
CA ILE A 64 -6.21 -0.86 -3.80
C ILE A 64 -5.50 0.08 -4.67
N ALA A 65 -5.71 1.32 -4.42
CA ALA A 65 -5.05 2.33 -5.12
C ALA A 65 -3.55 2.11 -4.98
N LEU A 66 -3.10 2.18 -3.78
CA LEU A 66 -1.75 1.99 -3.41
C LEU A 66 -1.13 0.69 -3.99
N ALA A 67 -1.78 -0.41 -3.74
CA ALA A 67 -1.46 -1.70 -4.16
C ALA A 67 -1.51 -1.86 -5.67
N ALA A 68 -2.60 -1.43 -6.28
CA ALA A 68 -2.77 -1.53 -7.73
C ALA A 68 -1.83 -0.70 -8.47
N TYR A 69 -1.66 0.49 -8.05
CA TYR A 69 -0.78 1.38 -8.65
C TYR A 69 0.65 0.90 -8.40
N HIS A 70 0.84 0.22 -7.27
CA HIS A 70 2.09 -0.60 -7.02
C HIS A 70 2.24 -1.61 -8.09
N ALA A 71 1.23 -2.43 -8.19
CA ALA A 71 1.12 -3.54 -9.09
C ALA A 71 1.45 -3.11 -10.45
N LYS A 72 0.77 -2.09 -10.79
CA LYS A 72 0.76 -1.45 -12.07
C LYS A 72 2.19 -1.17 -12.54
N HIS A 73 3.07 -0.85 -11.59
CA HIS A 73 4.46 -0.58 -11.96
C HIS A 73 5.51 -1.49 -11.20
N CYS A 74 5.08 -2.58 -10.51
CA CYS A 74 6.02 -3.49 -9.84
C CYS A 74 6.20 -4.66 -10.79
N GLN A 75 7.24 -5.43 -10.68
CA GLN A 75 7.25 -6.63 -11.42
C GLN A 75 7.33 -7.79 -10.48
N GLU A 76 6.16 -8.25 -10.07
CA GLU A 76 5.98 -9.31 -9.19
C GLU A 76 4.62 -9.80 -9.43
N ASN A 77 4.52 -11.03 -9.69
CA ASN A 77 3.30 -11.57 -10.12
C ASN A 77 2.85 -12.64 -9.14
N LYS A 78 3.52 -12.72 -8.05
CA LYS A 78 3.56 -13.96 -7.32
C LYS A 78 3.17 -13.92 -5.87
N CYS A 79 3.57 -12.92 -5.14
CA CYS A 79 3.57 -13.11 -3.74
C CYS A 79 2.58 -12.39 -2.81
N PRO A 80 2.91 -11.21 -2.28
CA PRO A 80 2.29 -10.77 -1.09
C PRO A 80 1.19 -9.74 -1.12
N VAL A 81 1.08 -8.96 -2.14
CA VAL A 81 0.23 -7.82 -1.99
C VAL A 81 -1.16 -7.93 -2.64
N PRO A 82 -2.21 -7.43 -1.77
CA PRO A 82 -3.60 -7.19 -2.14
C PRO A 82 -3.50 -6.28 -3.26
N PHE A 83 -4.55 -5.96 -3.84
CA PHE A 83 -4.57 -5.80 -5.25
C PHE A 83 -3.34 -5.12 -5.86
N CYS A 84 -2.50 -6.04 -6.00
CA CYS A 84 -1.24 -6.29 -6.54
C CYS A 84 -1.64 -7.57 -7.12
N LEU A 85 -0.79 -8.57 -7.20
CA LEU A 85 -0.77 -9.73 -8.24
C LEU A 85 -2.14 -10.35 -8.82
N ASN A 86 -3.21 -9.76 -8.52
CA ASN A 86 -4.54 -9.98 -9.06
C ASN A 86 -4.79 -8.80 -10.07
N ILE A 87 -4.10 -7.64 -9.82
CA ILE A 87 -4.08 -6.52 -10.80
C ILE A 87 -3.01 -6.85 -11.84
N LYS A 88 -2.12 -7.74 -11.45
CA LYS A 88 -1.13 -8.24 -12.36
C LYS A 88 -1.61 -9.56 -12.88
N GLN A 89 -2.60 -9.51 -13.71
CA GLN A 89 -3.07 -10.68 -14.37
C GLN A 89 -3.30 -10.34 -15.81
N LYS A 90 -2.33 -10.59 -16.64
CA LYS A 90 -2.44 -10.38 -18.05
C LYS A 90 -1.62 -11.44 -18.72
N LEU B 1 11.29 -3.19 -15.39
CA LEU B 1 11.78 -3.35 -14.04
C LEU B 1 10.88 -2.62 -13.05
N PRO B 2 10.71 -3.16 -11.81
CA PRO B 2 9.83 -2.58 -10.80
C PRO B 2 10.21 -1.14 -10.47
N SER B 3 9.37 -0.23 -10.81
CA SER B 3 9.63 1.16 -10.58
C SER B 3 8.50 1.76 -9.81
N GLN B 4 8.71 1.98 -8.54
CA GLN B 4 7.72 2.66 -7.77
C GLN B 4 7.96 4.14 -7.96
N ALA B 5 6.95 4.99 -7.68
CA ALA B 5 6.90 6.36 -8.16
C ALA B 5 6.57 6.25 -9.63
N MET B 6 6.72 7.32 -10.41
CA MET B 6 6.20 7.35 -11.78
C MET B 6 4.72 7.11 -11.70
N ASP B 7 3.95 8.21 -11.84
CA ASP B 7 2.57 8.50 -11.49
C ASP B 7 1.45 7.50 -11.84
N ASP B 8 1.74 6.17 -11.97
CA ASP B 8 0.72 5.12 -11.99
C ASP B 8 0.11 5.06 -10.61
N LEU B 9 0.91 5.52 -9.63
CA LEU B 9 0.58 5.74 -8.16
C LEU B 9 -0.42 6.87 -7.98
N MET B 10 -1.18 7.00 -8.97
CA MET B 10 -2.16 7.98 -9.25
C MET B 10 -3.04 8.40 -8.06
N LEU B 11 -3.70 7.49 -7.32
CA LEU B 11 -4.49 7.95 -6.27
C LEU B 11 -3.61 8.29 -5.05
N SER B 12 -4.02 9.35 -4.34
CA SER B 12 -3.35 9.90 -3.20
C SER B 12 -2.96 8.86 -2.12
N PRO B 13 -1.65 8.84 -1.75
CA PRO B 13 -1.04 7.91 -0.74
C PRO B 13 -1.56 8.08 0.65
N ASP B 14 -2.21 9.18 0.80
CA ASP B 14 -2.59 9.83 2.06
C ASP B 14 -3.06 8.90 3.14
N ASP B 15 -3.82 7.91 2.80
CA ASP B 15 -4.27 7.01 3.84
C ASP B 15 -3.23 6.01 4.33
N ILE B 16 -2.54 5.33 3.41
CA ILE B 16 -1.70 4.23 3.75
C ILE B 16 -0.41 4.70 4.33
N GLU B 17 -0.16 5.89 4.00
CA GLU B 17 0.86 6.77 4.64
C GLU B 17 0.69 6.75 6.12
N GLN B 18 -0.54 6.86 6.55
CA GLN B 18 -0.81 6.86 7.95
C GLN B 18 -0.65 5.46 8.48
N TRP B 19 -0.97 4.48 7.64
CA TRP B 19 -0.92 3.17 8.10
C TRP B 19 0.54 2.68 8.12
N PHE B 20 1.38 3.22 7.28
CA PHE B 20 2.70 2.86 7.34
C PHE B 20 3.40 3.62 8.41
N THR B 21 3.15 4.91 8.50
CA THR B 21 3.71 5.60 9.45
C THR B 21 2.74 6.62 10.07
N GLU B 22 2.15 6.12 11.07
CA GLU B 22 1.73 6.84 12.18
C GLU B 22 2.38 6.07 13.24
N ASP B 23 3.61 6.32 13.32
CA ASP B 23 4.54 5.54 14.06
C ASP B 23 4.78 6.16 15.39
N PRO B 24 4.44 5.45 16.47
CA PRO B 24 4.60 5.95 17.81
C PRO B 24 6.07 6.04 18.19
N GLY B 25 6.36 6.99 18.99
CA GLY B 25 7.70 7.24 19.40
C GLY B 25 7.87 8.69 19.68
N ALA A 1 7.97 20.05 -12.42
CA ALA A 1 8.62 19.90 -11.14
C ALA A 1 9.16 18.47 -11.01
N THR A 2 10.45 18.34 -10.86
CA THR A 2 11.12 17.07 -10.76
C THR A 2 10.81 16.38 -9.43
N GLN A 3 10.83 17.14 -8.36
CA GLN A 3 10.73 16.59 -7.08
C GLN A 3 9.53 17.12 -6.41
N SER A 4 8.83 18.02 -7.04
CA SER A 4 7.90 18.72 -6.24
C SER A 4 6.47 18.23 -6.02
N PRO A 5 5.85 17.45 -6.91
CA PRO A 5 4.59 16.80 -6.61
C PRO A 5 4.86 15.71 -5.69
N GLY A 6 6.04 15.52 -5.53
CA GLY A 6 6.27 14.47 -4.90
C GLY A 6 7.32 13.62 -5.16
N ASP A 7 8.42 14.16 -4.98
CA ASP A 7 9.44 13.40 -4.39
C ASP A 7 8.78 13.00 -3.11
N SER A 8 8.11 13.98 -2.49
CA SER A 8 7.44 13.74 -1.32
C SER A 8 6.18 12.82 -1.56
N ARG A 9 5.39 12.97 -2.73
CA ARG A 9 4.30 12.07 -3.03
C ARG A 9 4.87 10.68 -3.13
N ARG A 10 6.01 10.57 -3.83
CA ARG A 10 6.66 9.31 -4.05
C ARG A 10 7.11 8.69 -2.83
N LEU A 11 7.91 9.38 -2.04
CA LEU A 11 8.39 8.83 -0.79
C LEU A 11 7.30 8.45 0.09
N SER A 12 6.25 9.18 -0.02
CA SER A 12 5.08 8.95 0.77
C SER A 12 4.44 7.62 0.29
N ILE A 13 4.15 7.53 -1.00
CA ILE A 13 3.57 6.31 -1.54
C ILE A 13 4.53 5.16 -1.55
N GLN A 14 5.78 5.44 -1.73
CA GLN A 14 6.81 4.43 -1.60
C GLN A 14 6.64 3.78 -0.27
N ARG A 15 6.59 4.56 0.75
CA ARG A 15 6.41 4.05 2.12
C ARG A 15 5.11 3.41 2.34
N ALA A 16 4.21 3.82 1.60
CA ALA A 16 2.86 3.38 1.62
C ALA A 16 2.86 2.02 1.10
N ILE A 17 3.50 1.89 0.01
CA ILE A 17 3.63 0.70 -0.68
C ILE A 17 4.64 -0.21 -0.02
N GLN A 18 5.81 0.28 0.27
CA GLN A 18 6.89 -0.49 0.89
C GLN A 18 6.41 -1.05 2.17
N SER A 19 5.62 -0.29 2.89
CA SER A 19 5.08 -0.83 4.08
C SER A 19 4.03 -1.77 3.76
N LEU A 20 3.21 -1.42 2.84
CA LEU A 20 2.16 -2.22 2.43
C LEU A 20 2.60 -3.57 1.90
N VAL A 21 3.50 -3.50 1.00
CA VAL A 21 4.11 -4.58 0.36
C VAL A 21 4.76 -5.49 1.38
N HIS A 22 5.42 -4.87 2.27
CA HIS A 22 6.09 -5.55 3.33
C HIS A 22 5.11 -6.17 4.18
N ALA A 23 4.13 -5.46 4.50
CA ALA A 23 3.07 -5.91 5.34
C ALA A 23 2.36 -7.11 4.72
N ALA A 24 2.31 -7.09 3.45
CA ALA A 24 1.73 -8.12 2.66
C ALA A 24 2.59 -9.35 2.69
N GLN A 25 3.84 -9.09 2.50
CA GLN A 25 4.81 -10.08 2.30
C GLN A 25 5.39 -10.61 3.62
N CYS A 26 5.34 -9.78 4.60
CA CYS A 26 5.89 -10.03 5.86
C CYS A 26 4.88 -10.80 6.64
N ARG A 27 5.23 -11.91 7.20
CA ARG A 27 4.22 -12.58 7.94
C ARG A 27 4.75 -12.96 9.22
N ASN A 28 4.67 -11.99 10.00
CA ASN A 28 4.98 -11.99 11.34
C ASN A 28 3.98 -11.03 11.93
N ALA A 29 2.90 -11.48 12.48
CA ALA A 29 1.93 -10.53 13.02
C ALA A 29 2.47 -9.86 14.27
N ASN A 30 3.52 -10.44 14.78
CA ASN A 30 4.25 -9.98 15.94
C ASN A 30 5.60 -9.50 15.56
N CYS A 31 5.73 -9.03 14.34
CA CYS A 31 6.88 -8.25 14.02
C CYS A 31 6.65 -7.10 14.82
N SER A 32 7.58 -6.60 15.58
CA SER A 32 7.08 -5.50 16.12
C SER A 32 7.73 -4.40 15.39
N LEU A 33 7.16 -4.18 14.27
CA LEU A 33 6.93 -3.10 13.66
C LEU A 33 5.41 -3.04 13.64
N PRO A 34 4.76 -2.55 14.64
CA PRO A 34 3.30 -2.31 14.64
C PRO A 34 2.86 -1.45 13.55
N SER A 35 3.75 -0.77 13.00
CA SER A 35 3.49 -0.08 11.84
C SER A 35 3.50 -1.08 10.61
N CYS A 36 4.31 -2.22 10.69
CA CYS A 36 4.18 -3.26 9.71
C CYS A 36 2.82 -3.84 9.93
N GLN A 37 2.56 -4.12 11.24
CA GLN A 37 1.31 -4.67 11.78
C GLN A 37 0.21 -3.99 11.26
N LYS A 38 0.25 -2.77 11.36
CA LYS A 38 -0.75 -2.01 10.96
C LYS A 38 -1.09 -2.11 9.46
N MET A 39 -0.09 -1.96 8.65
CA MET A 39 -0.26 -1.92 7.19
C MET A 39 -0.84 -3.17 6.72
N LYS A 40 -0.23 -4.13 7.21
CA LYS A 40 -0.56 -5.50 7.14
C LYS A 40 -2.02 -5.63 7.47
N ARG A 41 -2.38 -5.10 8.63
CA ARG A 41 -3.72 -5.03 9.21
C ARG A 41 -4.59 -4.17 8.45
N VAL A 42 -4.02 -3.43 7.59
CA VAL A 42 -4.71 -2.63 6.72
C VAL A 42 -5.06 -3.36 5.51
N VAL A 43 -4.12 -4.07 4.97
CA VAL A 43 -4.34 -5.04 3.99
C VAL A 43 -5.37 -5.97 4.52
N GLN A 44 -5.13 -6.41 5.67
CA GLN A 44 -5.91 -7.37 6.31
C GLN A 44 -7.25 -6.79 6.80
N HIS A 45 -7.27 -5.46 7.12
CA HIS A 45 -8.53 -4.78 7.61
C HIS A 45 -9.44 -4.86 6.49
N THR A 46 -8.92 -4.32 5.46
CA THR A 46 -9.45 -4.27 4.16
C THR A 46 -10.09 -5.58 3.74
N LYS A 47 -9.41 -6.69 3.79
CA LYS A 47 -9.90 -7.87 3.13
C LYS A 47 -11.04 -8.47 3.90
N GLY A 48 -10.94 -8.48 5.22
CA GLY A 48 -12.02 -9.00 5.99
C GLY A 48 -13.11 -8.00 6.12
N CYS A 49 -12.79 -6.78 5.79
CA CYS A 49 -13.74 -5.70 5.85
C CYS A 49 -14.28 -5.49 4.51
N LYS A 50 -15.22 -6.29 4.00
CA LYS A 50 -15.54 -6.07 2.61
C LYS A 50 -16.31 -4.83 2.31
N ARG A 51 -16.55 -4.07 3.33
CA ARG A 51 -17.02 -2.78 3.10
C ARG A 51 -15.92 -1.93 2.37
N LYS A 52 -14.70 -2.52 2.23
CA LYS A 52 -13.57 -1.91 1.53
C LYS A 52 -13.94 -1.32 0.23
N THR A 53 -14.21 -2.15 -0.73
CA THR A 53 -14.69 -1.67 -1.93
C THR A 53 -16.20 -1.58 -2.08
N ASN A 54 -16.90 -2.40 -1.30
CA ASN A 54 -18.35 -2.45 -1.30
C ASN A 54 -18.94 -1.16 -0.79
N GLY A 55 -18.42 -0.70 0.31
CA GLY A 55 -18.99 0.43 0.97
C GLY A 55 -18.13 1.64 0.92
N GLY A 56 -16.98 1.54 0.32
CA GLY A 56 -16.09 2.62 0.34
C GLY A 56 -15.51 2.77 1.66
N CYS A 57 -14.83 1.75 2.12
CA CYS A 57 -14.13 1.98 3.33
C CYS A 57 -12.75 2.18 2.86
N PRO A 58 -12.35 3.44 2.44
CA PRO A 58 -11.16 3.34 1.67
C PRO A 58 -9.85 3.38 2.46
N ILE A 59 -9.53 2.32 2.95
CA ILE A 59 -8.32 2.01 3.37
C ILE A 59 -7.73 1.19 2.35
N CYS A 60 -8.51 0.10 2.07
CA CYS A 60 -8.50 -0.83 0.89
C CYS A 60 -8.51 -0.11 -0.34
N LYS A 61 -9.20 0.91 -0.35
CA LYS A 61 -9.41 1.57 -1.53
C LYS A 61 -8.31 2.39 -1.82
N GLN A 62 -7.85 3.12 -0.85
CA GLN A 62 -6.71 3.85 -1.15
C GLN A 62 -5.45 2.96 -1.12
N LEU A 63 -5.60 1.80 -0.50
CA LEU A 63 -4.71 0.64 -0.54
C LEU A 63 -4.72 -0.06 -1.90
N ILE A 64 -5.87 -0.41 -2.43
CA ILE A 64 -6.03 -0.89 -3.83
C ILE A 64 -5.44 0.11 -4.70
N ALA A 65 -5.74 1.32 -4.44
CA ALA A 65 -5.16 2.39 -5.12
C ALA A 65 -3.65 2.23 -5.00
N LEU A 66 -3.22 2.23 -3.81
CA LEU A 66 -1.87 2.06 -3.44
C LEU A 66 -1.18 0.84 -4.11
N ALA A 67 -1.71 -0.32 -3.85
CA ALA A 67 -1.29 -1.56 -4.34
C ALA A 67 -1.42 -1.67 -5.86
N ALA A 68 -2.53 -1.22 -6.43
CA ALA A 68 -2.74 -1.24 -7.87
C ALA A 68 -1.90 -0.26 -8.60
N TYR A 69 -1.75 0.94 -8.10
CA TYR A 69 -0.97 1.92 -8.77
C TYR A 69 0.48 1.55 -8.64
N HIS A 70 0.75 0.81 -7.59
CA HIS A 70 2.03 0.10 -7.42
C HIS A 70 2.19 -0.87 -8.57
N ALA A 71 1.21 -1.77 -8.64
CA ALA A 71 1.07 -2.87 -9.59
C ALA A 71 1.28 -2.41 -10.97
N LYS A 72 0.61 -1.36 -11.25
CA LYS A 72 0.50 -0.78 -12.54
C LYS A 72 1.87 -0.62 -13.22
N HIS A 73 2.87 -0.06 -12.54
CA HIS A 73 4.22 -0.17 -13.10
C HIS A 73 5.21 -0.92 -12.18
N CYS A 74 4.72 -1.85 -11.38
CA CYS A 74 5.60 -2.70 -10.60
C CYS A 74 5.80 -3.89 -11.51
N GLN A 75 6.93 -4.54 -11.56
CA GLN A 75 7.00 -5.69 -12.42
C GLN A 75 7.16 -6.87 -11.52
N GLU A 76 6.06 -7.43 -11.12
CA GLU A 76 6.05 -8.36 -10.06
C GLU A 76 4.87 -9.21 -10.13
N ASN A 77 5.10 -10.48 -10.12
CA ASN A 77 4.05 -11.39 -10.17
C ASN A 77 4.06 -12.21 -8.89
N LYS A 78 5.00 -11.81 -8.03
CA LYS A 78 5.14 -12.37 -6.71
C LYS A 78 3.95 -12.00 -5.93
N CYS A 79 3.51 -12.86 -5.10
CA CYS A 79 2.22 -12.69 -4.55
C CYS A 79 2.18 -12.26 -3.08
N PRO A 80 2.47 -10.98 -2.69
CA PRO A 80 2.14 -10.61 -1.38
C PRO A 80 0.99 -9.62 -1.25
N VAL A 81 0.85 -8.73 -2.19
CA VAL A 81 0.02 -7.60 -1.97
C VAL A 81 -1.33 -7.66 -2.64
N PRO A 82 -2.40 -7.24 -1.75
CA PRO A 82 -3.79 -7.03 -2.11
C PRO A 82 -3.74 -6.10 -3.20
N PHE A 83 -4.81 -5.85 -3.75
CA PHE A 83 -4.91 -5.59 -5.12
C PHE A 83 -3.83 -4.69 -5.74
N CYS A 84 -2.86 -5.47 -5.95
CA CYS A 84 -1.61 -5.55 -6.50
C CYS A 84 -1.82 -6.89 -7.10
N LEU A 85 -0.83 -7.72 -7.18
CA LEU A 85 -0.65 -8.81 -8.23
C LEU A 85 -1.87 -9.67 -8.80
N ASN A 86 -3.05 -9.38 -8.43
CA ASN A 86 -4.19 -9.87 -9.16
C ASN A 86 -4.54 -8.81 -10.24
N ILE A 87 -4.07 -7.55 -10.03
CA ILE A 87 -4.06 -6.52 -11.09
C ILE A 87 -2.88 -6.80 -12.01
N LYS A 88 -1.82 -7.30 -11.41
CA LYS A 88 -0.61 -7.62 -12.13
C LYS A 88 -0.69 -8.96 -12.74
N GLN A 89 -0.27 -9.02 -13.92
CA GLN A 89 0.22 -10.21 -14.44
C GLN A 89 1.32 -9.76 -15.33
N LYS A 90 2.51 -9.68 -14.78
CA LYS A 90 3.68 -9.26 -15.48
C LYS A 90 4.73 -9.00 -14.43
N LEU B 1 12.79 0.50 -15.42
CA LEU B 1 11.60 0.16 -14.63
C LEU B 1 11.64 0.88 -13.30
N PRO B 2 10.82 1.94 -13.13
CA PRO B 2 10.75 2.68 -11.88
C PRO B 2 10.17 1.82 -10.76
N SER B 3 10.99 1.50 -9.81
CA SER B 3 10.58 0.66 -8.73
C SER B 3 10.12 1.51 -7.56
N GLN B 4 8.80 1.43 -7.28
CA GLN B 4 8.14 2.14 -6.18
C GLN B 4 8.06 3.63 -6.48
N ALA B 5 6.89 4.03 -6.98
CA ALA B 5 6.63 5.37 -7.46
C ALA B 5 5.18 5.43 -7.88
N MET B 6 4.81 6.42 -8.67
CA MET B 6 3.42 6.63 -9.05
C MET B 6 3.17 6.27 -10.51
N ASP B 7 2.23 5.38 -10.76
CA ASP B 7 1.85 5.10 -12.17
C ASP B 7 0.62 5.86 -12.63
N ASP B 8 -0.53 5.29 -12.29
CA ASP B 8 -1.84 5.68 -12.71
C ASP B 8 -2.49 6.48 -11.65
N LEU B 9 -1.67 6.81 -10.65
CA LEU B 9 -1.92 7.29 -9.20
C LEU B 9 -3.33 7.95 -8.87
N MET B 10 -4.29 7.52 -9.59
CA MET B 10 -5.69 7.82 -9.57
C MET B 10 -6.30 8.11 -8.14
N LEU B 11 -6.57 7.11 -7.27
CA LEU B 11 -6.90 7.47 -5.89
C LEU B 11 -5.60 7.80 -5.16
N SER B 12 -5.68 8.33 -3.98
CA SER B 12 -4.46 8.75 -3.29
C SER B 12 -3.87 7.68 -2.34
N PRO B 13 -2.78 6.99 -2.77
CA PRO B 13 -2.03 6.02 -1.93
C PRO B 13 -1.29 6.72 -0.81
N ASP B 14 -1.19 8.00 -0.96
CA ASP B 14 -0.53 8.92 -0.04
C ASP B 14 -1.05 8.73 1.39
N ASP B 15 -2.32 8.38 1.49
CA ASP B 15 -3.02 8.22 2.76
C ASP B 15 -2.59 6.96 3.55
N ILE B 16 -2.10 5.93 2.86
CA ILE B 16 -1.77 4.66 3.44
C ILE B 16 -0.58 4.78 4.37
N GLU B 17 0.13 5.79 4.12
CA GLU B 17 1.16 6.32 5.04
C GLU B 17 0.66 6.41 6.45
N GLN B 18 -0.59 6.76 6.64
CA GLN B 18 -1.14 6.77 7.98
C GLN B 18 -1.17 5.37 8.51
N TRP B 19 -1.55 4.47 7.59
CA TRP B 19 -1.79 3.11 7.86
C TRP B 19 -0.54 2.28 7.86
N PHE B 20 0.60 2.88 7.73
CA PHE B 20 1.69 2.25 8.18
C PHE B 20 2.12 2.93 9.39
N THR B 21 2.40 4.20 9.28
CA THR B 21 2.81 4.86 10.38
C THR B 21 2.46 6.33 10.36
N GLU B 22 1.52 6.64 11.17
CA GLU B 22 1.53 7.94 11.73
C GLU B 22 2.42 7.72 12.98
N ASP B 23 2.27 8.40 14.03
CA ASP B 23 3.07 8.00 15.18
C ASP B 23 2.25 6.94 15.95
N PRO B 24 2.69 5.64 15.91
CA PRO B 24 1.91 4.44 16.40
C PRO B 24 1.64 4.35 17.92
N GLY B 25 1.53 5.45 18.57
CA GLY B 25 1.26 5.47 19.96
C GLY B 25 0.84 6.84 20.35
N ALA A 1 9.83 16.43 -13.95
CA ALA A 1 10.26 15.43 -12.99
C ALA A 1 9.06 14.79 -12.33
N THR A 2 9.00 13.47 -12.36
CA THR A 2 7.91 12.68 -11.78
C THR A 2 7.98 12.61 -10.25
N GLN A 3 8.55 13.61 -9.62
CA GLN A 3 8.82 13.60 -8.26
C GLN A 3 8.68 15.01 -7.82
N SER A 4 7.57 15.61 -8.21
CA SER A 4 7.37 17.02 -7.91
C SER A 4 6.10 17.35 -7.14
N PRO A 5 4.84 17.04 -7.48
CA PRO A 5 3.76 17.12 -6.46
C PRO A 5 3.99 15.87 -5.67
N GLY A 6 4.67 15.04 -6.45
CA GLY A 6 5.14 13.76 -6.26
C GLY A 6 6.36 13.33 -5.58
N ASP A 7 7.46 14.00 -5.18
CA ASP A 7 8.47 13.17 -4.60
C ASP A 7 7.92 13.00 -3.20
N SER A 8 7.36 14.03 -2.70
CA SER A 8 6.79 13.89 -1.47
C SER A 8 5.48 13.00 -1.55
N ARG A 9 4.59 13.12 -2.62
CA ARG A 9 3.51 12.14 -2.76
C ARG A 9 4.03 10.75 -3.02
N ARG A 10 4.94 10.61 -3.93
CA ARG A 10 5.38 9.29 -4.37
C ARG A 10 6.25 8.64 -3.37
N LEU A 11 7.00 9.41 -2.62
CA LEU A 11 7.76 8.87 -1.54
C LEU A 11 6.92 8.60 -0.40
N SER A 12 5.86 9.30 -0.34
CA SER A 12 4.87 9.02 0.63
C SER A 12 4.25 7.66 0.28
N ILE A 13 4.03 7.43 -1.02
CA ILE A 13 3.39 6.20 -1.47
C ILE A 13 4.34 5.13 -1.38
N GLN A 14 5.52 5.41 -1.81
CA GLN A 14 6.63 4.52 -1.76
C GLN A 14 6.69 3.88 -0.40
N ARG A 15 6.57 4.68 0.60
CA ARG A 15 6.58 4.23 1.98
C ARG A 15 5.37 3.49 2.35
N ALA A 16 4.32 3.87 1.74
CA ALA A 16 3.03 3.34 1.95
C ALA A 16 3.02 1.98 1.40
N ILE A 17 3.55 1.89 0.23
CA ILE A 17 3.71 0.70 -0.46
C ILE A 17 4.82 -0.14 0.11
N GLN A 18 5.97 0.42 0.38
CA GLN A 18 7.08 -0.34 0.96
C GLN A 18 6.61 -0.93 2.23
N SER A 19 5.84 -0.19 3.00
CA SER A 19 5.33 -0.79 4.17
C SER A 19 4.30 -1.73 3.87
N LEU A 20 3.47 -1.41 2.95
CA LEU A 20 2.46 -2.25 2.53
C LEU A 20 2.97 -3.56 1.97
N VAL A 21 3.89 -3.46 1.07
CA VAL A 21 4.54 -4.53 0.43
C VAL A 21 5.21 -5.39 1.47
N HIS A 22 5.83 -4.75 2.38
CA HIS A 22 6.50 -5.41 3.47
C HIS A 22 5.51 -6.04 4.31
N ALA A 23 4.50 -5.37 4.61
CA ALA A 23 3.44 -5.84 5.45
C ALA A 23 2.78 -7.06 4.81
N ALA A 24 2.80 -7.05 3.55
CA ALA A 24 2.31 -8.10 2.76
C ALA A 24 3.23 -9.27 2.78
N GLN A 25 4.46 -8.95 2.54
CA GLN A 25 5.50 -9.89 2.34
C GLN A 25 6.07 -10.39 3.67
N CYS A 26 5.95 -9.59 4.66
CA CYS A 26 6.40 -9.89 5.95
C CYS A 26 5.28 -10.68 6.55
N ARG A 27 5.50 -11.86 6.99
CA ARG A 27 4.39 -12.52 7.53
C ARG A 27 4.73 -13.09 8.82
N ASN A 28 4.60 -12.19 9.71
CA ASN A 28 4.78 -12.34 11.07
C ASN A 28 3.74 -11.42 11.65
N ALA A 29 2.69 -11.90 12.24
CA ALA A 29 1.69 -10.96 12.74
C ALA A 29 2.15 -10.26 14.00
N ASN A 30 3.15 -10.81 14.62
CA ASN A 30 3.72 -10.27 15.83
C ASN A 30 5.13 -9.88 15.59
N CYS A 31 5.42 -9.44 14.37
CA CYS A 31 6.63 -8.72 14.15
C CYS A 31 6.43 -7.58 14.97
N SER A 32 7.34 -7.14 15.78
CA SER A 32 6.88 -6.05 16.33
C SER A 32 7.63 -4.99 15.65
N LEU A 33 7.11 -4.69 14.52
CA LEU A 33 6.97 -3.56 13.94
C LEU A 33 5.46 -3.43 13.86
N PRO A 34 4.80 -2.94 14.87
CA PRO A 34 3.35 -2.65 14.82
C PRO A 34 3.01 -1.70 13.77
N SER A 35 3.96 -1.03 13.30
CA SER A 35 3.76 -0.27 12.15
C SER A 35 3.77 -1.20 10.88
N CYS A 36 4.51 -2.38 10.92
CA CYS A 36 4.37 -3.34 9.87
C CYS A 36 2.97 -3.87 10.02
N GLN A 37 2.66 -4.26 11.30
CA GLN A 37 1.36 -4.78 11.75
C GLN A 37 0.29 -4.02 11.24
N LYS A 38 0.41 -2.82 11.40
CA LYS A 38 -0.51 -1.94 11.00
C LYS A 38 -0.82 -1.95 9.50
N MET A 39 0.20 -1.84 8.70
CA MET A 39 0.04 -1.77 7.25
C MET A 39 -0.53 -3.06 6.75
N LYS A 40 -0.01 -4.02 7.33
CA LYS A 40 -0.32 -5.39 7.20
C LYS A 40 -1.79 -5.56 7.49
N ARG A 41 -2.21 -4.95 8.59
CA ARG A 41 -3.60 -4.83 9.13
C ARG A 41 -4.39 -4.00 8.27
N VAL A 42 -3.75 -3.33 7.41
CA VAL A 42 -4.35 -2.58 6.47
C VAL A 42 -4.66 -3.36 5.21
N VAL A 43 -3.70 -4.16 4.78
CA VAL A 43 -3.89 -5.23 3.85
C VAL A 43 -4.99 -6.08 4.37
N GLN A 44 -4.84 -6.40 5.56
CA GLN A 44 -5.72 -7.22 6.23
C GLN A 44 -7.05 -6.49 6.54
N HIS A 45 -7.01 -5.11 6.58
CA HIS A 45 -8.23 -4.34 6.84
C HIS A 45 -9.09 -4.46 5.73
N THR A 46 -8.56 -4.09 4.61
CA THR A 46 -9.28 -4.12 3.40
C THR A 46 -9.90 -5.48 3.21
N LYS A 47 -9.12 -6.48 3.22
CA LYS A 47 -9.54 -7.79 2.84
C LYS A 47 -10.62 -8.38 3.69
N GLY A 48 -10.57 -8.15 4.99
CA GLY A 48 -11.66 -8.63 5.78
C GLY A 48 -12.85 -7.70 5.67
N CYS A 49 -12.57 -6.49 5.21
CA CYS A 49 -13.59 -5.48 5.05
C CYS A 49 -14.07 -5.38 3.62
N LYS A 50 -14.92 -6.26 3.03
CA LYS A 50 -15.24 -6.09 1.52
C LYS A 50 -16.01 -4.82 1.21
N ARG A 51 -16.35 -4.18 2.30
CA ARG A 51 -16.81 -2.86 2.28
C ARG A 51 -15.74 -1.92 1.73
N LYS A 52 -14.58 -2.50 1.45
CA LYS A 52 -13.39 -1.88 1.09
C LYS A 52 -13.61 -0.76 0.16
N THR A 53 -13.91 -1.02 -1.03
CA THR A 53 -14.40 -0.12 -1.85
C THR A 53 -15.94 -0.14 -1.86
N ASN A 54 -16.58 -1.35 -1.52
CA ASN A 54 -18.04 -1.50 -1.72
C ASN A 54 -18.85 -0.55 -0.86
N GLY A 55 -18.36 -0.29 0.31
CA GLY A 55 -19.07 0.57 1.21
C GLY A 55 -18.46 1.93 1.23
N GLY A 56 -17.52 2.17 0.35
CA GLY A 56 -16.84 3.42 0.30
C GLY A 56 -15.83 3.56 1.34
N CYS A 57 -15.13 2.51 1.61
CA CYS A 57 -14.09 2.65 2.52
C CYS A 57 -12.85 3.22 1.71
N PRO A 58 -12.04 4.08 2.35
CA PRO A 58 -10.71 4.68 2.03
C PRO A 58 -9.86 3.58 2.46
N ILE A 59 -8.62 3.70 2.87
CA ILE A 59 -7.47 2.80 2.90
C ILE A 59 -7.66 1.25 2.65
N CYS A 60 -8.81 0.80 2.52
CA CYS A 60 -9.10 -0.38 1.76
C CYS A 60 -8.98 0.05 0.31
N LYS A 61 -9.63 1.18 0.01
CA LYS A 61 -9.61 1.81 -1.25
C LYS A 61 -8.34 2.44 -1.38
N GLN A 62 -7.90 3.11 -0.33
CA GLN A 62 -6.63 3.77 -0.49
C GLN A 62 -5.48 2.80 -0.48
N LEU A 63 -5.74 1.63 -0.01
CA LEU A 63 -4.84 0.56 -0.16
C LEU A 63 -4.97 -0.17 -1.49
N ILE A 64 -6.17 -0.50 -1.98
CA ILE A 64 -6.31 -0.97 -3.38
C ILE A 64 -5.59 0.00 -4.26
N ALA A 65 -5.78 1.24 -3.95
CA ALA A 65 -5.07 2.28 -4.57
C ALA A 65 -3.59 2.01 -4.42
N LEU A 66 -3.15 1.99 -3.18
CA LEU A 66 -1.81 1.76 -2.83
C LEU A 66 -1.19 0.52 -3.51
N ALA A 67 -1.88 -0.57 -3.40
CA ALA A 67 -1.53 -1.83 -3.88
C ALA A 67 -1.50 -1.85 -5.39
N ALA A 68 -2.63 -1.56 -5.98
CA ALA A 68 -2.82 -1.62 -7.43
C ALA A 68 -2.01 -0.66 -8.18
N TYR A 69 -1.89 0.49 -7.69
CA TYR A 69 -1.21 1.47 -8.38
C TYR A 69 0.27 1.26 -8.22
N HIS A 70 0.64 0.57 -7.17
CA HIS A 70 2.01 0.10 -7.08
C HIS A 70 2.17 -0.95 -8.12
N ALA A 71 1.28 -1.91 -8.03
CA ALA A 71 1.18 -3.11 -8.85
C ALA A 71 1.38 -2.80 -10.26
N LYS A 72 0.61 -1.84 -10.66
CA LYS A 72 0.57 -1.34 -11.97
C LYS A 72 2.00 -1.08 -12.52
N HIS A 73 2.88 -0.56 -11.66
CA HIS A 73 4.28 -0.38 -12.06
C HIS A 73 5.31 -1.38 -11.36
N CYS A 74 5.03 -2.01 -10.14
CA CYS A 74 5.96 -2.99 -9.60
C CYS A 74 5.85 -4.18 -10.57
N GLN A 75 6.81 -4.45 -11.46
CA GLN A 75 6.67 -5.61 -12.30
C GLN A 75 7.28 -6.80 -11.59
N GLU A 76 6.45 -7.47 -10.84
CA GLU A 76 6.81 -8.55 -10.03
C GLU A 76 5.57 -9.32 -9.87
N ASN A 77 5.69 -10.59 -9.92
CA ASN A 77 4.54 -11.38 -9.89
C ASN A 77 4.56 -12.26 -8.66
N LYS A 78 5.62 -12.11 -7.87
CA LYS A 78 5.68 -12.69 -6.56
C LYS A 78 4.56 -12.14 -5.77
N CYS A 79 3.98 -12.95 -4.95
CA CYS A 79 2.73 -12.60 -4.38
C CYS A 79 2.77 -12.18 -2.93
N PRO A 80 3.07 -10.88 -2.55
CA PRO A 80 2.83 -10.53 -1.24
C PRO A 80 1.61 -9.62 -1.02
N VAL A 81 1.38 -8.73 -1.91
CA VAL A 81 0.48 -7.64 -1.65
C VAL A 81 -0.90 -7.85 -2.22
N PRO A 82 -1.94 -7.32 -1.46
CA PRO A 82 -3.29 -7.17 -1.91
C PRO A 82 -3.21 -6.38 -3.15
N PHE A 83 -4.27 -6.20 -3.76
CA PHE A 83 -4.33 -6.09 -5.17
C PHE A 83 -3.20 -5.33 -5.84
N CYS A 84 -2.30 -6.16 -6.09
CA CYS A 84 -1.01 -6.11 -6.63
C CYS A 84 -1.12 -7.24 -7.55
N LEU A 85 -0.05 -7.94 -7.79
CA LEU A 85 0.21 -9.04 -8.80
C LEU A 85 -0.99 -10.05 -9.27
N ASN A 86 -2.18 -9.64 -9.05
CA ASN A 86 -3.44 -10.23 -9.51
C ASN A 86 -4.17 -9.15 -10.38
N ILE A 87 -4.02 -7.82 -10.01
CA ILE A 87 -4.53 -6.66 -10.83
C ILE A 87 -3.82 -6.66 -12.13
N LYS A 88 -2.65 -7.09 -12.01
CA LYS A 88 -1.71 -7.20 -13.00
C LYS A 88 -1.15 -8.56 -12.90
N GLN A 89 -1.40 -9.42 -13.82
CA GLN A 89 -0.74 -10.63 -13.69
C GLN A 89 0.54 -10.54 -14.41
N LYS A 90 1.57 -10.17 -13.69
CA LYS A 90 2.89 -10.02 -14.18
C LYS A 90 3.59 -9.44 -13.01
N LEU B 1 11.39 -8.20 -7.05
CA LEU B 1 11.98 -6.89 -7.34
C LEU B 1 10.93 -5.80 -7.21
N PRO B 2 11.19 -4.77 -6.38
CA PRO B 2 10.28 -3.64 -6.22
C PRO B 2 10.56 -2.53 -7.24
N SER B 3 9.80 -1.46 -7.18
CA SER B 3 10.00 -0.33 -8.06
C SER B 3 10.39 0.87 -7.21
N GLN B 4 9.41 1.48 -6.52
CA GLN B 4 9.66 2.50 -5.52
C GLN B 4 10.06 3.85 -6.09
N ALA B 5 9.17 4.82 -5.83
CA ALA B 5 9.21 6.22 -6.35
C ALA B 5 8.73 6.27 -7.79
N MET B 6 8.60 5.09 -8.31
CA MET B 6 8.06 4.79 -9.65
C MET B 6 6.63 4.37 -9.47
N ASP B 7 6.20 4.52 -8.25
CA ASP B 7 4.88 4.13 -7.75
C ASP B 7 3.85 5.23 -8.07
N ASP B 8 4.27 6.11 -8.96
CA ASP B 8 3.58 7.32 -9.48
C ASP B 8 2.16 7.07 -9.99
N LEU B 9 1.83 5.84 -10.21
CA LEU B 9 0.55 5.44 -10.82
C LEU B 9 -0.59 5.43 -9.83
N MET B 10 -0.28 5.87 -8.69
CA MET B 10 -1.13 5.88 -7.55
C MET B 10 -1.87 7.18 -7.31
N LEU B 11 -3.09 7.04 -6.75
CA LEU B 11 -3.84 8.22 -6.24
C LEU B 11 -3.17 8.77 -4.91
N SER B 12 -3.90 9.48 -4.07
CA SER B 12 -3.35 10.04 -2.83
C SER B 12 -2.86 8.97 -1.76
N PRO B 13 -1.50 8.86 -1.58
CA PRO B 13 -0.80 7.90 -0.61
C PRO B 13 -0.97 8.23 0.83
N ASP B 14 -1.41 9.42 1.00
CA ASP B 14 -1.37 10.18 2.22
C ASP B 14 -1.70 9.38 3.47
N ASP B 15 -2.75 8.65 3.43
CA ASP B 15 -3.14 7.82 4.54
C ASP B 15 -2.41 6.52 4.77
N ILE B 16 -1.98 5.80 3.73
CA ILE B 16 -1.50 4.46 3.95
C ILE B 16 -0.12 4.48 4.54
N GLU B 17 0.54 5.48 4.18
CA GLU B 17 1.84 5.82 4.75
C GLU B 17 1.75 6.17 6.25
N GLN B 18 0.59 6.55 6.72
CA GLN B 18 0.45 6.79 8.14
C GLN B 18 0.36 5.43 8.81
N TRP B 19 0.16 4.45 8.02
CA TRP B 19 0.03 3.16 8.53
C TRP B 19 1.38 2.51 8.46
N PHE B 20 2.18 2.99 7.52
CA PHE B 20 3.58 2.69 7.45
C PHE B 20 4.22 3.09 8.76
N THR B 21 4.01 4.33 9.18
CA THR B 21 4.48 4.76 10.35
C THR B 21 3.59 5.89 10.96
N GLU B 22 2.69 5.48 11.78
CA GLU B 22 2.18 6.32 12.81
C GLU B 22 2.59 5.68 14.06
N ASP B 23 3.33 6.39 14.82
CA ASP B 23 4.01 5.88 15.99
C ASP B 23 3.04 5.34 17.04
N PRO B 24 3.12 4.05 17.36
CA PRO B 24 2.25 3.42 18.33
C PRO B 24 2.85 3.40 19.73
N GLY B 25 3.84 4.20 19.94
CA GLY B 25 4.51 4.25 21.22
C GLY B 25 4.13 5.49 21.96
N ALA A 1 9.11 16.98 -12.09
CA ALA A 1 7.93 16.14 -12.35
C ALA A 1 8.06 14.77 -11.67
N THR A 2 9.09 14.02 -12.03
CA THR A 2 9.34 12.66 -11.55
C THR A 2 9.32 12.54 -10.01
N GLN A 3 9.67 13.61 -9.33
CA GLN A 3 9.80 13.60 -7.95
C GLN A 3 9.37 14.97 -7.50
N SER A 4 8.29 15.46 -8.10
CA SER A 4 7.91 16.84 -7.76
C SER A 4 6.52 17.03 -7.12
N PRO A 5 5.35 16.56 -7.59
CA PRO A 5 4.15 16.61 -6.73
C PRO A 5 4.36 15.39 -5.90
N GLY A 6 5.14 14.55 -6.57
CA GLY A 6 5.60 13.30 -6.22
C GLY A 6 6.84 13.03 -5.46
N ASP A 7 7.91 13.75 -5.03
CA ASP A 7 8.91 12.99 -4.35
C ASP A 7 8.25 12.81 -3.00
N SER A 8 7.66 13.82 -2.56
CA SER A 8 7.04 13.72 -1.38
C SER A 8 5.73 12.86 -1.46
N ARG A 9 4.87 12.98 -2.54
CA ARG A 9 3.78 12.03 -2.65
C ARG A 9 4.26 10.65 -2.90
N ARG A 10 5.15 10.49 -3.86
CA ARG A 10 5.56 9.18 -4.29
C ARG A 10 6.42 8.50 -3.32
N LEU A 11 7.22 9.23 -2.59
CA LEU A 11 7.97 8.64 -1.52
C LEU A 11 7.11 8.34 -0.42
N SER A 12 6.08 9.08 -0.34
CA SER A 12 5.09 8.78 0.63
C SER A 12 4.25 7.57 0.20
N ILE A 13 4.20 7.30 -1.10
CA ILE A 13 3.45 6.14 -1.59
C ILE A 13 4.36 5.02 -1.50
N GLN A 14 5.57 5.27 -1.90
CA GLN A 14 6.65 4.27 -1.76
C GLN A 14 6.67 3.73 -0.38
N ARG A 15 6.45 4.57 0.57
CA ARG A 15 6.36 4.16 1.97
C ARG A 15 5.10 3.48 2.30
N ALA A 16 4.09 3.91 1.68
CA ALA A 16 2.79 3.40 1.85
C ALA A 16 2.77 2.03 1.31
N ILE A 17 3.36 1.90 0.18
CA ILE A 17 3.56 0.70 -0.51
C ILE A 17 4.62 -0.14 0.11
N GLN A 18 5.80 0.38 0.38
CA GLN A 18 6.85 -0.43 0.99
C GLN A 18 6.37 -0.91 2.27
N SER A 19 5.62 -0.11 2.98
CA SER A 19 5.04 -0.61 4.16
C SER A 19 4.02 -1.59 3.85
N LEU A 20 3.23 -1.31 2.90
CA LEU A 20 2.21 -2.16 2.49
C LEU A 20 2.70 -3.50 1.96
N VAL A 21 3.61 -3.43 1.04
CA VAL A 21 4.24 -4.53 0.44
C VAL A 21 4.86 -5.35 1.50
N HIS A 22 5.57 -4.69 2.35
CA HIS A 22 6.23 -5.34 3.47
C HIS A 22 5.25 -5.90 4.33
N ALA A 23 4.24 -5.24 4.55
CA ALA A 23 3.20 -5.69 5.41
C ALA A 23 2.57 -6.97 4.84
N ALA A 24 2.49 -6.98 3.59
CA ALA A 24 1.96 -8.07 2.85
C ALA A 24 2.95 -9.23 2.85
N GLN A 25 4.14 -8.87 2.54
CA GLN A 25 5.23 -9.73 2.29
C GLN A 25 5.92 -10.17 3.57
N CYS A 26 5.80 -9.39 4.58
CA CYS A 26 6.31 -9.72 5.83
C CYS A 26 5.23 -10.54 6.45
N ARG A 27 5.50 -11.70 6.93
CA ARG A 27 4.42 -12.40 7.52
C ARG A 27 4.83 -12.92 8.79
N ASN A 28 4.71 -12.02 9.65
CA ASN A 28 4.90 -12.15 10.98
C ASN A 28 3.86 -11.22 11.54
N ALA A 29 2.80 -11.68 12.11
CA ALA A 29 1.82 -10.73 12.62
C ALA A 29 2.37 -9.99 13.83
N ASN A 30 3.26 -10.64 14.51
CA ASN A 30 3.92 -10.10 15.65
C ASN A 30 5.31 -9.69 15.30
N CYS A 31 5.48 -9.23 14.06
CA CYS A 31 6.66 -8.47 13.74
C CYS A 31 6.51 -7.36 14.61
N SER A 32 7.46 -6.96 15.38
CA SER A 32 7.03 -5.86 15.99
C SER A 32 7.72 -4.76 15.31
N LEU A 33 7.13 -4.44 14.22
CA LEU A 33 6.95 -3.32 13.66
C LEU A 33 5.43 -3.16 13.65
N PRO A 34 4.82 -2.68 14.66
CA PRO A 34 3.39 -2.36 14.66
C PRO A 34 2.97 -1.40 13.61
N SER A 35 3.88 -0.65 13.08
CA SER A 35 3.51 0.04 11.93
C SER A 35 3.52 -0.92 10.70
N CYS A 36 4.32 -2.08 10.74
CA CYS A 36 4.18 -3.06 9.73
C CYS A 36 2.81 -3.64 9.93
N GLN A 37 2.57 -4.01 11.22
CA GLN A 37 1.33 -4.59 11.73
C GLN A 37 0.20 -3.91 11.25
N LYS A 38 0.23 -2.70 11.40
CA LYS A 38 -0.78 -1.93 11.02
C LYS A 38 -1.10 -1.98 9.52
N MET A 39 -0.10 -1.76 8.70
CA MET A 39 -0.28 -1.71 7.25
C MET A 39 -0.78 -3.02 6.76
N LYS A 40 -0.21 -3.96 7.34
CA LYS A 40 -0.45 -5.35 7.21
C LYS A 40 -1.88 -5.59 7.52
N ARG A 41 -2.30 -4.99 8.61
CA ARG A 41 -3.66 -5.02 9.20
C ARG A 41 -4.52 -4.20 8.44
N VAL A 42 -3.95 -3.45 7.61
CA VAL A 42 -4.61 -2.68 6.74
C VAL A 42 -4.90 -3.47 5.50
N VAL A 43 -3.90 -4.16 5.00
CA VAL A 43 -4.09 -5.16 4.02
C VAL A 43 -5.10 -6.12 4.52
N GLN A 44 -4.91 -6.52 5.69
CA GLN A 44 -5.70 -7.47 6.31
C GLN A 44 -7.05 -6.87 6.76
N HIS A 45 -7.10 -5.52 6.97
CA HIS A 45 -8.38 -4.83 7.32
C HIS A 45 -9.20 -4.89 6.15
N THR A 46 -8.57 -4.48 5.11
CA THR A 46 -9.03 -4.56 3.80
C THR A 46 -9.67 -5.88 3.52
N LYS A 47 -9.00 -6.97 3.65
CA LYS A 47 -9.52 -8.22 3.11
C LYS A 47 -10.63 -8.77 3.96
N GLY A 48 -10.55 -8.56 5.26
CA GLY A 48 -11.62 -9.00 6.11
C GLY A 48 -12.76 -8.03 6.03
N CYS A 49 -12.51 -6.91 5.41
CA CYS A 49 -13.54 -5.98 5.12
C CYS A 49 -13.99 -6.25 3.67
N LYS A 50 -15.24 -6.12 3.33
CA LYS A 50 -15.52 -6.04 1.87
C LYS A 50 -16.14 -4.72 1.51
N ARG A 51 -16.32 -3.95 2.55
CA ARG A 51 -16.77 -2.62 2.43
C ARG A 51 -15.64 -1.78 1.84
N LYS A 52 -14.49 -2.48 1.64
CA LYS A 52 -13.24 -1.97 1.24
C LYS A 52 -13.40 -0.94 0.17
N THR A 53 -13.69 -1.37 -1.00
CA THR A 53 -14.14 -0.58 -1.95
C THR A 53 -15.68 -0.53 -2.03
N ASN A 54 -16.37 -1.65 -1.59
CA ASN A 54 -17.82 -1.83 -1.90
C ASN A 54 -18.67 -0.82 -1.23
N GLY A 55 -18.21 -0.38 -0.15
CA GLY A 55 -18.97 0.56 0.61
C GLY A 55 -18.35 1.86 0.46
N GLY A 56 -17.19 1.88 0.92
CA GLY A 56 -16.35 2.98 0.89
C GLY A 56 -15.66 3.11 2.14
N CYS A 57 -14.81 2.18 2.41
CA CYS A 57 -14.02 2.34 3.59
C CYS A 57 -12.64 2.52 3.08
N PRO A 58 -12.18 3.76 2.69
CA PRO A 58 -11.00 3.59 1.90
C PRO A 58 -9.67 3.52 2.67
N ILE A 59 -9.43 2.42 3.10
CA ILE A 59 -8.24 1.95 3.43
C ILE A 59 -7.75 1.16 2.41
N CYS A 60 -8.59 0.20 2.13
CA CYS A 60 -8.59 -0.77 1.05
C CYS A 60 -8.64 -0.11 -0.24
N LYS A 61 -9.30 0.96 -0.27
CA LYS A 61 -9.47 1.69 -1.44
C LYS A 61 -8.31 2.47 -1.68
N GLN A 62 -7.83 3.17 -0.68
CA GLN A 62 -6.65 3.86 -0.95
C GLN A 62 -5.45 2.94 -0.94
N LEU A 63 -5.61 1.81 -0.33
CA LEU A 63 -4.72 0.66 -0.38
C LEU A 63 -4.76 -0.02 -1.73
N ILE A 64 -5.92 -0.36 -2.26
CA ILE A 64 -6.04 -0.82 -3.65
C ILE A 64 -5.39 0.17 -4.51
N ALA A 65 -5.69 1.39 -4.27
CA ALA A 65 -5.07 2.45 -4.93
C ALA A 65 -3.56 2.29 -4.79
N LEU A 66 -3.16 2.34 -3.59
CA LEU A 66 -1.82 2.18 -3.20
C LEU A 66 -1.12 0.93 -3.84
N ALA A 67 -1.69 -0.21 -3.62
CA ALA A 67 -1.26 -1.46 -4.08
C ALA A 67 -1.32 -1.59 -5.61
N ALA A 68 -2.44 -1.25 -6.20
CA ALA A 68 -2.64 -1.32 -7.67
C ALA A 68 -1.81 -0.35 -8.43
N TYR A 69 -1.72 0.83 -7.95
CA TYR A 69 -0.98 1.82 -8.60
C TYR A 69 0.49 1.56 -8.37
N HIS A 70 0.75 0.79 -7.32
CA HIS A 70 2.08 0.19 -7.13
C HIS A 70 2.30 -0.81 -8.19
N ALA A 71 1.38 -1.77 -8.22
CA ALA A 71 1.32 -2.91 -9.13
C ALA A 71 1.57 -2.50 -10.51
N LYS A 72 0.90 -1.46 -10.84
CA LYS A 72 0.95 -0.83 -12.12
C LYS A 72 2.43 -0.58 -12.53
N HIS A 73 3.26 -0.30 -11.52
CA HIS A 73 4.72 -0.17 -11.70
C HIS A 73 5.59 -1.27 -10.90
N CYS A 74 4.98 -2.25 -10.17
CA CYS A 74 5.81 -3.28 -9.53
C CYS A 74 5.76 -4.44 -10.51
N GLN A 75 6.83 -4.75 -11.27
CA GLN A 75 6.71 -5.90 -12.14
C GLN A 75 7.04 -7.13 -11.33
N GLU A 76 6.03 -7.70 -10.70
CA GLU A 76 6.17 -8.82 -9.84
C GLU A 76 4.83 -9.47 -9.74
N ASN A 77 4.83 -10.76 -9.84
CA ASN A 77 3.59 -11.44 -9.82
C ASN A 77 3.51 -12.38 -8.64
N LYS A 78 4.61 -12.43 -7.90
CA LYS A 78 4.67 -13.17 -6.65
C LYS A 78 3.74 -12.46 -5.71
N CYS A 79 2.98 -13.19 -4.97
CA CYS A 79 1.87 -12.58 -4.29
C CYS A 79 2.05 -12.22 -2.81
N PRO A 80 2.44 -10.97 -2.43
CA PRO A 80 2.15 -10.57 -1.14
C PRO A 80 1.03 -9.54 -1.04
N VAL A 81 0.89 -8.70 -2.04
CA VAL A 81 0.08 -7.54 -1.87
C VAL A 81 -1.28 -7.59 -2.57
N PRO A 82 -2.36 -7.21 -1.68
CA PRO A 82 -3.75 -7.03 -2.02
C PRO A 82 -3.76 -6.05 -3.09
N PHE A 83 -4.85 -5.82 -3.64
CA PHE A 83 -4.91 -5.50 -5.02
C PHE A 83 -3.86 -4.54 -5.56
N CYS A 84 -2.88 -5.28 -5.79
CA CYS A 84 -1.62 -5.30 -6.34
C CYS A 84 -1.82 -6.60 -7.03
N LEU A 85 -0.82 -7.39 -7.14
CA LEU A 85 -0.58 -8.46 -8.20
C LEU A 85 -1.80 -9.31 -8.77
N ASN A 86 -2.97 -9.16 -8.21
CA ASN A 86 -4.22 -9.67 -8.76
C ASN A 86 -4.71 -8.63 -9.83
N ILE A 87 -4.15 -7.39 -9.73
CA ILE A 87 -4.34 -6.35 -10.77
C ILE A 87 -3.50 -6.73 -11.97
N LYS A 88 -2.42 -7.41 -11.70
CA LYS A 88 -1.52 -7.81 -12.73
C LYS A 88 -1.88 -9.19 -13.16
N GLN A 89 -2.97 -9.30 -13.82
CA GLN A 89 -3.37 -10.55 -14.33
C GLN A 89 -3.73 -10.39 -15.77
N LYS A 90 -2.79 -10.65 -16.64
CA LYS A 90 -2.99 -10.68 -18.06
C LYS A 90 -1.64 -10.99 -18.65
N LEU B 1 14.32 -2.58 -7.49
CA LEU B 1 12.93 -2.84 -7.14
C LEU B 1 12.13 -1.58 -7.35
N PRO B 2 11.16 -1.58 -8.27
CA PRO B 2 10.34 -0.41 -8.53
C PRO B 2 9.35 -0.17 -7.38
N SER B 3 9.79 0.58 -6.39
CA SER B 3 9.00 0.87 -5.23
C SER B 3 8.03 2.02 -5.51
N GLN B 4 8.44 2.88 -6.42
CA GLN B 4 7.71 4.05 -6.77
C GLN B 4 6.49 3.75 -7.61
N ALA B 5 5.45 4.45 -7.30
CA ALA B 5 4.20 4.38 -8.01
C ALA B 5 3.95 5.76 -8.57
N MET B 6 3.14 5.84 -9.59
CA MET B 6 2.87 7.12 -10.21
C MET B 6 1.65 7.73 -9.59
N ASP B 7 1.84 8.86 -8.94
CA ASP B 7 0.77 9.55 -8.19
C ASP B 7 -0.39 9.98 -9.09
N ASP B 8 -0.08 10.27 -10.32
CA ASP B 8 -1.08 10.69 -11.32
C ASP B 8 -2.01 9.55 -11.71
N LEU B 9 -1.55 8.36 -11.45
CA LEU B 9 -2.29 7.15 -11.74
C LEU B 9 -2.95 6.65 -10.50
N MET B 10 -2.98 7.51 -9.52
CA MET B 10 -3.40 7.10 -8.18
C MET B 10 -4.52 7.90 -7.56
N LEU B 11 -5.09 7.27 -6.50
CA LEU B 11 -5.92 7.98 -5.50
C LEU B 11 -4.97 8.75 -4.58
N SER B 12 -5.48 9.37 -3.54
CA SER B 12 -4.64 10.04 -2.58
C SER B 12 -3.88 9.02 -1.68
N PRO B 13 -2.53 8.91 -1.86
CA PRO B 13 -1.67 7.94 -1.10
C PRO B 13 -1.55 8.31 0.36
N ASP B 14 -1.95 9.51 0.61
CA ASP B 14 -1.90 10.19 1.90
C ASP B 14 -2.42 9.33 3.04
N ASP B 15 -3.40 8.52 2.75
CA ASP B 15 -4.01 7.65 3.74
C ASP B 15 -3.21 6.44 4.19
N ILE B 16 -2.51 5.76 3.29
CA ILE B 16 -1.88 4.53 3.64
C ILE B 16 -0.66 4.79 4.43
N GLU B 17 -0.19 5.90 4.20
CA GLU B 17 0.82 6.65 5.00
C GLU B 17 0.41 6.72 6.48
N GLN B 18 -0.86 6.67 6.78
CA GLN B 18 -1.27 6.68 8.18
C GLN B 18 -1.12 5.27 8.71
N TRP B 19 -1.28 4.34 7.83
CA TRP B 19 -1.29 2.98 8.23
C TRP B 19 0.13 2.47 8.15
N PHE B 20 0.87 3.11 7.32
CA PHE B 20 2.27 2.96 7.27
C PHE B 20 2.85 3.44 8.58
N THR B 21 2.56 4.68 8.98
CA THR B 21 3.02 5.16 10.14
C THR B 21 2.08 6.22 10.78
N GLU B 22 1.28 5.76 11.65
CA GLU B 22 0.79 6.58 12.71
C GLU B 22 1.46 5.98 13.88
N ASP B 23 2.32 6.74 14.50
CA ASP B 23 3.31 6.25 15.46
C ASP B 23 2.74 5.53 16.65
N PRO B 24 2.98 4.22 16.75
CA PRO B 24 2.59 3.44 17.89
C PRO B 24 3.73 3.37 18.93
N GLY B 25 3.38 3.06 20.13
CA GLY B 25 4.34 2.95 21.18
C GLY B 25 3.69 2.35 22.38
N ALA A 1 15.13 19.69 -8.34
CA ALA A 1 14.18 19.49 -7.25
C ALA A 1 14.52 18.22 -6.51
N THR A 2 14.58 18.29 -5.20
CA THR A 2 14.87 17.12 -4.41
C THR A 2 13.57 16.35 -4.21
N GLN A 3 12.53 17.07 -3.92
CA GLN A 3 11.26 16.57 -3.61
C GLN A 3 10.36 17.46 -4.39
N SER A 4 9.16 17.07 -4.70
CA SER A 4 8.45 17.86 -5.59
C SER A 4 7.09 18.17 -4.91
N PRO A 5 5.94 18.25 -5.70
CA PRO A 5 4.63 17.88 -5.16
C PRO A 5 4.69 16.42 -4.86
N GLY A 6 5.76 15.93 -5.27
CA GLY A 6 5.91 14.72 -5.08
C GLY A 6 6.60 13.80 -5.89
N ASP A 7 7.84 14.14 -5.99
CA ASP A 7 8.81 13.13 -5.81
C ASP A 7 8.48 12.68 -4.40
N SER A 8 8.24 13.68 -3.55
CA SER A 8 7.86 13.48 -2.21
C SER A 8 6.48 12.72 -2.06
N ARG A 9 5.44 13.11 -2.88
CA ARG A 9 4.14 12.46 -2.95
C ARG A 9 4.40 10.99 -3.27
N ARG A 10 5.22 10.75 -4.30
CA ARG A 10 5.60 9.40 -4.72
C ARG A 10 6.25 8.65 -3.63
N LEU A 11 7.35 9.18 -3.09
CA LEU A 11 8.11 8.56 -2.00
C LEU A 11 7.23 8.18 -0.90
N SER A 12 6.31 9.03 -0.63
CA SER A 12 5.36 8.84 0.43
C SER A 12 4.53 7.55 0.15
N ILE A 13 4.13 7.35 -1.10
CA ILE A 13 3.40 6.12 -1.50
C ILE A 13 4.30 4.99 -1.74
N GLN A 14 5.42 5.25 -2.30
CA GLN A 14 6.48 4.26 -2.41
C GLN A 14 6.69 3.59 -1.07
N ARG A 15 6.72 4.38 -0.03
CA ARG A 15 6.84 3.89 1.35
C ARG A 15 5.61 3.25 1.86
N ALA A 16 4.55 3.72 1.37
CA ALA A 16 3.24 3.26 1.66
C ALA A 16 3.10 1.91 1.10
N ILE A 17 3.51 1.79 -0.12
CA ILE A 17 3.63 0.58 -0.80
C ILE A 17 4.69 -0.30 -0.19
N GLN A 18 5.90 0.19 0.01
CA GLN A 18 6.98 -0.62 0.61
C GLN A 18 6.52 -1.14 1.91
N SER A 19 5.80 -0.33 2.65
CA SER A 19 5.27 -0.80 3.87
C SER A 19 4.25 -1.76 3.61
N LEU A 20 3.40 -1.46 2.70
CA LEU A 20 2.38 -2.29 2.34
C LEU A 20 2.86 -3.64 1.78
N VAL A 21 3.76 -3.61 0.86
CA VAL A 21 4.36 -4.72 0.24
C VAL A 21 5.01 -5.58 1.28
N HIS A 22 5.66 -4.93 2.16
CA HIS A 22 6.32 -5.57 3.26
C HIS A 22 5.31 -6.12 4.14
N ALA A 23 4.34 -5.37 4.43
CA ALA A 23 3.29 -5.76 5.30
C ALA A 23 2.43 -6.89 4.64
N ALA A 24 2.50 -6.99 3.35
CA ALA A 24 1.91 -8.03 2.60
C ALA A 24 2.70 -9.29 2.75
N GLN A 25 3.95 -9.11 2.56
CA GLN A 25 4.92 -10.15 2.45
C GLN A 25 5.42 -10.61 3.81
N CYS A 26 5.35 -9.75 4.74
CA CYS A 26 5.77 -9.98 6.03
C CYS A 26 4.55 -10.53 6.72
N ARG A 27 4.64 -11.65 7.36
CA ARG A 27 3.46 -12.13 7.98
C ARG A 27 3.80 -12.61 9.30
N ASN A 28 3.76 -11.65 10.10
CA ASN A 28 4.01 -11.72 11.45
C ASN A 28 3.09 -10.70 12.07
N ALA A 29 2.03 -11.06 12.70
CA ALA A 29 1.14 -10.04 13.20
C ALA A 29 1.69 -9.36 14.45
N ASN A 30 2.78 -9.89 14.99
CA ASN A 30 3.42 -9.32 16.16
C ASN A 30 4.85 -8.91 15.88
N CYS A 31 5.14 -8.62 14.61
CA CYS A 31 6.39 -7.96 14.25
C CYS A 31 6.32 -6.71 14.93
N SER A 32 7.29 -6.29 15.67
CA SER A 32 6.91 -5.10 16.17
C SER A 32 7.60 -3.93 15.54
N LEU A 33 6.99 -3.50 14.46
CA LEU A 33 6.59 -2.26 14.15
C LEU A 33 5.09 -2.47 14.16
N PRO A 34 4.32 -2.14 15.15
CA PRO A 34 2.86 -2.09 14.97
C PRO A 34 2.45 -1.26 13.81
N SER A 35 3.33 -0.48 13.38
CA SER A 35 3.25 0.23 12.18
C SER A 35 3.37 -0.77 10.95
N CYS A 36 4.22 -1.88 11.07
CA CYS A 36 4.25 -2.86 10.02
C CYS A 36 2.91 -3.51 10.08
N GLN A 37 2.54 -3.88 11.36
CA GLN A 37 1.27 -4.50 11.78
C GLN A 37 0.17 -3.83 11.20
N LYS A 38 0.22 -2.62 11.32
CA LYS A 38 -0.72 -1.77 10.86
C LYS A 38 -0.99 -1.86 9.35
N MET A 39 0.05 -1.71 8.58
CA MET A 39 -0.05 -1.71 7.12
C MET A 39 -0.51 -3.06 6.67
N LYS A 40 0.03 -3.97 7.36
CA LYS A 40 -0.17 -5.37 7.26
C LYS A 40 -1.60 -5.65 7.50
N ARG A 41 -2.10 -5.02 8.54
CA ARG A 41 -3.50 -5.05 9.04
C ARG A 41 -4.32 -4.36 8.14
N VAL A 42 -3.70 -3.64 7.29
CA VAL A 42 -4.30 -2.96 6.34
C VAL A 42 -4.51 -3.71 5.06
N VAL A 43 -3.47 -4.43 4.65
CA VAL A 43 -3.57 -5.46 3.70
C VAL A 43 -4.64 -6.37 4.16
N GLN A 44 -4.49 -6.73 5.35
CA GLN A 44 -5.31 -7.63 6.00
C GLN A 44 -6.71 -7.02 6.28
N HIS A 45 -6.78 -5.67 6.35
CA HIS A 45 -8.04 -4.96 6.68
C HIS A 45 -8.88 -5.04 5.57
N THR A 46 -8.33 -4.67 4.46
CA THR A 46 -9.03 -4.73 3.25
C THR A 46 -9.60 -6.12 3.10
N LYS A 47 -8.78 -7.12 3.17
CA LYS A 47 -9.15 -8.43 2.70
C LYS A 47 -10.29 -9.03 3.48
N GLY A 48 -10.25 -8.86 4.79
CA GLY A 48 -11.31 -9.39 5.60
C GLY A 48 -12.50 -8.48 5.56
N CYS A 49 -12.31 -7.33 4.97
CA CYS A 49 -13.37 -6.37 4.84
C CYS A 49 -14.04 -6.50 3.46
N LYS A 50 -15.38 -6.57 3.43
CA LYS A 50 -16.12 -6.66 2.20
C LYS A 50 -16.59 -5.26 1.88
N ARG A 51 -16.45 -4.32 2.88
CA ARG A 51 -16.78 -3.01 2.86
C ARG A 51 -15.68 -2.21 2.23
N LYS A 52 -14.55 -2.92 1.88
CA LYS A 52 -13.35 -2.32 1.43
C LYS A 52 -13.62 -1.22 0.48
N THR A 53 -14.01 -1.53 -0.68
CA THR A 53 -14.47 -0.63 -1.49
C THR A 53 -16.02 -0.49 -1.45
N ASN A 54 -16.77 -1.62 -1.04
CA ASN A 54 -18.23 -1.63 -1.20
C ASN A 54 -18.95 -0.65 -0.27
N GLY A 55 -18.38 -0.43 0.89
CA GLY A 55 -18.99 0.47 1.84
C GLY A 55 -18.27 1.80 1.86
N GLY A 56 -17.33 1.94 0.96
CA GLY A 56 -16.54 3.12 0.89
C GLY A 56 -15.54 3.15 1.93
N CYS A 57 -14.87 2.08 2.12
CA CYS A 57 -13.81 2.11 3.01
C CYS A 57 -12.61 2.71 2.21
N PRO A 58 -11.81 3.57 2.85
CA PRO A 58 -10.53 4.21 2.49
C PRO A 58 -9.61 3.12 2.77
N ILE A 59 -8.36 3.28 3.08
CA ILE A 59 -7.21 2.43 2.96
C ILE A 59 -7.35 0.88 2.70
N CYS A 60 -8.50 0.36 2.66
CA CYS A 60 -8.80 -0.82 1.85
C CYS A 60 -8.78 -0.31 0.40
N LYS A 61 -9.49 0.80 0.19
CA LYS A 61 -9.55 1.51 -1.06
C LYS A 61 -8.33 2.21 -1.21
N GLN A 62 -7.87 2.84 -0.15
CA GLN A 62 -6.63 3.53 -0.31
C GLN A 62 -5.44 2.58 -0.42
N LEU A 63 -5.68 1.36 -0.03
CA LEU A 63 -4.77 0.24 -0.28
C LEU A 63 -4.91 -0.28 -1.67
N ILE A 64 -6.11 -0.56 -2.17
CA ILE A 64 -6.26 -0.86 -3.60
C ILE A 64 -5.60 0.23 -4.40
N ALA A 65 -5.83 1.43 -3.98
CA ALA A 65 -5.21 2.56 -4.57
C ALA A 65 -3.73 2.38 -4.49
N LEU A 66 -3.29 2.18 -3.32
CA LEU A 66 -1.94 1.97 -3.03
C LEU A 66 -1.32 0.73 -3.78
N ALA A 67 -1.86 -0.43 -3.53
CA ALA A 67 -1.48 -1.67 -4.06
C ALA A 67 -1.57 -1.70 -5.60
N ALA A 68 -2.71 -1.31 -6.15
CA ALA A 68 -2.95 -1.37 -7.63
C ALA A 68 -2.19 -0.40 -8.42
N TYR A 69 -2.11 0.77 -7.94
CA TYR A 69 -1.43 1.76 -8.60
C TYR A 69 0.07 1.53 -8.46
N HIS A 70 0.40 0.70 -7.50
CA HIS A 70 1.77 0.17 -7.40
C HIS A 70 1.95 -0.90 -8.43
N ALA A 71 1.03 -1.84 -8.41
CA ALA A 71 0.91 -2.98 -9.29
C ALA A 71 1.15 -2.58 -10.67
N LYS A 72 0.50 -1.53 -10.99
CA LYS A 72 0.53 -0.87 -12.26
C LYS A 72 2.01 -0.66 -12.74
N HIS A 73 2.93 -0.52 -11.76
CA HIS A 73 4.40 -0.43 -12.02
C HIS A 73 5.27 -1.65 -11.45
N CYS A 74 4.93 -2.30 -10.27
CA CYS A 74 5.74 -3.46 -9.77
C CYS A 74 5.66 -4.57 -10.87
N GLN A 75 6.76 -4.97 -11.55
CA GLN A 75 6.58 -6.06 -12.51
C GLN A 75 6.68 -7.36 -11.73
N GLU A 76 5.55 -7.86 -11.24
CA GLU A 76 5.53 -9.05 -10.45
C GLU A 76 4.17 -9.67 -10.48
N ASN A 77 4.14 -10.96 -10.53
CA ASN A 77 2.92 -11.69 -10.65
C ASN A 77 2.76 -12.60 -9.45
N LYS A 78 3.68 -12.45 -8.52
CA LYS A 78 3.83 -13.38 -7.42
C LYS A 78 2.76 -13.38 -6.34
N CYS A 79 3.02 -12.90 -5.12
CA CYS A 79 2.06 -13.23 -4.09
C CYS A 79 1.82 -12.29 -2.91
N PRO A 80 2.66 -11.26 -2.51
CA PRO A 80 2.39 -10.71 -1.27
C PRO A 80 1.28 -9.70 -1.26
N VAL A 81 1.19 -8.90 -2.28
CA VAL A 81 0.33 -7.79 -2.16
C VAL A 81 -1.01 -7.91 -2.91
N PRO A 82 -2.13 -7.64 -2.10
CA PRO A 82 -3.51 -7.51 -2.52
C PRO A 82 -3.49 -6.45 -3.50
N PHE A 83 -4.56 -6.21 -4.09
CA PHE A 83 -4.58 -5.87 -5.46
C PHE A 83 -3.49 -4.92 -5.94
N CYS A 84 -2.51 -5.66 -6.14
CA CYS A 84 -1.22 -5.71 -6.62
C CYS A 84 -1.46 -7.00 -7.28
N LEU A 85 -0.55 -7.94 -7.30
CA LEU A 85 -0.50 -9.19 -8.21
C LEU A 85 -1.84 -9.99 -8.61
N ASN A 86 -2.95 -9.35 -8.43
CA ASN A 86 -4.29 -9.69 -8.92
C ASN A 86 -4.61 -8.66 -10.06
N ILE A 87 -4.07 -7.42 -9.90
CA ILE A 87 -4.10 -6.35 -10.94
C ILE A 87 -2.99 -6.67 -11.95
N LYS A 88 -2.05 -7.45 -11.47
CA LYS A 88 -0.98 -7.96 -12.29
C LYS A 88 -1.40 -9.32 -12.73
N GLN A 89 -2.36 -9.39 -13.56
CA GLN A 89 -2.82 -10.65 -14.03
C GLN A 89 -3.09 -10.60 -15.50
N LYS A 90 -2.15 -11.02 -16.31
CA LYS A 90 -2.32 -11.09 -17.72
C LYS A 90 -1.64 -12.35 -18.18
N LEU B 1 15.53 1.79 -5.00
CA LEU B 1 14.57 2.21 -6.03
C LEU B 1 13.32 1.31 -6.10
N PRO B 2 13.44 -0.06 -6.24
CA PRO B 2 12.26 -0.97 -6.31
C PRO B 2 11.24 -0.75 -5.17
N SER B 3 10.02 -1.18 -5.44
CA SER B 3 8.85 -0.98 -4.60
C SER B 3 8.33 0.45 -4.74
N GLN B 4 8.62 1.05 -5.88
CA GLN B 4 8.20 2.40 -6.19
C GLN B 4 7.07 2.39 -7.21
N ALA B 5 6.41 3.51 -7.39
CA ALA B 5 5.46 3.67 -8.43
C ALA B 5 5.39 5.13 -8.76
N MET B 6 4.87 5.44 -9.91
CA MET B 6 4.75 6.81 -10.32
C MET B 6 3.45 7.36 -9.82
N ASP B 7 3.43 8.62 -9.55
CA ASP B 7 2.28 9.28 -8.94
C ASP B 7 1.19 9.59 -9.98
N ASP B 8 1.41 9.14 -11.21
CA ASP B 8 0.39 9.21 -12.27
C ASP B 8 -0.48 8.00 -12.16
N LEU B 9 0.11 6.99 -11.61
CA LEU B 9 -0.51 5.72 -11.39
C LEU B 9 -1.32 5.81 -10.18
N MET B 10 -0.67 6.27 -9.21
CA MET B 10 -1.14 6.24 -7.86
C MET B 10 -1.96 7.38 -7.39
N LEU B 11 -2.87 7.04 -6.49
CA LEU B 11 -3.64 8.04 -5.75
C LEU B 11 -2.84 8.56 -4.53
N SER B 12 -3.46 9.41 -3.74
CA SER B 12 -2.85 10.04 -2.58
C SER B 12 -2.29 9.00 -1.58
N PRO B 13 -1.00 9.14 -1.24
CA PRO B 13 -0.32 8.29 -0.24
C PRO B 13 -0.80 8.52 1.15
N ASP B 14 -1.45 9.63 1.30
CA ASP B 14 -1.88 10.24 2.55
C ASP B 14 -2.40 9.23 3.56
N ASP B 15 -3.22 8.33 3.10
CA ASP B 15 -3.81 7.37 4.01
C ASP B 15 -2.86 6.26 4.47
N ILE B 16 -2.22 5.57 3.53
CA ILE B 16 -1.48 4.38 3.81
C ILE B 16 -0.14 4.67 4.45
N GLU B 17 0.33 5.81 4.19
CA GLU B 17 1.60 6.30 4.72
C GLU B 17 1.55 6.68 6.21
N GLN B 18 0.38 6.91 6.72
CA GLN B 18 0.28 7.11 8.16
C GLN B 18 0.36 5.74 8.80
N TRP B 19 0.09 4.76 7.97
CA TRP B 19 0.03 3.44 8.41
C TRP B 19 1.41 2.85 8.31
N PHE B 20 2.09 3.19 7.21
CA PHE B 20 3.47 2.88 6.99
C PHE B 20 4.30 3.36 8.15
N THR B 21 4.07 4.57 8.57
CA THR B 21 4.74 5.07 9.60
C THR B 21 3.91 6.08 10.39
N GLU B 22 3.31 5.54 11.38
CA GLU B 22 3.10 6.24 12.57
C GLU B 22 3.81 5.44 13.62
N ASP B 23 4.62 6.13 14.35
CA ASP B 23 5.61 5.58 15.30
C ASP B 23 5.07 4.45 16.18
N PRO B 24 5.75 3.27 16.12
CA PRO B 24 5.43 2.09 16.91
C PRO B 24 5.19 2.36 18.39
N GLY B 25 4.23 1.66 18.90
CA GLY B 25 3.87 1.73 20.28
C GLY B 25 3.12 0.50 20.67
N ALA A 1 11.61 18.95 -10.55
CA ALA A 1 12.05 17.63 -11.00
C ALA A 1 10.93 16.63 -10.72
N THR A 2 11.19 15.33 -10.91
CA THR A 2 10.18 14.29 -10.73
C THR A 2 10.06 13.92 -9.23
N GLN A 3 10.59 14.76 -8.40
CA GLN A 3 10.67 14.54 -7.04
C GLN A 3 10.45 15.89 -6.44
N SER A 4 9.51 16.62 -7.03
CA SER A 4 9.32 18.01 -6.60
C SER A 4 7.93 18.33 -6.07
N PRO A 5 6.78 18.16 -6.73
CA PRO A 5 5.52 18.10 -5.96
C PRO A 5 5.58 16.72 -5.39
N GLY A 6 6.30 15.95 -6.21
CA GLY A 6 6.62 14.57 -6.13
C GLY A 6 7.60 14.00 -5.18
N ASP A 7 8.61 14.59 -4.43
CA ASP A 7 9.39 13.64 -3.72
C ASP A 7 8.49 13.37 -2.55
N SER A 8 7.93 14.39 -2.05
CA SER A 8 7.11 14.19 -1.01
C SER A 8 5.74 13.47 -1.42
N ARG A 9 5.16 13.74 -2.66
CA ARG A 9 4.03 12.99 -3.14
C ARG A 9 4.44 11.50 -3.28
N ARG A 10 5.52 11.26 -4.08
CA ARG A 10 5.97 9.89 -4.37
C ARG A 10 6.37 9.19 -3.13
N LEU A 11 7.24 9.79 -2.35
CA LEU A 11 7.78 9.16 -1.18
C LEU A 11 6.78 8.89 -0.18
N SER A 12 5.78 9.67 -0.17
CA SER A 12 4.68 9.45 0.73
C SER A 12 3.99 8.09 0.35
N ILE A 13 3.74 7.89 -0.94
CA ILE A 13 3.08 6.64 -1.39
C ILE A 13 4.03 5.53 -1.60
N GLN A 14 5.25 5.86 -1.84
CA GLN A 14 6.29 4.92 -1.93
C GLN A 14 6.35 4.20 -0.62
N ARG A 15 6.32 4.96 0.46
CA ARG A 15 6.29 4.43 1.81
C ARG A 15 5.05 3.73 2.13
N ALA A 16 4.03 4.19 1.52
CA ALA A 16 2.74 3.70 1.66
C ALA A 16 2.76 2.32 1.11
N ILE A 17 3.27 2.22 -0.08
CA ILE A 17 3.52 0.97 -0.71
C ILE A 17 4.59 0.15 -0.01
N GLN A 18 5.75 0.70 0.25
CA GLN A 18 6.85 -0.04 0.88
C GLN A 18 6.39 -0.58 2.16
N SER A 19 5.60 0.17 2.90
CA SER A 19 5.10 -0.38 4.10
C SER A 19 4.10 -1.37 3.80
N LEU A 20 3.29 -1.10 2.85
CA LEU A 20 2.31 -1.97 2.43
C LEU A 20 2.87 -3.31 1.91
N VAL A 21 3.83 -3.22 1.04
CA VAL A 21 4.52 -4.29 0.46
C VAL A 21 5.17 -5.08 1.53
N HIS A 22 5.80 -4.40 2.40
CA HIS A 22 6.50 -5.00 3.51
C HIS A 22 5.55 -5.62 4.38
N ALA A 23 4.50 -5.03 4.60
CA ALA A 23 3.47 -5.54 5.42
C ALA A 23 2.91 -6.82 4.82
N ALA A 24 2.85 -6.80 3.57
CA ALA A 24 2.40 -7.89 2.81
C ALA A 24 3.42 -9.01 2.84
N GLN A 25 4.65 -8.59 2.63
CA GLN A 25 5.76 -9.44 2.45
C GLN A 25 6.38 -9.90 3.75
N CYS A 26 6.23 -9.12 4.75
CA CYS A 26 6.73 -9.40 6.03
C CYS A 26 5.69 -10.27 6.60
N ARG A 27 6.01 -11.46 7.03
CA ARG A 27 4.92 -12.28 7.44
C ARG A 27 5.18 -12.85 8.73
N ASN A 28 4.88 -12.04 9.60
CA ASN A 28 4.85 -12.25 10.96
C ASN A 28 3.71 -11.37 11.40
N ALA A 29 2.62 -11.90 11.88
CA ALA A 29 1.50 -11.01 12.21
C ALA A 29 1.81 -10.20 13.47
N ASN A 30 2.77 -10.68 14.22
CA ASN A 30 3.24 -10.07 15.43
C ASN A 30 4.70 -9.75 15.28
N CYS A 31 5.08 -9.30 14.09
CA CYS A 31 6.37 -8.63 13.93
C CYS A 31 6.21 -7.51 14.80
N SER A 32 7.15 -7.13 15.62
CA SER A 32 6.71 -6.03 16.21
C SER A 32 7.50 -4.96 15.57
N LEU A 33 7.00 -4.61 14.45
CA LEU A 33 6.88 -3.48 13.89
C LEU A 33 5.37 -3.33 13.78
N PRO A 34 4.69 -2.87 14.77
CA PRO A 34 3.24 -2.59 14.71
C PRO A 34 2.90 -1.62 13.64
N SER A 35 3.85 -0.91 13.19
CA SER A 35 3.66 -0.14 12.00
C SER A 35 3.63 -1.12 10.78
N CYS A 36 4.43 -2.24 10.82
CA CYS A 36 4.30 -3.22 9.80
C CYS A 36 2.93 -3.78 9.95
N GLN A 37 2.64 -4.18 11.22
CA GLN A 37 1.37 -4.75 11.67
C GLN A 37 0.27 -4.05 11.18
N LYS A 38 0.33 -2.83 11.32
CA LYS A 38 -0.68 -2.07 10.93
C LYS A 38 -0.99 -2.11 9.43
N MET A 39 0.00 -1.84 8.62
CA MET A 39 -0.17 -1.78 7.15
C MET A 39 -0.67 -3.07 6.65
N LYS A 40 -0.08 -4.01 7.23
CA LYS A 40 -0.29 -5.38 7.09
C LYS A 40 -1.74 -5.65 7.37
N ARG A 41 -2.18 -5.13 8.51
CA ARG A 41 -3.55 -5.15 9.04
C ARG A 41 -4.41 -4.32 8.25
N VAL A 42 -3.83 -3.54 7.42
CA VAL A 42 -4.52 -2.78 6.53
C VAL A 42 -4.78 -3.53 5.28
N VAL A 43 -3.76 -4.21 4.78
CA VAL A 43 -3.90 -5.19 3.80
C VAL A 43 -4.92 -6.16 4.27
N GLN A 44 -4.73 -6.57 5.43
CA GLN A 44 -5.53 -7.54 6.03
C GLN A 44 -6.91 -7.01 6.44
N HIS A 45 -6.99 -5.68 6.74
CA HIS A 45 -8.29 -5.06 7.16
C HIS A 45 -9.12 -5.13 5.98
N THR A 46 -8.54 -4.62 4.95
CA THR A 46 -9.01 -4.63 3.62
C THR A 46 -9.60 -5.98 3.25
N LYS A 47 -8.89 -7.04 3.36
CA LYS A 47 -9.32 -8.28 2.76
C LYS A 47 -10.49 -8.87 3.48
N GLY A 48 -10.50 -8.76 4.79
CA GLY A 48 -11.65 -9.25 5.49
C GLY A 48 -12.76 -8.25 5.42
N CYS A 49 -12.42 -7.01 5.11
CA CYS A 49 -13.40 -5.95 5.07
C CYS A 49 -13.88 -5.69 3.68
N LYS A 50 -14.74 -6.53 3.09
CA LYS A 50 -15.10 -6.41 1.60
C LYS A 50 -15.90 -5.15 1.29
N ARG A 51 -16.17 -4.48 2.35
CA ARG A 51 -16.68 -3.17 2.31
C ARG A 51 -15.61 -2.21 1.70
N LYS A 52 -14.42 -2.78 1.41
CA LYS A 52 -13.23 -2.15 0.93
C LYS A 52 -13.55 -1.10 -0.11
N THR A 53 -13.93 -1.50 -1.27
CA THR A 53 -14.52 -0.69 -2.16
C THR A 53 -16.04 -0.73 -2.09
N ASN A 54 -16.63 -1.88 -1.60
CA ASN A 54 -18.08 -2.04 -1.70
C ASN A 54 -18.87 -1.09 -0.83
N GLY A 55 -18.33 -0.76 0.31
CA GLY A 55 -19.01 0.12 1.23
C GLY A 55 -18.26 1.42 1.45
N GLY A 56 -17.27 1.67 0.61
CA GLY A 56 -16.49 2.86 0.73
C GLY A 56 -15.73 2.91 1.98
N CYS A 57 -15.05 1.86 2.30
CA CYS A 57 -14.29 1.91 3.50
C CYS A 57 -12.93 2.15 3.02
N PRO A 58 -12.46 3.45 2.76
CA PRO A 58 -11.30 3.37 1.96
C PRO A 58 -9.98 3.22 2.72
N ILE A 59 -9.74 2.06 3.04
CA ILE A 59 -8.57 1.58 3.35
C ILE A 59 -7.98 0.88 2.31
N CYS A 60 -8.76 -0.10 1.88
CA CYS A 60 -8.58 -0.91 0.68
C CYS A 60 -8.79 -0.08 -0.48
N LYS A 61 -9.50 0.95 -0.34
CA LYS A 61 -9.69 1.75 -1.44
C LYS A 61 -8.51 2.55 -1.63
N GLN A 62 -8.01 3.18 -0.58
CA GLN A 62 -6.81 3.88 -0.82
C GLN A 62 -5.59 2.97 -0.83
N LEU A 63 -5.74 1.81 -0.27
CA LEU A 63 -4.82 0.72 -0.41
C LEU A 63 -4.90 0.08 -1.79
N ILE A 64 -6.06 -0.23 -2.33
CA ILE A 64 -6.18 -0.62 -3.77
C ILE A 64 -5.52 0.42 -4.58
N ALA A 65 -5.86 1.62 -4.28
CA ALA A 65 -5.30 2.77 -4.92
C ALA A 65 -3.79 2.71 -4.86
N LEU A 66 -3.34 2.47 -3.67
CA LEU A 66 -2.00 2.31 -3.33
C LEU A 66 -1.34 1.05 -3.99
N ALA A 67 -1.85 -0.11 -3.64
CA ALA A 67 -1.44 -1.36 -4.11
C ALA A 67 -1.49 -1.43 -5.61
N ALA A 68 -2.58 -0.96 -6.19
CA ALA A 68 -2.75 -0.99 -7.61
C ALA A 68 -1.85 -0.10 -8.36
N TYR A 69 -1.52 1.09 -7.86
CA TYR A 69 -0.60 1.90 -8.60
C TYR A 69 0.78 1.28 -8.51
N HIS A 70 1.01 0.60 -7.38
CA HIS A 70 2.22 -0.23 -7.21
C HIS A 70 2.24 -1.27 -8.28
N ALA A 71 1.18 -2.04 -8.28
CA ALA A 71 0.91 -3.14 -9.18
C ALA A 71 1.08 -2.72 -10.58
N LYS A 72 0.43 -1.65 -10.86
CA LYS A 72 0.37 -1.04 -12.15
C LYS A 72 1.77 -0.91 -12.77
N HIS A 73 2.73 -0.56 -11.94
CA HIS A 73 4.16 -0.46 -12.37
C HIS A 73 5.08 -1.68 -11.93
N CYS A 74 4.88 -2.28 -10.75
CA CYS A 74 5.72 -3.39 -10.30
C CYS A 74 5.35 -4.62 -11.13
N GLN A 75 6.22 -5.17 -11.98
CA GLN A 75 5.82 -6.38 -12.66
C GLN A 75 6.03 -7.55 -11.73
N GLU A 76 5.01 -7.87 -10.93
CA GLU A 76 5.12 -8.96 -10.05
C GLU A 76 3.78 -9.61 -9.88
N ASN A 77 3.81 -10.89 -9.98
CA ASN A 77 2.62 -11.65 -10.00
C ASN A 77 2.60 -12.63 -8.83
N LYS A 78 3.57 -12.49 -7.97
CA LYS A 78 3.81 -13.46 -6.95
C LYS A 78 2.96 -13.45 -5.71
N CYS A 79 3.45 -12.86 -4.64
CA CYS A 79 2.83 -13.23 -3.41
C CYS A 79 2.30 -12.17 -2.46
N PRO A 80 2.98 -11.04 -2.11
CA PRO A 80 2.59 -10.43 -0.93
C PRO A 80 1.47 -9.42 -1.00
N VAL A 81 1.38 -8.64 -2.04
CA VAL A 81 0.52 -7.52 -1.95
C VAL A 81 -0.83 -7.65 -2.70
N PRO A 82 -1.93 -7.22 -1.94
CA PRO A 82 -3.28 -6.97 -2.41
C PRO A 82 -3.13 -5.99 -3.50
N PHE A 83 -4.17 -5.67 -4.11
CA PHE A 83 -4.16 -5.50 -5.52
C PHE A 83 -2.94 -4.77 -6.15
N CYS A 84 -2.10 -5.68 -6.22
CA CYS A 84 -0.84 -5.97 -6.68
C CYS A 84 -1.27 -7.30 -7.17
N LEU A 85 -0.48 -8.31 -7.07
CA LEU A 85 -0.66 -9.68 -7.76
C LEU A 85 -2.15 -10.34 -7.92
N ASN A 86 -3.20 -9.54 -7.78
CA ASN A 86 -4.60 -9.83 -8.10
C ASN A 86 -5.05 -8.82 -9.21
N ILE A 87 -4.52 -7.55 -9.17
CA ILE A 87 -4.72 -6.61 -10.29
C ILE A 87 -3.79 -7.10 -11.37
N LYS A 88 -2.71 -7.68 -10.92
CA LYS A 88 -1.78 -8.27 -11.79
C LYS A 88 -2.11 -9.71 -11.91
N GLN A 89 -3.11 -10.00 -12.64
CA GLN A 89 -3.42 -11.35 -12.96
C GLN A 89 -3.63 -11.40 -14.44
N LYS A 90 -2.61 -11.75 -15.17
CA LYS A 90 -2.68 -11.77 -16.59
C LYS A 90 -1.41 -12.45 -17.06
N LEU B 1 13.90 1.28 -8.80
CA LEU B 1 13.07 0.44 -7.97
C LEU B 1 11.63 0.54 -8.41
N PRO B 2 10.97 -0.58 -8.74
CA PRO B 2 9.59 -0.58 -9.21
C PRO B 2 8.59 -0.49 -8.03
N SER B 3 9.11 -0.09 -6.89
CA SER B 3 8.35 0.05 -5.71
C SER B 3 7.44 1.27 -5.80
N GLN B 4 7.98 2.35 -6.32
CA GLN B 4 7.22 3.56 -6.49
C GLN B 4 6.71 3.62 -7.90
N ALA B 5 5.62 4.29 -8.11
CA ALA B 5 5.08 4.43 -9.44
C ALA B 5 4.47 5.81 -9.67
N MET B 6 3.82 5.97 -10.81
CA MET B 6 3.22 7.24 -11.21
C MET B 6 2.05 7.64 -10.32
N ASP B 7 2.08 8.89 -9.90
CA ASP B 7 1.14 9.45 -8.91
C ASP B 7 -0.24 9.77 -9.51
N ASP B 8 -0.46 9.37 -10.71
CA ASP B 8 -1.75 9.65 -11.35
C ASP B 8 -2.67 8.49 -11.16
N LEU B 9 -2.09 7.38 -10.84
CA LEU B 9 -2.80 6.11 -10.77
C LEU B 9 -3.11 5.78 -9.35
N MET B 10 -3.12 6.80 -8.55
CA MET B 10 -3.22 6.61 -7.12
C MET B 10 -4.22 7.57 -6.46
N LEU B 11 -4.85 7.07 -5.41
CA LEU B 11 -5.62 7.90 -4.47
C LEU B 11 -4.66 8.47 -3.44
N SER B 12 -5.15 9.37 -2.59
CA SER B 12 -4.30 10.12 -1.66
C SER B 12 -3.45 9.21 -0.78
N PRO B 13 -2.13 9.42 -0.80
CA PRO B 13 -1.17 8.63 -0.01
C PRO B 13 -1.39 8.74 1.46
N ASP B 14 -2.06 9.81 1.82
CA ASP B 14 -2.20 10.29 3.19
C ASP B 14 -2.60 9.19 4.13
N ASP B 15 -3.64 8.39 3.84
CA ASP B 15 -4.03 7.43 4.82
C ASP B 15 -3.33 6.08 4.75
N ILE B 16 -2.61 5.59 3.70
CA ILE B 16 -1.89 4.35 3.87
C ILE B 16 -0.60 4.61 4.60
N GLU B 17 -0.20 5.79 4.40
CA GLU B 17 0.80 6.51 5.21
C GLU B 17 0.47 6.46 6.68
N GLN B 18 -0.78 6.71 7.04
CA GLN B 18 -1.13 6.62 8.44
C GLN B 18 -1.29 5.18 8.82
N TRP B 19 -1.59 4.33 7.81
CA TRP B 19 -1.72 2.96 8.04
C TRP B 19 -0.40 2.29 8.07
N PHE B 20 0.67 3.02 7.96
CA PHE B 20 1.81 2.54 8.42
C PHE B 20 2.15 3.27 9.66
N THR B 21 2.27 4.56 9.59
CA THR B 21 2.66 5.23 10.65
C THR B 21 1.67 6.34 11.00
N GLU B 22 0.83 5.94 11.86
CA GLU B 22 0.18 6.77 12.76
C GLU B 22 0.50 5.96 14.01
N ASP B 23 0.53 6.55 15.19
CA ASP B 23 1.08 5.85 16.41
C ASP B 23 0.55 4.43 16.55
N PRO B 24 1.39 3.42 16.27
CA PRO B 24 0.97 2.05 16.29
C PRO B 24 1.20 1.38 17.64
N GLY B 25 0.38 0.44 17.90
CA GLY B 25 0.40 -0.25 19.12
C GLY B 25 -0.95 -0.77 19.37
N ALA A 1 11.83 16.68 -14.41
CA ALA A 1 11.18 16.35 -13.14
C ALA A 1 11.20 14.86 -12.93
N THR A 2 11.88 14.42 -11.91
CA THR A 2 11.95 13.01 -11.64
C THR A 2 10.85 12.65 -10.66
N GLN A 3 10.75 13.47 -9.62
CA GLN A 3 9.88 13.25 -8.56
C GLN A 3 9.50 14.60 -8.06
N SER A 4 8.71 15.30 -8.78
CA SER A 4 8.42 16.65 -8.34
C SER A 4 7.03 16.90 -7.77
N PRO A 5 5.95 16.44 -8.51
CA PRO A 5 4.58 16.54 -8.05
C PRO A 5 4.52 15.50 -7.00
N GLY A 6 5.62 14.71 -7.00
CA GLY A 6 5.76 13.72 -6.07
C GLY A 6 7.01 13.13 -5.54
N ASP A 7 8.23 13.68 -5.32
CA ASP A 7 9.14 12.91 -4.55
C ASP A 7 8.44 12.84 -3.21
N SER A 8 7.85 13.91 -2.86
CA SER A 8 7.13 13.87 -1.72
C SER A 8 5.79 13.01 -1.84
N ARG A 9 5.00 13.08 -3.00
CA ARG A 9 3.85 12.17 -3.15
C ARG A 9 4.29 10.74 -3.34
N ARG A 10 5.31 10.51 -4.13
CA ARG A 10 5.73 9.18 -4.49
C ARG A 10 6.53 8.54 -3.40
N LEU A 11 7.32 9.31 -2.66
CA LEU A 11 8.01 8.78 -1.49
C LEU A 11 7.09 8.50 -0.42
N SER A 12 6.06 9.26 -0.43
CA SER A 12 4.95 9.01 0.46
C SER A 12 4.33 7.65 0.10
N ILE A 13 4.29 7.36 -1.20
CA ILE A 13 3.63 6.14 -1.65
C ILE A 13 4.55 5.03 -1.49
N GLN A 14 5.74 5.27 -1.86
CA GLN A 14 6.79 4.29 -1.70
C GLN A 14 6.77 3.76 -0.31
N ARG A 15 6.55 4.60 0.61
CA ARG A 15 6.44 4.21 2.01
C ARG A 15 5.19 3.50 2.32
N ALA A 16 4.19 3.88 1.64
CA ALA A 16 2.87 3.38 1.78
C ALA A 16 2.87 1.99 1.26
N ILE A 17 3.44 1.85 0.12
CA ILE A 17 3.64 0.63 -0.55
C ILE A 17 4.72 -0.20 0.08
N GLN A 18 5.88 0.34 0.32
CA GLN A 18 6.97 -0.43 0.93
C GLN A 18 6.51 -0.96 2.22
N SER A 19 5.68 -0.21 2.91
CA SER A 19 5.13 -0.76 4.07
C SER A 19 4.10 -1.74 3.72
N LEU A 20 3.28 -1.41 2.80
CA LEU A 20 2.24 -2.24 2.38
C LEU A 20 2.73 -3.59 1.82
N VAL A 21 3.69 -3.51 0.93
CA VAL A 21 4.34 -4.60 0.31
C VAL A 21 4.96 -5.46 1.35
N HIS A 22 5.59 -4.82 2.25
CA HIS A 22 6.25 -5.47 3.33
C HIS A 22 5.25 -6.07 4.18
N ALA A 23 4.25 -5.38 4.44
CA ALA A 23 3.22 -5.84 5.29
C ALA A 23 2.49 -7.02 4.63
N ALA A 24 2.52 -7.05 3.35
CA ALA A 24 2.00 -8.12 2.58
C ALA A 24 2.90 -9.31 2.67
N GLN A 25 4.14 -9.03 2.46
CA GLN A 25 5.16 -10.00 2.30
C GLN A 25 5.72 -10.48 3.65
N CYS A 26 5.63 -9.64 4.62
CA CYS A 26 6.08 -9.89 5.93
C CYS A 26 5.00 -10.67 6.59
N ARG A 27 5.28 -11.83 7.08
CA ARG A 27 4.23 -12.51 7.72
C ARG A 27 4.69 -12.96 9.01
N ASN A 28 4.58 -12.04 9.85
CA ASN A 28 4.91 -12.10 11.18
C ASN A 28 3.90 -11.24 11.85
N ALA A 29 2.90 -11.74 12.47
CA ALA A 29 1.89 -10.84 12.98
C ALA A 29 2.40 -10.00 14.14
N ASN A 30 3.47 -10.45 14.76
CA ASN A 30 4.08 -9.75 15.88
C ASN A 30 5.41 -9.15 15.51
N CYS A 31 5.59 -8.89 14.20
CA CYS A 31 6.72 -8.06 13.74
C CYS A 31 6.56 -6.84 14.46
N SER A 32 7.50 -6.39 15.22
CA SER A 32 7.03 -5.28 15.79
C SER A 32 7.61 -4.01 15.23
N LEU A 33 6.94 -3.58 14.20
CA LEU A 33 6.45 -2.35 13.97
C LEU A 33 4.98 -2.66 14.04
N PRO A 34 4.23 -2.41 15.07
CA PRO A 34 2.75 -2.41 14.94
C PRO A 34 2.26 -1.54 13.82
N SER A 35 3.10 -0.71 13.39
CA SER A 35 2.96 -0.02 12.18
C SER A 35 3.10 -0.99 10.93
N CYS A 36 4.00 -2.07 11.01
CA CYS A 36 4.03 -3.01 9.94
C CYS A 36 2.73 -3.73 10.03
N GLN A 37 2.42 -4.13 11.32
CA GLN A 37 1.17 -4.78 11.74
C GLN A 37 0.06 -4.16 11.18
N LYS A 38 0.03 -2.95 11.33
CA LYS A 38 -0.97 -2.18 10.90
C LYS A 38 -1.22 -2.22 9.40
N MET A 39 -0.18 -2.00 8.63
CA MET A 39 -0.28 -1.97 7.17
C MET A 39 -0.73 -3.28 6.68
N LYS A 40 -0.14 -4.22 7.30
CA LYS A 40 -0.32 -5.62 7.15
C LYS A 40 -1.76 -5.89 7.38
N ARG A 41 -2.24 -5.38 8.51
CA ARG A 41 -3.63 -5.41 9.00
C ARG A 41 -4.48 -4.58 8.20
N VAL A 42 -3.87 -3.80 7.38
CA VAL A 42 -4.52 -2.98 6.48
C VAL A 42 -4.77 -3.72 5.17
N VAL A 43 -3.75 -4.40 4.70
CA VAL A 43 -3.87 -5.40 3.70
C VAL A 43 -4.89 -6.39 4.18
N GLN A 44 -4.70 -6.78 5.34
CA GLN A 44 -5.51 -7.73 5.93
C GLN A 44 -6.89 -7.14 6.33
N HIS A 45 -6.95 -5.79 6.51
CA HIS A 45 -8.22 -5.10 6.88
C HIS A 45 -9.06 -5.16 5.75
N THR A 46 -8.51 -4.74 4.68
CA THR A 46 -9.17 -4.70 3.45
C THR A 46 -9.78 -6.03 3.14
N LYS A 47 -9.02 -7.06 3.18
CA LYS A 47 -9.46 -8.32 2.64
C LYS A 47 -10.58 -8.91 3.46
N GLY A 48 -10.53 -8.69 4.76
CA GLY A 48 -11.61 -9.13 5.58
C GLY A 48 -12.74 -8.14 5.52
N CYS A 49 -12.46 -6.97 5.00
CA CYS A 49 -13.43 -5.90 4.94
C CYS A 49 -14.11 -5.82 3.61
N LYS A 50 -15.25 -6.48 3.40
CA LYS A 50 -15.95 -6.50 2.12
C LYS A 50 -16.36 -5.09 1.72
N ARG A 51 -16.29 -4.18 2.73
CA ARG A 51 -16.50 -2.84 2.71
C ARG A 51 -15.41 -2.07 2.02
N LYS A 52 -14.34 -2.82 1.57
CA LYS A 52 -13.15 -2.26 0.99
C LYS A 52 -13.48 -1.17 0.08
N THR A 53 -14.01 -1.50 -1.03
CA THR A 53 -14.56 -0.61 -1.80
C THR A 53 -16.07 -0.41 -1.61
N ASN A 54 -16.81 -1.52 -1.10
CA ASN A 54 -18.29 -1.49 -1.09
C ASN A 54 -18.84 -0.29 -0.36
N GLY A 55 -18.31 -0.03 0.80
CA GLY A 55 -18.84 1.01 1.64
C GLY A 55 -17.96 2.20 1.75
N GLY A 56 -16.89 2.24 0.97
CA GLY A 56 -15.99 3.32 1.04
C GLY A 56 -15.29 3.36 2.31
N CYS A 57 -14.69 2.28 2.65
CA CYS A 57 -13.90 2.31 3.83
C CYS A 57 -12.54 2.51 3.32
N PRO A 58 -12.07 3.79 3.02
CA PRO A 58 -10.93 3.69 2.18
C PRO A 58 -9.58 3.57 2.90
N ILE A 59 -9.34 2.43 3.25
CA ILE A 59 -8.15 1.93 3.49
C ILE A 59 -7.72 1.22 2.40
N CYS A 60 -8.60 0.29 2.09
CA CYS A 60 -8.69 -0.63 0.96
C CYS A 60 -8.76 0.09 -0.28
N LYS A 61 -9.36 1.19 -0.21
CA LYS A 61 -9.55 1.97 -1.31
C LYS A 61 -8.36 2.72 -1.55
N GLN A 62 -7.84 3.35 -0.50
CA GLN A 62 -6.62 4.01 -0.73
C GLN A 62 -5.46 3.03 -0.85
N LEU A 63 -5.66 1.85 -0.33
CA LEU A 63 -4.84 0.66 -0.49
C LEU A 63 -4.99 0.04 -1.85
N ILE A 64 -6.17 -0.13 -2.39
CA ILE A 64 -6.32 -0.50 -3.81
C ILE A 64 -5.64 0.52 -4.63
N ALA A 65 -5.90 1.75 -4.30
CA ALA A 65 -5.27 2.86 -4.89
C ALA A 65 -3.79 2.66 -4.80
N LEU A 66 -3.37 2.41 -3.60
CA LEU A 66 -2.05 2.18 -3.24
C LEU A 66 -1.41 0.93 -3.90
N ALA A 67 -1.94 -0.20 -3.61
CA ALA A 67 -1.54 -1.42 -4.10
C ALA A 67 -1.60 -1.46 -5.61
N ALA A 68 -2.62 -0.89 -6.21
CA ALA A 68 -2.72 -0.91 -7.63
C ALA A 68 -1.80 0.05 -8.33
N TYR A 69 -1.57 1.28 -7.81
CA TYR A 69 -0.57 2.08 -8.45
C TYR A 69 0.80 1.49 -8.23
N HIS A 70 0.92 0.73 -7.14
CA HIS A 70 2.11 -0.10 -6.91
C HIS A 70 2.24 -1.06 -8.03
N ALA A 71 1.21 -1.86 -8.20
CA ALA A 71 1.10 -2.89 -9.19
C ALA A 71 1.48 -2.39 -10.52
N LYS A 72 0.80 -1.36 -10.88
CA LYS A 72 0.97 -0.69 -12.12
C LYS A 72 2.47 -0.38 -12.43
N HIS A 73 3.23 0.07 -11.41
CA HIS A 73 4.71 0.34 -11.61
C HIS A 73 5.67 -0.81 -11.12
N CYS A 74 5.34 -1.55 -10.03
CA CYS A 74 6.14 -2.69 -9.56
C CYS A 74 6.16 -3.73 -10.70
N GLN A 75 7.28 -4.01 -11.37
CA GLN A 75 7.20 -5.05 -12.36
C GLN A 75 7.56 -6.35 -11.67
N GLU A 76 6.56 -7.03 -11.13
CA GLU A 76 6.75 -8.16 -10.30
C GLU A 76 5.52 -8.97 -10.33
N ASN A 77 5.68 -10.25 -10.30
CA ASN A 77 4.58 -11.11 -10.37
C ASN A 77 4.47 -11.98 -9.12
N LYS A 78 5.46 -11.82 -8.23
CA LYS A 78 5.42 -12.51 -6.95
C LYS A 78 4.27 -12.05 -6.12
N CYS A 79 3.86 -12.86 -5.20
CA CYS A 79 2.60 -12.65 -4.60
C CYS A 79 2.59 -12.24 -3.14
N PRO A 80 2.86 -10.97 -2.76
CA PRO A 80 2.54 -10.60 -1.46
C PRO A 80 1.33 -9.65 -1.32
N VAL A 81 1.17 -8.73 -2.25
CA VAL A 81 0.29 -7.60 -2.03
C VAL A 81 -1.07 -7.70 -2.73
N PRO A 82 -2.18 -7.25 -1.89
CA PRO A 82 -3.55 -7.03 -2.29
C PRO A 82 -3.47 -6.05 -3.36
N PHE A 83 -4.52 -5.73 -3.96
CA PHE A 83 -4.54 -5.45 -5.36
C PHE A 83 -3.34 -4.66 -5.90
N CYS A 84 -2.46 -5.52 -6.06
CA CYS A 84 -1.18 -5.65 -6.52
C CYS A 84 -1.39 -6.90 -7.21
N LEU A 85 -0.47 -7.81 -7.23
CA LEU A 85 -0.30 -8.89 -8.28
C LEU A 85 -1.57 -9.57 -8.94
N ASN A 86 -2.74 -9.32 -8.44
CA ASN A 86 -3.99 -9.67 -9.12
C ASN A 86 -4.15 -8.69 -10.32
N ILE A 87 -3.65 -7.44 -10.14
CA ILE A 87 -3.62 -6.41 -11.20
C ILE A 87 -2.38 -6.63 -12.07
N LYS A 88 -1.42 -7.35 -11.53
CA LYS A 88 -0.19 -7.65 -12.23
C LYS A 88 -0.35 -8.83 -13.15
N GLN A 89 -1.07 -8.60 -14.19
CA GLN A 89 -1.15 -9.51 -15.28
C GLN A 89 -1.10 -8.67 -16.50
N LYS A 90 0.08 -8.47 -17.02
CA LYS A 90 0.24 -7.70 -18.21
C LYS A 90 1.35 -8.35 -18.96
N LEU B 1 15.21 3.09 -7.29
CA LEU B 1 14.31 3.24 -6.16
C LEU B 1 13.10 2.35 -6.36
N PRO B 2 13.03 1.24 -5.61
CA PRO B 2 11.97 0.24 -5.77
C PRO B 2 10.70 0.58 -4.99
N SER B 3 9.64 -0.17 -5.28
CA SER B 3 8.33 -0.04 -4.65
C SER B 3 7.72 1.33 -4.94
N GLN B 4 8.04 1.86 -6.09
CA GLN B 4 7.60 3.17 -6.50
C GLN B 4 6.27 3.05 -7.23
N ALA B 5 5.46 4.07 -7.16
CA ALA B 5 4.21 4.11 -7.83
C ALA B 5 3.98 5.49 -8.33
N MET B 6 2.92 5.70 -9.07
CA MET B 6 2.58 7.01 -9.53
C MET B 6 1.22 7.40 -9.02
N ASP B 7 1.21 8.47 -8.26
CA ASP B 7 0.06 9.01 -7.50
C ASP B 7 -1.06 9.57 -8.39
N ASP B 8 -0.92 9.37 -9.66
CA ASP B 8 -1.86 9.89 -10.63
C ASP B 8 -2.86 8.86 -10.98
N LEU B 9 -2.40 7.66 -10.95
CA LEU B 9 -3.14 6.51 -11.46
C LEU B 9 -4.16 6.07 -10.50
N MET B 10 -3.99 6.54 -9.34
CA MET B 10 -4.79 6.12 -8.24
C MET B 10 -4.87 7.18 -7.14
N LEU B 11 -5.66 6.88 -6.14
CA LEU B 11 -5.91 7.78 -4.99
C LEU B 11 -4.67 8.09 -4.13
N SER B 12 -4.84 9.04 -3.22
CA SER B 12 -3.81 9.61 -2.37
C SER B 12 -3.08 8.61 -1.43
N PRO B 13 -1.71 8.62 -1.49
CA PRO B 13 -0.83 7.77 -0.63
C PRO B 13 -0.85 8.15 0.82
N ASP B 14 -1.17 9.40 1.02
CA ASP B 14 -1.18 10.10 2.33
C ASP B 14 -1.82 9.24 3.41
N ASP B 15 -2.89 8.59 3.05
CA ASP B 15 -3.62 7.78 4.00
C ASP B 15 -2.96 6.45 4.33
N ILE B 16 -2.29 5.78 3.38
CA ILE B 16 -1.76 4.50 3.67
C ILE B 16 -0.57 4.60 4.51
N GLU B 17 0.00 5.69 4.39
CA GLU B 17 1.03 6.22 5.30
C GLU B 17 0.60 6.22 6.76
N GLN B 18 -0.67 6.39 7.04
CA GLN B 18 -1.09 6.29 8.45
C GLN B 18 -0.86 4.88 8.89
N TRP B 19 -1.05 4.01 7.96
CA TRP B 19 -1.05 2.68 8.24
C TRP B 19 0.36 2.13 8.11
N PHE B 20 1.16 2.77 7.25
CA PHE B 20 2.54 2.50 7.13
C PHE B 20 3.22 2.71 8.46
N THR B 21 3.21 3.91 8.92
CA THR B 21 3.68 4.20 10.17
C THR B 21 3.12 5.45 10.82
N GLU B 22 2.15 5.27 11.59
CA GLU B 22 2.00 6.21 12.61
C GLU B 22 2.74 5.53 13.74
N ASP B 23 3.76 6.21 14.24
CA ASP B 23 4.85 5.64 15.07
C ASP B 23 4.33 4.67 16.09
N PRO B 24 4.80 3.42 16.01
CA PRO B 24 4.29 2.33 16.82
C PRO B 24 4.62 2.46 18.29
N GLY B 25 3.83 1.81 19.05
CA GLY B 25 3.94 1.79 20.46
C GLY B 25 2.64 1.27 20.97
N ALA A 1 10.97 19.22 -10.89
CA ALA A 1 11.68 17.99 -11.23
C ALA A 1 10.76 16.81 -10.93
N THR A 2 11.23 15.60 -11.22
CA THR A 2 10.42 14.37 -11.10
C THR A 2 10.13 14.01 -9.62
N GLN A 3 10.65 14.77 -8.69
CA GLN A 3 10.54 14.44 -7.34
C GLN A 3 10.25 15.74 -6.66
N SER A 4 9.49 16.59 -7.34
CA SER A 4 9.19 17.89 -6.75
C SER A 4 7.74 18.11 -6.30
N PRO A 5 6.71 17.87 -7.15
CA PRO A 5 5.34 18.05 -6.72
C PRO A 5 5.07 16.73 -6.11
N GLY A 6 6.10 15.86 -6.29
CA GLY A 6 6.13 14.54 -5.86
C GLY A 6 7.20 13.85 -5.11
N ASP A 7 8.38 14.28 -4.59
CA ASP A 7 9.16 13.31 -3.91
C ASP A 7 8.33 13.09 -2.67
N SER A 8 7.78 14.15 -2.19
CA SER A 8 6.99 13.97 -1.10
C SER A 8 5.60 13.31 -1.47
N ARG A 9 4.96 13.60 -2.68
CA ARG A 9 3.79 12.88 -3.12
C ARG A 9 4.15 11.37 -3.24
N ARG A 10 5.16 11.11 -4.06
CA ARG A 10 5.52 9.78 -4.48
C ARG A 10 6.19 8.98 -3.42
N LEU A 11 6.99 9.62 -2.60
CA LEU A 11 7.65 8.93 -1.53
C LEU A 11 6.79 8.73 -0.40
N SER A 12 5.77 9.50 -0.34
CA SER A 12 4.79 9.26 0.66
C SER A 12 4.09 7.94 0.34
N ILE A 13 3.75 7.74 -0.94
CA ILE A 13 3.10 6.46 -1.34
C ILE A 13 4.05 5.35 -1.49
N GLN A 14 5.24 5.63 -1.98
CA GLN A 14 6.30 4.68 -1.93
C GLN A 14 6.36 4.03 -0.56
N ARG A 15 6.33 4.83 0.48
CA ARG A 15 6.36 4.34 1.87
C ARG A 15 5.11 3.64 2.26
N ALA A 16 4.09 4.05 1.67
CA ALA A 16 2.78 3.56 1.85
C ALA A 16 2.76 2.17 1.28
N ILE A 17 3.27 2.08 0.10
CA ILE A 17 3.48 0.86 -0.57
C ILE A 17 4.55 0.03 0.09
N GLN A 18 5.72 0.59 0.35
CA GLN A 18 6.82 -0.13 0.99
C GLN A 18 6.34 -0.74 2.23
N SER A 19 5.52 -0.02 2.96
CA SER A 19 4.99 -0.60 4.13
C SER A 19 4.01 -1.59 3.83
N LEU A 20 3.20 -1.31 2.88
CA LEU A 20 2.23 -2.18 2.46
C LEU A 20 2.79 -3.48 1.92
N VAL A 21 3.78 -3.34 1.09
CA VAL A 21 4.52 -4.37 0.52
C VAL A 21 5.17 -5.19 1.58
N HIS A 22 5.78 -4.50 2.48
CA HIS A 22 6.47 -5.13 3.58
C HIS A 22 5.50 -5.82 4.38
N ALA A 23 4.44 -5.21 4.63
CA ALA A 23 3.39 -5.75 5.44
C ALA A 23 2.84 -7.02 4.80
N ALA A 24 2.83 -7.01 3.53
CA ALA A 24 2.41 -8.09 2.74
C ALA A 24 3.41 -9.20 2.78
N GLN A 25 4.61 -8.81 2.58
CA GLN A 25 5.70 -9.68 2.42
C GLN A 25 6.21 -10.18 3.76
N CYS A 26 5.99 -9.39 4.75
CA CYS A 26 6.41 -9.67 6.06
C CYS A 26 5.35 -10.53 6.65
N ARG A 27 5.65 -11.70 7.10
CA ARG A 27 4.61 -12.45 7.67
C ARG A 27 5.01 -12.90 9.00
N ASN A 28 4.78 -11.97 9.82
CA ASN A 28 5.00 -11.98 11.18
C ASN A 28 3.89 -11.11 11.74
N ALA A 29 2.84 -11.64 12.26
CA ALA A 29 1.75 -10.77 12.71
C ALA A 29 2.15 -9.97 13.93
N ASN A 30 3.16 -10.45 14.60
CA ASN A 30 3.65 -9.85 15.80
C ASN A 30 5.04 -9.37 15.60
N CYS A 31 5.35 -8.98 14.36
CA CYS A 31 6.53 -8.19 14.13
C CYS A 31 6.27 -7.04 14.93
N SER A 32 7.18 -6.55 15.74
CA SER A 32 6.65 -5.48 16.28
C SER A 32 7.33 -4.35 15.66
N LEU A 33 6.80 -4.08 14.52
CA LEU A 33 6.56 -2.96 13.95
C LEU A 33 5.03 -2.96 13.85
N PRO A 34 4.30 -2.55 14.84
CA PRO A 34 2.82 -2.37 14.77
C PRO A 34 2.38 -1.47 13.70
N SER A 35 3.27 -0.72 13.24
CA SER A 35 3.03 0.00 12.09
C SER A 35 3.19 -0.94 10.83
N CYS A 36 4.07 -2.04 10.89
CA CYS A 36 4.03 -3.03 9.86
C CYS A 36 2.71 -3.70 10.00
N GLN A 37 2.41 -4.05 11.29
CA GLN A 37 1.18 -4.71 11.74
C GLN A 37 0.07 -4.11 11.18
N LYS A 38 0.01 -2.89 11.32
CA LYS A 38 -1.02 -2.18 10.86
C LYS A 38 -1.22 -2.29 9.36
N MET A 39 -0.18 -2.00 8.61
CA MET A 39 -0.27 -1.95 7.15
C MET A 39 -0.73 -3.26 6.62
N LYS A 40 -0.16 -4.19 7.23
CA LYS A 40 -0.34 -5.58 7.10
C LYS A 40 -1.77 -5.89 7.36
N ARG A 41 -2.24 -5.37 8.47
CA ARG A 41 -3.63 -5.47 9.01
C ARG A 41 -4.53 -4.66 8.24
N VAL A 42 -3.95 -3.84 7.44
CA VAL A 42 -4.59 -3.01 6.57
C VAL A 42 -4.81 -3.72 5.24
N VAL A 43 -3.77 -4.41 4.76
CA VAL A 43 -3.87 -5.40 3.74
C VAL A 43 -4.88 -6.37 4.19
N GLN A 44 -4.69 -6.83 5.32
CA GLN A 44 -5.50 -7.78 5.89
C GLN A 44 -6.87 -7.18 6.27
N HIS A 45 -6.91 -5.82 6.49
CA HIS A 45 -8.19 -5.16 6.83
C HIS A 45 -9.01 -5.22 5.69
N THR A 46 -8.47 -4.74 4.64
CA THR A 46 -9.14 -4.67 3.42
C THR A 46 -9.73 -5.99 3.04
N LYS A 47 -8.98 -7.02 3.10
CA LYS A 47 -9.39 -8.26 2.50
C LYS A 47 -10.50 -8.90 3.26
N GLY A 48 -10.48 -8.74 4.56
CA GLY A 48 -11.59 -9.23 5.30
C GLY A 48 -12.74 -8.24 5.20
N CYS A 49 -12.39 -7.02 4.87
CA CYS A 49 -13.35 -5.94 4.79
C CYS A 49 -13.80 -5.73 3.37
N LYS A 50 -14.70 -6.55 2.77
CA LYS A 50 -15.13 -6.34 1.31
C LYS A 50 -15.86 -5.04 1.12
N ARG A 51 -16.07 -4.44 2.24
CA ARG A 51 -16.53 -3.13 2.32
C ARG A 51 -15.45 -2.18 1.75
N LYS A 52 -14.30 -2.80 1.35
CA LYS A 52 -13.13 -2.19 0.90
C LYS A 52 -13.41 -1.04 0.03
N THR A 53 -13.87 -1.30 -1.13
CA THR A 53 -14.41 -0.36 -1.87
C THR A 53 -15.94 -0.28 -1.73
N ASN A 54 -16.62 -1.46 -1.38
CA ASN A 54 -18.09 -1.50 -1.43
C ASN A 54 -18.76 -0.56 -0.45
N GLY A 55 -18.17 -0.36 0.69
CA GLY A 55 -18.76 0.50 1.68
C GLY A 55 -18.03 1.82 1.82
N GLY A 56 -17.00 2.01 1.00
CA GLY A 56 -16.23 3.20 1.08
C GLY A 56 -15.45 3.26 2.31
N CYS A 57 -14.79 2.20 2.62
CA CYS A 57 -13.99 2.26 3.80
C CYS A 57 -12.61 2.50 3.31
N PRO A 58 -12.15 3.77 3.04
CA PRO A 58 -11.00 3.69 2.23
C PRO A 58 -9.64 3.59 2.95
N ILE A 59 -9.39 2.44 3.32
CA ILE A 59 -8.19 1.95 3.57
C ILE A 59 -7.79 1.24 2.48
N CYS A 60 -8.66 0.30 2.19
CA CYS A 60 -8.74 -0.61 1.06
C CYS A 60 -8.80 0.12 -0.19
N LYS A 61 -9.38 1.21 -0.15
CA LYS A 61 -9.55 1.99 -1.27
C LYS A 61 -8.35 2.71 -1.52
N GLN A 62 -7.82 3.36 -0.49
CA GLN A 62 -6.62 4.01 -0.75
C GLN A 62 -5.43 3.04 -0.76
N LEU A 63 -5.66 1.87 -0.23
CA LEU A 63 -4.84 0.68 -0.31
C LEU A 63 -4.95 0.02 -1.65
N ILE A 64 -6.12 -0.21 -2.19
CA ILE A 64 -6.27 -0.63 -3.60
C ILE A 64 -5.56 0.36 -4.42
N ALA A 65 -5.82 1.58 -4.15
CA ALA A 65 -5.17 2.64 -4.78
C ALA A 65 -3.68 2.46 -4.64
N LEU A 66 -3.28 2.36 -3.45
CA LEU A 66 -1.96 2.14 -3.09
C LEU A 66 -1.33 0.87 -3.77
N ALA A 67 -1.89 -0.27 -3.48
CA ALA A 67 -1.52 -1.53 -3.98
C ALA A 67 -1.56 -1.57 -5.49
N ALA A 68 -2.72 -1.29 -6.05
CA ALA A 68 -2.95 -1.38 -7.51
C ALA A 68 -2.18 -0.43 -8.32
N TYR A 69 -2.11 0.77 -7.88
CA TYR A 69 -1.41 1.74 -8.59
C TYR A 69 0.08 1.54 -8.46
N HIS A 70 0.45 0.72 -7.51
CA HIS A 70 1.84 0.26 -7.44
C HIS A 70 2.00 -0.88 -8.39
N ALA A 71 1.11 -1.83 -8.24
CA ALA A 71 0.99 -3.06 -9.03
C ALA A 71 1.12 -2.77 -10.44
N LYS A 72 0.44 -1.75 -10.78
CA LYS A 72 0.35 -1.19 -12.08
C LYS A 72 1.77 -1.00 -12.67
N HIS A 73 2.76 -0.71 -11.80
CA HIS A 73 4.15 -0.63 -12.22
C HIS A 73 5.11 -1.65 -11.43
N CYS A 74 4.57 -2.65 -10.69
CA CYS A 74 5.45 -3.62 -10.05
C CYS A 74 5.43 -4.82 -11.01
N GLN A 75 6.48 -5.15 -11.76
CA GLN A 75 6.28 -6.25 -12.65
C GLN A 75 6.59 -7.57 -11.96
N GLU A 76 5.57 -8.15 -11.34
CA GLU A 76 5.69 -9.35 -10.59
C GLU A 76 4.33 -9.93 -10.49
N ASN A 77 4.25 -11.21 -10.48
CA ASN A 77 2.97 -11.84 -10.47
C ASN A 77 2.82 -12.66 -9.19
N LYS A 78 3.82 -12.52 -8.38
CA LYS A 78 3.88 -13.12 -7.07
C LYS A 78 4.01 -12.07 -6.02
N CYS A 79 3.50 -10.90 -6.29
CA CYS A 79 3.54 -9.83 -5.33
C CYS A 79 2.80 -10.24 -4.07
N PRO A 80 3.38 -9.95 -2.91
CA PRO A 80 2.79 -10.30 -1.60
C PRO A 80 1.63 -9.45 -1.26
N VAL A 81 1.39 -8.55 -2.10
CA VAL A 81 0.51 -7.51 -1.85
C VAL A 81 -0.80 -7.67 -2.63
N PRO A 82 -1.93 -7.23 -1.92
CA PRO A 82 -3.22 -6.99 -2.44
C PRO A 82 -3.01 -6.05 -3.54
N PHE A 83 -4.01 -5.70 -4.16
CA PHE A 83 -4.05 -5.58 -5.55
C PHE A 83 -2.73 -5.05 -6.21
N CYS A 84 -1.99 -6.04 -6.27
CA CYS A 84 -0.81 -6.51 -6.81
C CYS A 84 -1.38 -7.88 -7.08
N LEU A 85 -0.68 -9.01 -6.97
CA LEU A 85 -0.92 -10.39 -7.72
C LEU A 85 -2.43 -10.90 -8.10
N ASN A 86 -3.37 -10.03 -8.06
CA ASN A 86 -4.73 -10.14 -8.56
C ASN A 86 -5.00 -8.99 -9.58
N ILE A 87 -4.36 -7.80 -9.36
CA ILE A 87 -4.31 -6.71 -10.39
C ILE A 87 -3.16 -7.04 -11.31
N LYS A 88 -2.20 -7.76 -10.75
CA LYS A 88 -1.13 -8.31 -11.54
C LYS A 88 -1.63 -9.64 -12.01
N GLN A 89 -2.60 -9.57 -12.83
CA GLN A 89 -3.19 -10.66 -13.49
C GLN A 89 -3.61 -10.16 -14.84
N LYS A 90 -2.82 -10.35 -15.84
CA LYS A 90 -3.17 -9.85 -17.12
C LYS A 90 -3.17 -10.98 -18.11
N LEU B 1 12.28 -1.43 -0.09
CA LEU B 1 12.62 -1.61 -1.51
C LEU B 1 12.51 -0.27 -2.23
N PRO B 2 13.53 0.10 -3.03
CA PRO B 2 13.52 1.33 -3.80
C PRO B 2 12.61 1.21 -5.05
N SER B 3 11.32 1.22 -4.80
CA SER B 3 10.35 1.12 -5.84
C SER B 3 9.19 2.04 -5.49
N GLN B 4 9.16 3.17 -6.14
CA GLN B 4 8.09 4.12 -5.97
C GLN B 4 7.16 3.95 -7.13
N ALA B 5 6.12 4.70 -7.15
CA ALA B 5 5.22 4.68 -8.24
C ALA B 5 4.75 6.08 -8.43
N MET B 6 4.51 6.43 -9.65
CA MET B 6 4.06 7.75 -9.97
C MET B 6 2.66 8.00 -9.47
N ASP B 7 2.36 9.21 -9.11
CA ASP B 7 1.04 9.56 -8.56
C ASP B 7 0.06 9.81 -9.71
N ASP B 8 0.55 9.60 -10.93
CA ASP B 8 -0.31 9.56 -12.10
C ASP B 8 -0.93 8.19 -12.16
N LEU B 9 -0.28 7.29 -11.48
CA LEU B 9 -0.76 5.96 -11.27
C LEU B 9 -1.59 6.00 -10.06
N MET B 10 -0.93 6.34 -9.04
CA MET B 10 -1.43 6.25 -7.68
C MET B 10 -2.33 7.38 -7.21
N LEU B 11 -3.25 7.02 -6.33
CA LEU B 11 -4.09 7.95 -5.62
C LEU B 11 -3.28 8.61 -4.45
N SER B 12 -3.90 9.54 -3.72
CA SER B 12 -3.29 10.27 -2.62
C SER B 12 -2.80 9.35 -1.45
N PRO B 13 -1.51 9.45 -1.13
CA PRO B 13 -0.82 8.59 -0.13
C PRO B 13 -1.20 8.78 1.32
N ASP B 14 -1.76 9.92 1.59
CA ASP B 14 -2.03 10.42 2.96
C ASP B 14 -2.55 9.38 3.94
N ASP B 15 -3.46 8.58 3.50
CA ASP B 15 -4.03 7.56 4.37
C ASP B 15 -3.17 6.34 4.66
N ILE B 16 -2.52 5.74 3.66
CA ILE B 16 -1.90 4.46 3.84
C ILE B 16 -0.66 4.58 4.63
N GLU B 17 -0.12 5.67 4.52
CA GLU B 17 0.98 6.13 5.34
C GLU B 17 0.63 6.34 6.82
N GLN B 18 -0.63 6.49 7.15
CA GLN B 18 -1.00 6.51 8.55
C GLN B 18 -0.84 5.10 9.03
N TRP B 19 -1.05 4.21 8.08
CA TRP B 19 -1.10 2.86 8.35
C TRP B 19 0.33 2.29 8.27
N PHE B 20 1.17 2.93 7.45
CA PHE B 20 2.56 2.62 7.39
C PHE B 20 3.22 2.91 8.71
N THR B 21 3.06 4.13 9.15
CA THR B 21 3.51 4.49 10.45
C THR B 21 2.76 5.69 11.03
N GLU B 22 1.83 5.44 11.85
CA GLU B 22 1.35 6.49 12.70
C GLU B 22 2.33 6.50 13.89
N ASP B 23 2.28 7.48 14.76
CA ASP B 23 3.12 7.42 15.96
C ASP B 23 2.32 6.90 17.14
N PRO B 24 2.53 5.64 17.55
CA PRO B 24 1.88 5.08 18.73
C PRO B 24 2.76 5.24 19.96
N GLY B 25 3.89 5.82 19.74
CA GLY B 25 4.88 6.05 20.76
C GLY B 25 5.48 4.76 21.25
N ALA A 1 15.28 17.53 -10.46
CA ALA A 1 14.33 18.02 -11.46
C ALA A 1 12.96 17.41 -11.26
N THR A 2 12.89 16.10 -11.32
CA THR A 2 11.64 15.41 -11.16
C THR A 2 11.48 14.92 -9.75
N GLN A 3 10.23 15.02 -9.25
CA GLN A 3 9.77 14.56 -8.01
C GLN A 3 9.64 15.76 -7.17
N SER A 4 8.71 16.65 -7.59
CA SER A 4 8.60 17.92 -6.90
C SER A 4 7.29 18.18 -6.14
N PRO A 5 6.11 18.01 -6.74
CA PRO A 5 4.88 18.11 -5.97
C PRO A 5 4.67 16.69 -5.64
N GLY A 6 5.68 15.89 -6.04
CA GLY A 6 5.76 14.50 -5.90
C GLY A 6 6.93 13.76 -5.37
N ASP A 7 8.15 14.19 -4.94
CA ASP A 7 9.03 13.16 -4.49
C ASP A 7 8.43 12.87 -3.13
N SER A 8 8.10 13.89 -2.45
CA SER A 8 7.52 13.66 -1.24
C SER A 8 6.04 13.07 -1.35
N ARG A 9 5.19 13.43 -2.40
CA ARG A 9 3.92 12.78 -2.59
C ARG A 9 4.11 11.30 -3.04
N ARG A 10 5.01 11.09 -4.03
CA ARG A 10 5.23 9.76 -4.63
C ARG A 10 5.93 8.84 -3.67
N LEU A 11 6.95 9.35 -3.01
CA LEU A 11 7.67 8.59 -2.03
C LEU A 11 6.85 8.34 -0.88
N SER A 12 5.93 9.22 -0.64
CA SER A 12 4.97 9.00 0.40
C SER A 12 4.20 7.70 0.11
N ILE A 13 3.65 7.58 -1.11
CA ILE A 13 2.96 6.31 -1.51
C ILE A 13 3.92 5.22 -1.62
N GLN A 14 5.06 5.46 -2.22
CA GLN A 14 6.10 4.45 -2.26
C GLN A 14 6.30 3.83 -0.89
N ARG A 15 6.30 4.63 0.14
CA ARG A 15 6.39 4.18 1.53
C ARG A 15 5.15 3.55 2.05
N ALA A 16 4.10 3.97 1.50
CA ALA A 16 2.78 3.51 1.80
C ALA A 16 2.66 2.14 1.26
N ILE A 17 3.15 2.02 0.08
CA ILE A 17 3.29 0.81 -0.60
C ILE A 17 4.33 -0.04 0.02
N GLN A 18 5.54 0.46 0.21
CA GLN A 18 6.61 -0.35 0.78
C GLN A 18 6.20 -0.85 2.07
N SER A 19 5.45 -0.08 2.80
CA SER A 19 4.92 -0.59 4.00
C SER A 19 3.92 -1.59 3.73
N LEU A 20 3.05 -1.31 2.83
CA LEU A 20 2.06 -2.18 2.45
C LEU A 20 2.58 -3.50 1.89
N VAL A 21 3.49 -3.41 0.97
CA VAL A 21 4.14 -4.48 0.34
C VAL A 21 4.84 -5.30 1.37
N HIS A 22 5.52 -4.62 2.22
CA HIS A 22 6.26 -5.24 3.30
C HIS A 22 5.33 -5.86 4.19
N ALA A 23 4.31 -5.22 4.47
CA ALA A 23 3.30 -5.72 5.34
C ALA A 23 2.69 -6.99 4.76
N ALA A 24 2.60 -6.99 3.51
CA ALA A 24 2.10 -8.07 2.78
C ALA A 24 3.08 -9.20 2.75
N GLN A 25 4.26 -8.84 2.43
CA GLN A 25 5.30 -9.75 2.18
C GLN A 25 5.99 -10.20 3.48
N CYS A 26 5.93 -9.36 4.46
CA CYS A 26 6.50 -9.64 5.72
C CYS A 26 5.52 -10.53 6.37
N ARG A 27 5.88 -11.67 6.80
CA ARG A 27 4.88 -12.49 7.34
C ARG A 27 5.29 -12.97 8.64
N ASN A 28 5.02 -12.11 9.50
CA ASN A 28 5.16 -12.21 10.85
C ASN A 28 4.00 -11.39 11.38
N ALA A 29 2.96 -11.96 11.92
CA ALA A 29 1.85 -11.11 12.35
C ALA A 29 2.21 -10.33 13.60
N ASN A 30 3.27 -10.78 14.24
CA ASN A 30 3.83 -10.16 15.40
C ASN A 30 5.21 -9.72 15.09
N CYS A 31 5.41 -9.23 13.86
CA CYS A 31 6.59 -8.44 13.60
C CYS A 31 6.40 -7.35 14.49
N SER A 32 7.33 -6.95 15.27
CA SER A 32 6.87 -5.91 15.93
C SER A 32 7.57 -4.75 15.35
N LEU A 33 7.01 -4.37 14.26
CA LEU A 33 6.79 -3.22 13.78
C LEU A 33 5.26 -3.18 13.75
N PRO A 34 4.59 -2.79 14.79
CA PRO A 34 3.11 -2.60 14.77
C PRO A 34 2.65 -1.66 13.75
N SER A 35 3.53 -0.91 13.26
CA SER A 35 3.23 -0.14 12.14
C SER A 35 3.30 -1.03 10.84
N CYS A 36 4.17 -2.12 10.83
CA CYS A 36 4.09 -3.07 9.77
C CYS A 36 2.76 -3.73 9.93
N GLN A 37 2.50 -4.15 11.20
CA GLN A 37 1.27 -4.80 11.67
C GLN A 37 0.15 -4.13 11.17
N LYS A 38 0.13 -2.92 11.38
CA LYS A 38 -0.88 -2.14 11.00
C LYS A 38 -1.19 -2.17 9.50
N MET A 39 -0.18 -1.94 8.70
CA MET A 39 -0.31 -1.87 7.24
C MET A 39 -0.80 -3.17 6.71
N LYS A 40 -0.22 -4.11 7.28
CA LYS A 40 -0.43 -5.50 7.11
C LYS A 40 -1.87 -5.80 7.41
N ARG A 41 -2.32 -5.22 8.52
CA ARG A 41 -3.68 -5.28 9.11
C ARG A 41 -4.58 -4.47 8.36
N VAL A 42 -4.01 -3.68 7.52
CA VAL A 42 -4.67 -2.91 6.66
C VAL A 42 -4.95 -3.65 5.37
N VAL A 43 -3.95 -4.36 4.87
CA VAL A 43 -4.10 -5.37 3.89
C VAL A 43 -5.13 -6.31 4.38
N GLN A 44 -4.92 -6.74 5.54
CA GLN A 44 -5.73 -7.66 6.14
C GLN A 44 -7.11 -7.03 6.51
N HIS A 45 -7.12 -5.67 6.72
CA HIS A 45 -8.37 -4.97 7.06
C HIS A 45 -9.23 -5.02 5.94
N THR A 46 -8.68 -4.64 4.84
CA THR A 46 -9.38 -4.61 3.64
C THR A 46 -10.05 -5.90 3.37
N LYS A 47 -9.32 -6.96 3.44
CA LYS A 47 -9.79 -8.21 2.91
C LYS A 47 -10.94 -8.73 3.70
N GLY A 48 -10.92 -8.56 5.00
CA GLY A 48 -12.06 -8.98 5.74
C GLY A 48 -13.15 -7.95 5.63
N CYS A 49 -12.78 -6.76 5.24
CA CYS A 49 -13.71 -5.66 5.13
C CYS A 49 -14.21 -5.44 3.72
N LYS A 50 -15.15 -6.24 3.13
CA LYS A 50 -15.60 -5.96 1.66
C LYS A 50 -16.30 -4.65 1.46
N ARG A 51 -16.46 -4.00 2.56
CA ARG A 51 -16.84 -2.65 2.57
C ARG A 51 -15.69 -1.80 1.97
N LYS A 52 -14.58 -2.50 1.63
CA LYS A 52 -13.34 -1.98 1.19
C LYS A 52 -13.53 -0.85 0.26
N THR A 53 -13.97 -1.12 -0.90
CA THR A 53 -14.42 -0.19 -1.69
C THR A 53 -15.94 0.01 -1.57
N ASN A 54 -16.71 -1.12 -1.24
CA ASN A 54 -18.19 -1.07 -1.36
C ASN A 54 -18.83 -0.03 -0.43
N GLY A 55 -18.27 0.14 0.74
CA GLY A 55 -18.83 1.06 1.68
C GLY A 55 -18.04 2.32 1.80
N GLY A 56 -17.00 2.44 0.99
CA GLY A 56 -16.16 3.57 1.06
C GLY A 56 -15.42 3.60 2.31
N CYS A 57 -14.75 2.54 2.59
CA CYS A 57 -13.94 2.55 3.76
C CYS A 57 -12.57 2.72 3.25
N PRO A 58 -12.08 3.98 2.90
CA PRO A 58 -10.92 3.83 2.10
C PRO A 58 -9.59 3.72 2.85
N ILE A 59 -9.37 2.60 3.26
CA ILE A 59 -8.19 2.10 3.56
C ILE A 59 -7.78 1.33 2.47
N CYS A 60 -8.69 0.40 2.17
CA CYS A 60 -8.79 -0.55 1.08
C CYS A 60 -8.82 0.12 -0.20
N LYS A 61 -9.41 1.22 -0.19
CA LYS A 61 -9.56 1.97 -1.35
C LYS A 61 -8.35 2.68 -1.57
N GLN A 62 -7.82 3.31 -0.54
CA GLN A 62 -6.58 3.93 -0.76
C GLN A 62 -5.46 2.93 -0.83
N LEU A 63 -5.68 1.79 -0.26
CA LEU A 63 -4.89 0.59 -0.33
C LEU A 63 -4.98 -0.08 -1.68
N ILE A 64 -6.16 -0.32 -2.22
CA ILE A 64 -6.30 -0.77 -3.60
C ILE A 64 -5.61 0.20 -4.48
N ALA A 65 -5.83 1.45 -4.21
CA ALA A 65 -5.16 2.48 -4.87
C ALA A 65 -3.68 2.25 -4.74
N LEU A 66 -3.27 2.22 -3.54
CA LEU A 66 -1.96 2.01 -3.14
C LEU A 66 -1.31 0.72 -3.77
N ALA A 67 -1.92 -0.39 -3.52
CA ALA A 67 -1.54 -1.66 -3.97
C ALA A 67 -1.54 -1.75 -5.48
N ALA A 68 -2.66 -1.43 -6.09
CA ALA A 68 -2.84 -1.53 -7.56
C ALA A 68 -2.03 -0.57 -8.33
N TYR A 69 -1.99 0.63 -7.91
CA TYR A 69 -1.27 1.60 -8.61
C TYR A 69 0.23 1.39 -8.35
N HIS A 70 0.54 0.68 -7.28
CA HIS A 70 1.90 0.17 -7.08
C HIS A 70 2.13 -0.89 -8.07
N ALA A 71 1.24 -1.85 -8.02
CA ALA A 71 1.20 -3.06 -8.83
C ALA A 71 1.53 -2.76 -10.19
N LYS A 72 0.81 -1.81 -10.67
CA LYS A 72 0.90 -1.32 -11.97
C LYS A 72 2.38 -0.99 -12.35
N HIS A 73 3.12 -0.51 -11.36
CA HIS A 73 4.57 -0.23 -11.48
C HIS A 73 5.49 -1.28 -10.74
N CYS A 74 4.93 -2.30 -10.04
CA CYS A 74 5.77 -3.30 -9.46
C CYS A 74 5.68 -4.43 -10.48
N GLN A 75 6.68 -4.69 -11.32
CA GLN A 75 6.49 -5.80 -12.18
C GLN A 75 6.92 -7.05 -11.44
N GLU A 76 5.98 -7.64 -10.75
CA GLU A 76 6.19 -8.79 -9.98
C GLU A 76 4.93 -9.53 -10.05
N ASN A 77 5.03 -10.81 -10.08
CA ASN A 77 3.88 -11.59 -10.19
C ASN A 77 3.74 -12.51 -8.98
N LYS A 78 4.76 -12.47 -8.11
CA LYS A 78 4.68 -13.11 -6.80
C LYS A 78 3.76 -12.32 -5.96
N CYS A 79 2.98 -13.00 -5.18
CA CYS A 79 1.88 -12.37 -4.54
C CYS A 79 2.07 -12.04 -3.07
N PRO A 80 2.49 -10.80 -2.65
CA PRO A 80 2.32 -10.50 -1.31
C PRO A 80 1.15 -9.57 -1.04
N VAL A 81 0.88 -8.69 -1.94
CA VAL A 81 0.01 -7.61 -1.66
C VAL A 81 -1.36 -7.80 -2.26
N PRO A 82 -2.42 -7.30 -1.51
CA PRO A 82 -3.78 -7.21 -1.97
C PRO A 82 -3.71 -6.34 -3.16
N PHE A 83 -4.76 -6.17 -3.80
CA PHE A 83 -4.79 -5.90 -5.21
C PHE A 83 -3.71 -5.00 -5.72
N CYS A 84 -2.71 -5.73 -6.00
CA CYS A 84 -1.41 -5.54 -6.46
C CYS A 84 -1.36 -6.59 -7.47
N LEU A 85 -0.21 -7.13 -7.71
CA LEU A 85 0.19 -8.05 -8.79
C LEU A 85 -0.85 -9.09 -9.39
N ASN A 86 -2.02 -9.16 -8.87
CA ASN A 86 -3.12 -9.95 -9.43
C ASN A 86 -3.89 -9.01 -10.37
N ILE A 87 -3.74 -7.68 -10.14
CA ILE A 87 -4.39 -6.63 -10.94
C ILE A 87 -3.86 -6.72 -12.37
N LYS A 88 -2.63 -7.18 -12.46
CA LYS A 88 -1.90 -7.41 -13.65
C LYS A 88 -1.29 -8.77 -13.57
N GLN A 89 -1.97 -9.77 -14.07
CA GLN A 89 -1.43 -11.07 -13.95
C GLN A 89 -0.45 -11.31 -15.07
N LYS A 90 0.80 -11.06 -14.79
CA LYS A 90 1.87 -11.29 -15.72
C LYS A 90 3.07 -10.72 -15.03
N LEU B 1 13.86 -0.31 -2.57
CA LEU B 1 13.83 -0.19 -4.03
C LEU B 1 13.10 1.06 -4.42
N PRO B 2 13.70 1.90 -5.26
CA PRO B 2 13.02 3.08 -5.75
C PRO B 2 12.08 2.69 -6.88
N SER B 3 10.87 2.42 -6.52
CA SER B 3 9.90 2.00 -7.50
C SER B 3 9.14 3.20 -8.06
N GLN B 4 9.10 4.27 -7.26
CA GLN B 4 8.48 5.54 -7.60
C GLN B 4 7.06 5.37 -8.10
N ALA B 5 6.11 5.32 -7.19
CA ALA B 5 4.78 5.17 -7.64
C ALA B 5 4.24 6.49 -7.96
N MET B 6 3.98 6.67 -9.20
CA MET B 6 3.51 7.92 -9.69
C MET B 6 2.11 8.17 -9.21
N ASP B 7 2.03 9.18 -8.42
CA ASP B 7 0.82 9.64 -7.74
C ASP B 7 -0.30 10.02 -8.69
N ASP B 8 0.07 10.38 -9.89
CA ASP B 8 -0.90 10.76 -10.92
C ASP B 8 -1.61 9.52 -11.43
N LEU B 9 -0.93 8.42 -11.30
CA LEU B 9 -1.36 7.09 -11.73
C LEU B 9 -1.78 6.31 -10.52
N MET B 10 -2.19 7.05 -9.54
CA MET B 10 -2.60 6.57 -8.22
C MET B 10 -3.76 7.42 -7.76
N LEU B 11 -4.50 6.98 -6.74
CA LEU B 11 -5.37 7.94 -6.09
C LEU B 11 -4.72 8.31 -4.75
N SER B 12 -5.26 9.30 -4.04
CA SER B 12 -4.64 9.90 -2.82
C SER B 12 -3.92 8.89 -1.92
N PRO B 13 -2.58 9.02 -1.82
CA PRO B 13 -1.68 8.16 -0.98
C PRO B 13 -1.97 8.28 0.51
N ASP B 14 -2.73 9.29 0.80
CA ASP B 14 -2.98 9.84 2.12
C ASP B 14 -3.25 8.83 3.22
N ASP B 15 -4.05 7.83 2.95
CA ASP B 15 -4.50 6.96 4.04
C ASP B 15 -3.48 5.97 4.59
N ILE B 16 -2.82 5.22 3.73
CA ILE B 16 -1.99 4.12 4.12
C ILE B 16 -0.71 4.59 4.75
N GLU B 17 -0.45 5.75 4.39
CA GLU B 17 0.54 6.66 4.95
C GLU B 17 0.40 6.73 6.48
N GLN B 18 -0.82 6.79 6.98
CA GLN B 18 -0.96 6.86 8.40
C GLN B 18 -0.85 5.45 8.99
N TRP B 19 -1.15 4.45 8.15
CA TRP B 19 -1.12 3.12 8.62
C TRP B 19 0.32 2.64 8.65
N PHE B 20 1.08 3.11 7.72
CA PHE B 20 2.45 2.82 7.68
C PHE B 20 3.16 3.47 8.84
N THR B 21 2.92 4.75 9.06
CA THR B 21 3.50 5.42 10.06
C THR B 21 2.58 6.56 10.60
N GLU B 22 1.85 6.24 11.61
CA GLU B 22 1.39 7.26 12.51
C GLU B 22 2.41 7.37 13.60
N ASP B 23 2.33 6.45 14.44
CA ASP B 23 3.29 6.22 15.49
C ASP B 23 3.87 4.83 15.27
N PRO B 24 5.13 4.70 14.86
CA PRO B 24 5.75 3.41 14.68
C PRO B 24 6.08 2.74 16.01
N GLY B 25 6.32 1.48 15.96
CA GLY B 25 6.72 0.76 17.12
C GLY B 25 8.03 0.11 16.84
N ALA A 1 14.32 20.98 -6.61
CA ALA A 1 13.55 20.50 -5.47
C ALA A 1 14.19 19.23 -4.94
N THR A 2 14.10 19.05 -3.64
CA THR A 2 14.62 17.88 -3.00
C THR A 2 13.50 16.92 -2.66
N GLN A 3 12.54 17.40 -1.92
CA GLN A 3 11.43 16.61 -1.47
C GLN A 3 10.20 17.46 -1.62
N SER A 4 9.83 17.62 -2.88
CA SER A 4 8.78 18.39 -3.46
C SER A 4 7.40 18.52 -2.67
N PRO A 5 6.20 18.75 -3.41
CA PRO A 5 4.90 18.33 -2.92
C PRO A 5 4.90 16.88 -2.89
N GLY A 6 5.92 16.41 -3.39
CA GLY A 6 6.02 15.17 -3.48
C GLY A 6 6.70 14.45 -4.48
N ASP A 7 7.96 14.78 -4.46
CA ASP A 7 8.90 13.75 -4.41
C ASP A 7 8.55 13.13 -3.09
N SER A 8 8.33 14.02 -2.09
CA SER A 8 7.93 13.59 -0.80
C SER A 8 6.57 12.78 -0.79
N ARG A 9 5.53 13.30 -1.50
CA ARG A 9 4.23 12.66 -1.66
C ARG A 9 4.43 11.26 -2.26
N ARG A 10 5.25 11.19 -3.32
CA ARG A 10 5.57 9.91 -3.95
C ARG A 10 6.28 9.00 -3.02
N LEU A 11 7.31 9.50 -2.36
CA LEU A 11 8.06 8.76 -1.33
C LEU A 11 7.17 8.26 -0.31
N SER A 12 6.21 9.05 0.00
CA SER A 12 5.27 8.69 1.01
C SER A 12 4.34 7.56 0.50
N ILE A 13 4.21 7.43 -0.84
CA ILE A 13 3.40 6.29 -1.44
C ILE A 13 4.30 5.17 -1.55
N GLN A 14 5.50 5.48 -1.96
CA GLN A 14 6.59 4.50 -1.97
C GLN A 14 6.61 3.80 -0.66
N ARG A 15 6.59 4.55 0.38
CA ARG A 15 6.56 4.05 1.74
C ARG A 15 5.28 3.44 2.12
N ALA A 16 4.27 3.89 1.50
CA ALA A 16 2.95 3.42 1.71
C ALA A 16 2.86 2.08 1.12
N ILE A 17 3.36 1.96 -0.07
CA ILE A 17 3.50 0.74 -0.74
C ILE A 17 4.54 -0.14 -0.11
N GLN A 18 5.73 0.34 0.12
CA GLN A 18 6.80 -0.46 0.73
C GLN A 18 6.33 -0.96 2.03
N SER A 19 5.61 -0.14 2.79
CA SER A 19 5.08 -0.62 4.00
C SER A 19 4.05 -1.59 3.74
N LEU A 20 3.23 -1.29 2.81
CA LEU A 20 2.21 -2.12 2.41
C LEU A 20 2.68 -3.47 1.90
N VAL A 21 3.61 -3.42 1.00
CA VAL A 21 4.22 -4.52 0.41
C VAL A 21 4.85 -5.33 1.47
N HIS A 22 5.57 -4.68 2.29
CA HIS A 22 6.26 -5.30 3.40
C HIS A 22 5.29 -5.85 4.30
N ALA A 23 4.26 -5.21 4.48
CA ALA A 23 3.23 -5.67 5.34
C ALA A 23 2.60 -6.94 4.77
N ALA A 24 2.51 -6.96 3.53
CA ALA A 24 1.99 -8.06 2.81
C ALA A 24 2.97 -9.22 2.79
N GLN A 25 4.17 -8.84 2.49
CA GLN A 25 5.26 -9.68 2.22
C GLN A 25 6.04 -10.08 3.50
N CYS A 26 5.92 -9.28 4.52
CA CYS A 26 6.47 -9.61 5.77
C CYS A 26 5.44 -10.48 6.37
N ARG A 27 5.78 -11.62 6.86
CA ARG A 27 4.72 -12.43 7.34
C ARG A 27 5.11 -12.96 8.63
N ASN A 28 4.87 -12.10 9.51
CA ASN A 28 4.99 -12.23 10.87
C ASN A 28 3.87 -11.34 11.39
N ALA A 29 2.80 -11.84 11.94
CA ALA A 29 1.73 -10.92 12.36
C ALA A 29 2.17 -10.10 13.58
N ASN A 30 3.09 -10.66 14.32
CA ASN A 30 3.65 -10.06 15.49
C ASN A 30 5.04 -9.61 15.20
N CYS A 31 5.27 -9.23 13.93
CA CYS A 31 6.46 -8.50 13.59
C CYS A 31 6.34 -7.37 14.42
N SER A 32 7.31 -7.03 15.20
CA SER A 32 6.95 -5.95 15.80
C SER A 32 7.75 -4.90 15.16
N LEU A 33 7.20 -4.50 14.07
CA LEU A 33 7.08 -3.36 13.56
C LEU A 33 5.57 -3.15 13.56
N PRO A 34 4.98 -2.68 14.61
CA PRO A 34 3.54 -2.35 14.63
C PRO A 34 3.12 -1.37 13.61
N SER A 35 4.03 -0.65 13.04
CA SER A 35 3.65 0.04 11.90
C SER A 35 3.64 -0.90 10.65
N CYS A 36 4.45 -2.06 10.68
CA CYS A 36 4.28 -3.04 9.67
C CYS A 36 2.93 -3.61 9.87
N GLN A 37 2.67 -3.99 11.16
CA GLN A 37 1.41 -4.55 11.67
C GLN A 37 0.31 -3.84 11.19
N LYS A 38 0.38 -2.63 11.32
CA LYS A 38 -0.61 -1.82 10.94
C LYS A 38 -0.95 -1.89 9.44
N MET A 39 0.06 -1.72 8.62
CA MET A 39 -0.11 -1.71 7.16
C MET A 39 -0.62 -3.04 6.68
N LYS A 40 -0.12 -3.96 7.32
CA LYS A 40 -0.36 -5.35 7.20
C LYS A 40 -1.80 -5.58 7.52
N ARG A 41 -2.19 -5.01 8.67
CA ARG A 41 -3.55 -4.99 9.23
C ARG A 41 -4.39 -4.20 8.42
N VAL A 42 -3.79 -3.48 7.56
CA VAL A 42 -4.45 -2.68 6.72
C VAL A 42 -4.84 -3.41 5.49
N VAL A 43 -3.88 -4.14 4.92
CA VAL A 43 -4.11 -5.11 3.96
C VAL A 43 -5.16 -6.02 4.48
N GLN A 44 -4.92 -6.45 5.64
CA GLN A 44 -5.70 -7.38 6.29
C GLN A 44 -7.06 -6.77 6.73
N HIS A 45 -7.07 -5.43 7.00
CA HIS A 45 -8.31 -4.69 7.44
C HIS A 45 -9.21 -4.78 6.32
N THR A 46 -8.68 -4.31 5.27
CA THR A 46 -9.22 -4.28 3.97
C THR A 46 -9.92 -5.58 3.60
N LYS A 47 -9.27 -6.69 3.70
CA LYS A 47 -9.78 -7.89 3.11
C LYS A 47 -10.95 -8.41 3.90
N GLY A 48 -10.83 -8.36 5.22
CA GLY A 48 -11.93 -8.84 6.00
C GLY A 48 -13.00 -7.78 6.07
N CYS A 49 -12.65 -6.57 5.70
CA CYS A 49 -13.57 -5.45 5.74
C CYS A 49 -14.14 -5.25 4.42
N LYS A 50 -15.17 -5.96 3.98
CA LYS A 50 -15.49 -5.76 2.59
C LYS A 50 -16.19 -4.50 2.27
N ARG A 51 -16.32 -3.69 3.24
CA ARG A 51 -16.74 -2.40 3.00
C ARG A 51 -15.66 -1.65 2.16
N LYS A 52 -14.42 -2.30 2.00
CA LYS A 52 -13.29 -1.74 1.27
C LYS A 52 -13.70 -1.10 -0.01
N THR A 53 -14.08 -1.90 -0.96
CA THR A 53 -14.61 -1.41 -2.11
C THR A 53 -16.13 -1.28 -2.17
N ASN A 54 -16.82 -2.09 -1.32
CA ASN A 54 -18.27 -2.17 -1.36
C ASN A 54 -18.91 -0.87 -0.95
N GLY A 55 -18.46 -0.33 0.15
CA GLY A 55 -19.07 0.85 0.70
C GLY A 55 -18.21 2.07 0.64
N GLY A 56 -17.01 1.91 0.14
CA GLY A 56 -16.14 2.98 0.15
C GLY A 56 -15.58 3.13 1.49
N CYS A 57 -14.92 2.14 1.95
CA CYS A 57 -14.22 2.34 3.16
C CYS A 57 -12.84 2.53 2.67
N PRO A 58 -12.43 3.76 2.14
CA PRO A 58 -11.25 3.59 1.41
C PRO A 58 -9.96 3.65 2.21
N ILE A 59 -9.64 2.56 2.73
CA ILE A 59 -8.42 2.24 3.04
C ILE A 59 -7.89 1.43 2.00
N CYS A 60 -8.65 0.35 1.73
CA CYS A 60 -8.45 -0.64 0.65
C CYS A 60 -8.63 -0.02 -0.61
N LYS A 61 -9.32 0.98 -0.62
CA LYS A 61 -9.52 1.63 -1.80
C LYS A 61 -8.37 2.47 -2.05
N GLN A 62 -7.90 3.17 -1.04
CA GLN A 62 -6.69 3.86 -1.27
C GLN A 62 -5.47 2.95 -1.22
N LEU A 63 -5.62 1.86 -0.58
CA LEU A 63 -4.72 0.76 -0.54
C LEU A 63 -4.71 -0.02 -1.86
N ILE A 64 -5.85 -0.36 -2.43
CA ILE A 64 -5.94 -0.88 -3.82
C ILE A 64 -5.28 0.11 -4.69
N ALA A 65 -5.63 1.33 -4.50
CA ALA A 65 -5.04 2.42 -5.19
C ALA A 65 -3.53 2.37 -5.00
N LEU A 66 -3.16 2.17 -3.81
CA LEU A 66 -1.81 2.05 -3.43
C LEU A 66 -1.12 0.78 -4.04
N ALA A 67 -1.67 -0.37 -3.74
CA ALA A 67 -1.24 -1.66 -4.14
C ALA A 67 -1.30 -1.86 -5.64
N ALA A 68 -2.45 -1.64 -6.22
CA ALA A 68 -2.70 -1.78 -7.66
C ALA A 68 -1.95 -0.84 -8.48
N TYR A 69 -1.87 0.38 -8.05
CA TYR A 69 -1.17 1.31 -8.81
C TYR A 69 0.31 1.07 -8.68
N HIS A 70 0.68 0.46 -7.57
CA HIS A 70 2.04 -0.11 -7.42
C HIS A 70 2.21 -1.19 -8.45
N ALA A 71 1.31 -2.13 -8.34
CA ALA A 71 1.18 -3.32 -9.14
C ALA A 71 1.36 -3.04 -10.55
N LYS A 72 0.61 -2.08 -10.97
CA LYS A 72 0.50 -1.62 -12.30
C LYS A 72 1.89 -1.44 -12.96
N HIS A 73 2.83 -0.77 -12.26
CA HIS A 73 4.20 -0.69 -12.80
C HIS A 73 5.21 -1.48 -11.92
N CYS A 74 4.72 -2.41 -11.14
CA CYS A 74 5.62 -3.25 -10.40
C CYS A 74 5.72 -4.49 -11.20
N GLN A 75 6.71 -5.27 -11.02
CA GLN A 75 6.77 -6.44 -11.73
C GLN A 75 7.07 -7.46 -10.68
N GLU A 76 6.02 -8.00 -10.15
CA GLU A 76 6.03 -8.70 -8.93
C GLU A 76 4.85 -9.52 -8.98
N ASN A 77 5.07 -10.76 -8.92
CA ASN A 77 4.02 -11.68 -9.06
C ASN A 77 3.98 -12.49 -7.78
N LYS A 78 4.81 -12.03 -6.86
CA LYS A 78 5.12 -12.63 -5.58
C LYS A 78 3.96 -12.95 -4.68
N CYS A 79 2.86 -12.34 -4.97
CA CYS A 79 1.61 -12.60 -4.32
C CYS A 79 1.53 -12.07 -2.87
N PRO A 80 2.21 -10.95 -2.43
CA PRO A 80 2.00 -10.59 -1.11
C PRO A 80 0.90 -9.58 -0.91
N VAL A 81 0.83 -8.66 -1.78
CA VAL A 81 0.03 -7.54 -1.60
C VAL A 81 -1.34 -7.72 -2.18
N PRO A 82 -2.37 -7.17 -1.44
CA PRO A 82 -3.71 -7.07 -1.87
C PRO A 82 -3.64 -6.28 -3.11
N PHE A 83 -4.69 -6.13 -3.72
CA PHE A 83 -4.78 -6.00 -5.12
C PHE A 83 -3.66 -5.18 -5.77
N CYS A 84 -2.73 -6.00 -6.05
CA CYS A 84 -1.43 -5.93 -6.63
C CYS A 84 -1.54 -7.10 -7.53
N LEU A 85 -0.47 -7.80 -7.77
CA LEU A 85 -0.22 -8.91 -8.78
C LEU A 85 -1.40 -9.91 -9.23
N ASN A 86 -2.58 -9.52 -9.01
CA ASN A 86 -3.81 -10.14 -9.49
C ASN A 86 -4.54 -9.11 -10.41
N ILE A 87 -4.29 -7.80 -10.17
CA ILE A 87 -4.71 -6.68 -11.07
C ILE A 87 -3.96 -6.82 -12.37
N LYS A 88 -2.80 -7.30 -12.20
CA LYS A 88 -1.83 -7.54 -13.19
C LYS A 88 -1.34 -8.91 -13.01
N GLN A 89 -1.58 -9.81 -13.91
CA GLN A 89 -0.93 -11.04 -13.70
C GLN A 89 0.43 -10.90 -14.30
N LYS A 90 1.37 -10.50 -13.49
CA LYS A 90 2.74 -10.36 -13.86
C LYS A 90 3.33 -9.70 -12.65
N LEU B 1 16.42 -2.68 -3.11
CA LEU B 1 15.96 -2.71 -4.50
C LEU B 1 15.15 -1.45 -4.76
N PRO B 2 15.30 -0.82 -5.93
CA PRO B 2 14.51 0.35 -6.28
C PRO B 2 13.02 0.01 -6.39
N SER B 3 12.23 0.67 -5.59
CA SER B 3 10.80 0.51 -5.61
C SER B 3 10.13 1.83 -5.32
N GLN B 4 10.15 2.68 -6.30
CA GLN B 4 9.60 3.99 -6.21
C GLN B 4 8.18 3.98 -6.77
N ALA B 5 7.36 4.93 -6.35
CA ALA B 5 6.06 5.05 -6.80
C ALA B 5 5.96 6.34 -7.48
N MET B 6 5.43 6.32 -8.63
CA MET B 6 5.23 7.48 -9.40
C MET B 6 3.82 7.92 -9.16
N ASP B 7 3.65 9.15 -8.84
CA ASP B 7 2.36 9.68 -8.43
C ASP B 7 1.40 9.87 -9.61
N ASP B 8 1.83 9.42 -10.78
CA ASP B 8 0.98 9.37 -11.97
C ASP B 8 0.34 8.01 -12.06
N LEU B 9 0.96 7.09 -11.39
CA LEU B 9 0.55 5.71 -11.35
C LEU B 9 -0.28 5.53 -10.17
N MET B 10 0.33 5.75 -9.08
CA MET B 10 -0.23 5.57 -7.75
C MET B 10 -1.08 6.74 -7.32
N LEU B 11 -2.18 6.42 -6.60
CA LEU B 11 -3.04 7.42 -6.09
C LEU B 11 -2.38 8.11 -4.88
N SER B 12 -3.06 9.10 -4.31
CA SER B 12 -2.56 9.80 -3.16
C SER B 12 -2.34 8.82 -2.03
N PRO B 13 -1.14 8.82 -1.50
CA PRO B 13 -0.69 7.90 -0.43
C PRO B 13 -1.35 8.15 0.88
N ASP B 14 -1.98 9.28 0.92
CA ASP B 14 -2.47 9.98 2.11
C ASP B 14 -3.05 9.08 3.17
N ASP B 15 -3.79 8.09 2.78
CA ASP B 15 -4.32 7.16 3.77
C ASP B 15 -3.31 6.14 4.31
N ILE B 16 -2.68 5.40 3.42
CA ILE B 16 -1.94 4.21 3.78
C ILE B 16 -0.65 4.52 4.39
N GLU B 17 -0.21 5.63 4.09
CA GLU B 17 0.98 6.23 4.68
C GLU B 17 0.74 6.63 6.14
N GLN B 18 -0.50 6.81 6.52
CA GLN B 18 -0.81 6.97 7.92
C GLN B 18 -0.70 5.61 8.55
N TRP B 19 -0.87 4.61 7.74
CA TRP B 19 -0.85 3.32 8.27
C TRP B 19 0.60 2.86 8.33
N PHE B 20 1.35 3.28 7.34
CA PHE B 20 2.75 3.09 7.31
C PHE B 20 3.38 3.76 8.51
N THR B 21 3.07 5.03 8.73
CA THR B 21 3.56 5.67 9.78
C THR B 21 2.61 6.78 10.31
N GLU B 22 1.85 6.38 11.24
CA GLU B 22 1.35 7.23 12.21
C GLU B 22 1.59 6.39 13.43
N ASP B 23 2.14 6.96 14.45
CA ASP B 23 2.68 6.17 15.56
C ASP B 23 1.63 5.28 16.25
N PRO B 24 1.83 3.96 16.15
CA PRO B 24 0.89 2.95 16.67
C PRO B 24 1.06 2.65 18.17
N GLY B 25 1.39 3.64 18.93
CA GLY B 25 1.54 3.46 20.35
C GLY B 25 0.54 4.28 21.10
N ALA A 1 8.31 17.04 -14.53
CA ALA A 1 8.20 17.12 -13.07
C ALA A 1 8.25 15.72 -12.53
N THR A 2 8.84 15.53 -11.36
CA THR A 2 8.95 14.20 -10.85
C THR A 2 8.82 14.11 -9.30
N GLN A 3 9.49 15.00 -8.56
CA GLN A 3 9.71 14.75 -7.19
C GLN A 3 9.64 16.05 -6.44
N SER A 4 8.59 16.84 -6.70
CA SER A 4 8.50 18.13 -6.00
C SER A 4 7.30 18.37 -5.08
N PRO A 5 6.01 18.26 -5.41
CA PRO A 5 4.98 18.30 -4.34
C PRO A 5 5.08 16.90 -3.84
N GLY A 6 5.52 16.14 -4.84
CA GLY A 6 5.78 14.79 -4.93
C GLY A 6 7.01 14.09 -4.47
N ASP A 7 8.23 14.53 -4.03
CA ASP A 7 9.13 13.48 -3.70
C ASP A 7 8.59 13.06 -2.37
N SER A 8 8.25 14.02 -1.58
CA SER A 8 7.76 13.65 -0.35
C SER A 8 6.29 13.02 -0.47
N ARG A 9 5.40 13.47 -1.44
CA ARG A 9 4.15 12.80 -1.64
C ARG A 9 4.36 11.41 -2.28
N ARG A 10 5.16 11.34 -3.36
CA ARG A 10 5.39 10.07 -4.07
C ARG A 10 6.11 9.11 -3.21
N LEU A 11 7.13 9.57 -2.53
CA LEU A 11 7.90 8.76 -1.66
C LEU A 11 7.14 8.33 -0.52
N SER A 12 6.21 9.14 -0.12
CA SER A 12 5.33 8.78 0.97
C SER A 12 4.47 7.56 0.56
N ILE A 13 3.96 7.57 -0.67
CA ILE A 13 3.19 6.43 -1.19
C ILE A 13 4.03 5.29 -1.66
N GLN A 14 5.15 5.57 -2.19
CA GLN A 14 6.16 4.57 -2.43
C GLN A 14 6.37 3.82 -1.11
N ARG A 15 6.48 4.56 -0.03
CA ARG A 15 6.59 4.00 1.33
C ARG A 15 5.37 3.34 1.77
N ALA A 16 4.30 3.83 1.32
CA ALA A 16 3.01 3.34 1.59
C ALA A 16 2.91 2.02 0.97
N ILE A 17 3.38 1.93 -0.24
CA ILE A 17 3.56 0.69 -0.89
C ILE A 17 4.63 -0.15 -0.25
N GLN A 18 5.84 0.36 -0.05
CA GLN A 18 6.92 -0.41 0.55
C GLN A 18 6.51 -0.93 1.86
N SER A 19 5.78 -0.13 2.60
CA SER A 19 5.26 -0.60 3.82
C SER A 19 4.24 -1.59 3.57
N LEU A 20 3.42 -1.34 2.62
CA LEU A 20 2.40 -2.19 2.26
C LEU A 20 2.91 -3.54 1.76
N VAL A 21 3.87 -3.48 0.89
CA VAL A 21 4.52 -4.57 0.33
C VAL A 21 5.18 -5.36 1.40
N HIS A 22 5.83 -4.68 2.24
CA HIS A 22 6.54 -5.26 3.35
C HIS A 22 5.58 -5.86 4.24
N ALA A 23 4.55 -5.19 4.50
CA ALA A 23 3.51 -5.64 5.36
C ALA A 23 2.87 -6.90 4.81
N ALA A 24 2.83 -6.95 3.56
CA ALA A 24 2.31 -8.04 2.83
C ALA A 24 3.24 -9.21 2.89
N GLN A 25 4.47 -8.89 2.60
CA GLN A 25 5.51 -9.83 2.42
C GLN A 25 6.09 -10.27 3.75
N CYS A 26 5.99 -9.42 4.71
CA CYS A 26 6.41 -9.67 6.02
C CYS A 26 5.28 -10.44 6.60
N ARG A 27 5.49 -11.57 7.17
CA ARG A 27 4.37 -12.24 7.69
C ARG A 27 4.67 -12.76 9.03
N ASN A 28 4.48 -11.83 9.86
CA ASN A 28 4.62 -11.91 11.23
C ASN A 28 3.54 -10.95 11.74
N ALA A 29 2.48 -11.41 12.35
CA ALA A 29 1.45 -10.45 12.77
C ALA A 29 1.86 -9.67 14.00
N ASN A 30 2.92 -10.13 14.62
CA ASN A 30 3.49 -9.53 15.79
C ASN A 30 4.92 -9.21 15.54
N CYS A 31 5.20 -8.78 14.33
CA CYS A 31 6.46 -8.12 14.09
C CYS A 31 6.33 -6.94 14.89
N SER A 32 7.30 -6.52 15.65
CA SER A 32 6.90 -5.36 16.17
C SER A 32 7.68 -4.36 15.45
N LEU A 33 7.17 -4.08 14.31
CA LEU A 33 7.07 -2.98 13.68
C LEU A 33 5.55 -2.77 13.59
N PRO A 34 4.91 -2.21 14.55
CA PRO A 34 3.46 -1.89 14.48
C PRO A 34 3.07 -1.00 13.36
N SER A 35 4.00 -0.32 12.79
CA SER A 35 3.67 0.28 11.58
C SER A 35 3.71 -0.77 10.41
N CYS A 36 4.54 -1.91 10.57
CA CYS A 36 4.43 -2.97 9.63
C CYS A 36 3.05 -3.53 9.84
N GLN A 37 2.77 -3.80 11.15
CA GLN A 37 1.51 -4.33 11.68
C GLN A 37 0.41 -3.71 11.12
N LYS A 38 0.40 -2.49 11.20
CA LYS A 38 -0.62 -1.79 10.73
C LYS A 38 -0.88 -1.97 9.24
N MET A 39 0.12 -1.72 8.45
CA MET A 39 0.00 -1.74 6.98
C MET A 39 -0.51 -3.06 6.52
N LYS A 40 0.03 -3.97 7.17
CA LYS A 40 -0.20 -5.35 7.10
C LYS A 40 -1.65 -5.61 7.40
N ARG A 41 -2.09 -5.05 8.53
CA ARG A 41 -3.48 -5.08 9.09
C ARG A 41 -4.36 -4.29 8.30
N VAL A 42 -3.77 -3.53 7.47
CA VAL A 42 -4.38 -2.71 6.59
C VAL A 42 -4.66 -3.46 5.29
N VAL A 43 -3.64 -4.19 4.79
CA VAL A 43 -3.79 -5.20 3.80
C VAL A 43 -4.84 -6.13 4.27
N GLN A 44 -4.67 -6.51 5.44
CA GLN A 44 -5.49 -7.43 6.06
C GLN A 44 -6.86 -6.80 6.41
N HIS A 45 -6.88 -5.44 6.54
CA HIS A 45 -8.12 -4.72 6.87
C HIS A 45 -8.97 -4.73 5.73
N THR A 46 -8.42 -4.28 4.67
CA THR A 46 -9.10 -4.21 3.44
C THR A 46 -9.70 -5.57 3.12
N LYS A 47 -8.89 -6.56 3.06
CA LYS A 47 -9.28 -7.85 2.56
C LYS A 47 -10.36 -8.51 3.36
N GLY A 48 -10.33 -8.35 4.66
CA GLY A 48 -11.38 -8.90 5.44
C GLY A 48 -12.59 -7.99 5.40
N CYS A 49 -12.38 -6.78 4.92
CA CYS A 49 -13.41 -5.77 4.88
C CYS A 49 -14.09 -5.68 3.53
N LYS A 50 -15.15 -6.49 3.29
CA LYS A 50 -15.83 -6.55 2.01
C LYS A 50 -16.44 -5.23 1.60
N ARG A 51 -16.43 -4.25 2.57
CA ARG A 51 -16.84 -2.95 2.49
C ARG A 51 -15.81 -2.09 1.79
N LYS A 52 -14.65 -2.73 1.45
CA LYS A 52 -13.53 -2.06 0.90
C LYS A 52 -13.93 -1.06 -0.14
N THR A 53 -14.34 -1.56 -1.25
CA THR A 53 -14.89 -0.82 -2.18
C THR A 53 -16.41 -0.77 -2.11
N ASN A 54 -17.07 -1.83 -1.51
CA ASN A 54 -18.53 -1.89 -1.56
C ASN A 54 -19.16 -0.72 -0.80
N GLY A 55 -18.58 -0.37 0.32
CA GLY A 55 -19.12 0.72 1.08
C GLY A 55 -18.30 1.98 0.93
N GLY A 56 -17.09 1.86 0.40
CA GLY A 56 -16.22 2.96 0.34
C GLY A 56 -15.59 3.15 1.63
N CYS A 57 -14.96 2.14 2.13
CA CYS A 57 -14.31 2.31 3.39
C CYS A 57 -12.82 2.45 3.11
N PRO A 58 -12.29 3.60 2.54
CA PRO A 58 -10.97 3.40 2.05
C PRO A 58 -9.73 3.61 2.88
N ILE A 59 -9.41 2.57 3.46
CA ILE A 59 -8.19 2.17 3.56
C ILE A 59 -8.05 1.35 2.38
N CYS A 60 -8.98 0.45 2.29
CA CYS A 60 -9.21 -0.45 1.22
C CYS A 60 -9.08 0.14 -0.14
N LYS A 61 -9.99 1.00 -0.58
CA LYS A 61 -9.79 1.84 -1.67
C LYS A 61 -8.47 2.46 -1.70
N GLN A 62 -8.02 3.19 -0.63
CA GLN A 62 -6.79 3.87 -0.89
C GLN A 62 -5.55 2.98 -0.91
N LEU A 63 -5.65 1.92 -0.22
CA LEU A 63 -4.76 0.78 -0.27
C LEU A 63 -4.86 0.03 -1.59
N ILE A 64 -6.04 -0.28 -2.09
CA ILE A 64 -6.23 -0.82 -3.46
C ILE A 64 -5.57 0.11 -4.41
N ALA A 65 -5.88 1.35 -4.26
CA ALA A 65 -5.34 2.42 -5.01
C ALA A 65 -3.83 2.32 -4.96
N LEU A 66 -3.37 2.20 -3.75
CA LEU A 66 -2.02 2.05 -3.39
C LEU A 66 -1.37 0.76 -3.99
N ALA A 67 -1.89 -0.39 -3.59
CA ALA A 67 -1.49 -1.67 -4.01
C ALA A 67 -1.50 -1.76 -5.51
N ALA A 68 -2.59 -1.34 -6.09
CA ALA A 68 -2.78 -1.43 -7.48
C ALA A 68 -1.94 -0.51 -8.29
N TYR A 69 -1.62 0.70 -7.84
CA TYR A 69 -0.76 1.51 -8.67
C TYR A 69 0.62 0.95 -8.59
N HIS A 70 0.91 0.31 -7.45
CA HIS A 70 2.16 -0.43 -7.29
C HIS A 70 2.21 -1.46 -8.33
N ALA A 71 1.20 -2.29 -8.30
CA ALA A 71 1.00 -3.38 -9.19
C ALA A 71 1.19 -2.96 -10.58
N LYS A 72 0.43 -2.00 -10.88
CA LYS A 72 0.30 -1.47 -12.18
C LYS A 72 1.68 -1.17 -12.84
N HIS A 73 2.58 -0.54 -12.06
CA HIS A 73 3.96 -0.28 -12.56
C HIS A 73 5.01 -1.38 -12.12
N CYS A 74 4.79 -2.09 -11.01
CA CYS A 74 5.73 -3.11 -10.57
C CYS A 74 5.38 -4.42 -11.29
N GLN A 75 6.13 -4.88 -12.29
CA GLN A 75 5.89 -6.24 -12.75
C GLN A 75 6.50 -7.19 -11.74
N GLU A 76 5.73 -7.60 -10.77
CA GLU A 76 6.18 -8.48 -9.77
C GLU A 76 5.07 -9.37 -9.43
N ASN A 77 5.36 -10.63 -9.38
CA ASN A 77 4.36 -11.59 -9.22
C ASN A 77 4.57 -12.38 -7.92
N LYS A 78 5.57 -11.93 -7.14
CA LYS A 78 6.03 -12.53 -5.85
C LYS A 78 5.00 -12.74 -4.72
N CYS A 79 3.77 -12.52 -5.03
CA CYS A 79 2.63 -12.90 -4.22
C CYS A 79 2.41 -12.25 -2.82
N PRO A 80 2.91 -11.03 -2.44
CA PRO A 80 2.63 -10.62 -1.14
C PRO A 80 1.44 -9.66 -0.96
N VAL A 81 1.28 -8.77 -1.86
CA VAL A 81 0.40 -7.65 -1.66
C VAL A 81 -0.94 -7.82 -2.36
N PRO A 82 -2.03 -7.26 -1.69
CA PRO A 82 -3.32 -7.08 -2.28
C PRO A 82 -3.08 -6.26 -3.50
N PHE A 83 -4.06 -6.04 -4.21
CA PHE A 83 -3.96 -5.95 -5.64
C PHE A 83 -2.75 -5.24 -6.22
N CYS A 84 -1.86 -6.12 -6.35
CA CYS A 84 -0.54 -6.19 -6.80
C CYS A 84 -0.70 -7.38 -7.62
N LEU A 85 0.26 -8.19 -7.77
CA LEU A 85 0.20 -9.47 -8.58
C LEU A 85 -1.18 -10.37 -8.52
N ASN A 86 -2.23 -9.80 -8.08
CA ASN A 86 -3.56 -10.36 -8.08
C ASN A 86 -4.42 -9.50 -9.06
N ILE A 87 -4.06 -8.19 -9.21
CA ILE A 87 -4.74 -7.27 -10.15
C ILE A 87 -4.28 -7.70 -11.55
N LYS A 88 -3.05 -8.12 -11.57
CA LYS A 88 -2.33 -8.65 -12.68
C LYS A 88 -1.66 -9.90 -12.24
N GLN A 89 -1.93 -11.04 -12.77
CA GLN A 89 -1.09 -12.10 -12.37
C GLN A 89 0.12 -12.11 -13.27
N LYS A 90 1.16 -11.41 -12.84
CA LYS A 90 2.41 -11.29 -13.52
C LYS A 90 3.16 -10.20 -12.80
N LEU B 1 14.18 8.94 -5.72
CA LEU B 1 14.03 7.50 -5.56
C LEU B 1 13.38 6.91 -6.81
N PRO B 2 14.03 5.93 -7.47
CA PRO B 2 13.47 5.27 -8.62
C PRO B 2 12.55 4.12 -8.17
N SER B 3 12.06 3.32 -9.15
CA SER B 3 11.17 2.17 -8.91
C SER B 3 9.85 2.66 -8.30
N GLN B 4 9.52 3.88 -8.64
CA GLN B 4 8.35 4.56 -8.16
C GLN B 4 7.19 4.10 -8.98
N ALA B 5 6.15 3.65 -8.32
CA ALA B 5 4.99 3.27 -9.06
C ALA B 5 4.28 4.54 -9.50
N MET B 6 3.57 4.50 -10.59
CA MET B 6 3.00 5.71 -11.18
C MET B 6 1.89 6.31 -10.36
N ASP B 7 2.11 7.54 -9.95
CA ASP B 7 1.19 8.30 -9.09
C ASP B 7 -0.03 8.79 -9.88
N ASP B 8 -0.10 8.39 -11.10
CA ASP B 8 -1.20 8.79 -11.98
C ASP B 8 -2.30 7.77 -11.86
N LEU B 9 -1.93 6.63 -11.33
CA LEU B 9 -2.79 5.46 -11.28
C LEU B 9 -3.25 5.24 -9.87
N MET B 10 -3.28 6.28 -9.12
CA MET B 10 -3.56 6.15 -7.68
C MET B 10 -4.58 7.13 -7.12
N LEU B 11 -5.33 6.65 -6.12
CA LEU B 11 -6.17 7.53 -5.25
C LEU B 11 -5.26 8.24 -4.26
N SER B 12 -5.81 9.26 -3.57
CA SER B 12 -5.06 10.10 -2.64
C SER B 12 -4.08 9.34 -1.73
N PRO B 13 -2.77 9.65 -1.89
CA PRO B 13 -1.64 8.95 -1.23
C PRO B 13 -1.65 9.05 0.27
N ASP B 14 -2.20 10.13 0.69
CA ASP B 14 -2.22 10.61 2.08
C ASP B 14 -2.73 9.57 3.09
N ASP B 15 -3.48 8.64 2.63
CA ASP B 15 -4.03 7.63 3.50
C ASP B 15 -3.13 6.52 3.99
N ILE B 16 -2.45 5.80 3.10
CA ILE B 16 -1.79 4.58 3.45
C ILE B 16 -0.54 4.81 4.19
N GLU B 17 -0.05 5.89 3.94
CA GLU B 17 1.06 6.50 4.67
C GLU B 17 0.78 6.62 6.18
N GLN B 18 -0.47 6.80 6.57
CA GLN B 18 -0.77 6.84 7.99
C GLN B 18 -0.58 5.44 8.51
N TRP B 19 -0.79 4.52 7.61
CA TRP B 19 -0.84 3.17 7.98
C TRP B 19 0.56 2.60 7.88
N PHE B 20 1.33 3.16 6.97
CA PHE B 20 2.72 2.92 6.83
C PHE B 20 3.42 3.30 8.10
N THR B 21 3.17 4.51 8.58
CA THR B 21 3.70 4.90 9.82
C THR B 21 2.89 6.00 10.54
N GLU B 22 2.05 5.61 11.39
CA GLU B 22 1.58 6.56 12.36
C GLU B 22 2.40 6.22 13.60
N ASP B 23 2.50 7.10 14.54
CA ASP B 23 3.17 6.75 15.78
C ASP B 23 2.16 6.08 16.70
N PRO B 24 2.27 4.77 16.91
CA PRO B 24 1.31 4.03 17.67
C PRO B 24 1.66 3.93 19.16
N GLY B 25 0.65 3.67 19.92
CA GLY B 25 0.79 3.50 21.32
C GLY B 25 -0.28 2.59 21.80
#